data_2RU5
#
_entry.id   2RU5
#
_entity_poly.entity_id   1
_entity_poly.type   'polypeptide(L)'
_entity_poly.pdbx_seq_one_letter_code
;GNEQIQAVIDAGALPALVQLLSSPNEQILQEALWALSNIASGGNEQKQAVKEAGALEKLEQLQSHENEKIQKEAQEALEK
LQSH
;
_entity_poly.pdbx_strand_id   B
#
# COMPACT_ATOMS: atom_id res chain seq x y z
N GLY A 1 -12.51 -12.57 4.66
CA GLY A 1 -11.70 -11.42 5.07
C GLY A 1 -12.52 -10.17 5.05
N ASN A 2 -11.95 -9.08 5.49
CA ASN A 2 -12.67 -7.81 5.53
C ASN A 2 -12.40 -7.01 4.30
N GLU A 3 -13.42 -6.35 3.83
CA GLU A 3 -13.33 -5.56 2.63
C GLU A 3 -12.89 -4.14 2.95
N GLN A 4 -12.81 -3.32 1.91
CA GLN A 4 -12.52 -1.91 2.07
C GLN A 4 -13.68 -1.26 2.79
N ILE A 5 -13.47 -0.84 4.01
CA ILE A 5 -14.52 -0.20 4.75
C ILE A 5 -14.49 1.29 4.52
N GLN A 6 -15.65 1.89 4.47
CA GLN A 6 -15.76 3.31 4.28
C GLN A 6 -15.75 4.02 5.62
N ALA A 7 -14.58 4.10 6.22
CA ALA A 7 -14.46 4.73 7.51
C ALA A 7 -14.17 6.20 7.36
N VAL A 8 -13.04 6.53 6.78
CA VAL A 8 -12.65 7.90 6.60
C VAL A 8 -11.83 8.02 5.31
N ILE A 9 -11.98 9.12 4.61
CA ILE A 9 -11.22 9.33 3.41
C ILE A 9 -9.97 10.14 3.73
N ASP A 10 -8.87 9.79 3.11
CA ASP A 10 -7.61 10.45 3.34
C ASP A 10 -6.86 10.43 2.03
N ALA A 11 -5.60 10.71 2.05
CA ALA A 11 -4.80 10.72 0.85
C ALA A 11 -3.58 9.86 1.06
N GLY A 12 -2.67 10.35 1.88
CA GLY A 12 -1.47 9.61 2.18
C GLY A 12 -0.24 10.44 1.88
N ALA A 13 0.80 10.24 2.66
CA ALA A 13 2.05 10.97 2.49
C ALA A 13 3.19 10.21 3.15
N LEU A 14 4.39 10.30 2.55
CA LEU A 14 5.63 9.69 3.11
C LEU A 14 5.52 8.13 3.08
N PRO A 15 6.54 7.34 3.59
CA PRO A 15 6.44 5.88 3.68
C PRO A 15 5.20 5.40 4.41
N ALA A 16 4.55 6.26 5.16
CA ALA A 16 3.34 5.91 5.88
C ALA A 16 2.24 5.45 4.92
N LEU A 17 2.30 5.90 3.66
CA LEU A 17 1.32 5.46 2.68
C LEU A 17 1.60 4.00 2.26
N VAL A 18 2.86 3.63 2.26
CA VAL A 18 3.26 2.29 1.88
C VAL A 18 3.18 1.31 3.03
N GLN A 19 3.46 1.80 4.22
CA GLN A 19 3.66 0.96 5.41
C GLN A 19 2.59 -0.10 5.68
N LEU A 20 1.38 0.20 5.31
CA LEU A 20 0.26 -0.70 5.54
C LEU A 20 0.31 -1.91 4.62
N LEU A 21 1.15 -1.86 3.61
CA LEU A 21 1.35 -2.95 2.70
C LEU A 21 2.05 -4.09 3.42
N SER A 22 2.94 -3.75 4.31
CA SER A 22 3.69 -4.75 5.02
C SER A 22 3.02 -5.15 6.33
N SER A 23 1.76 -4.83 6.47
CA SER A 23 1.02 -5.14 7.61
C SER A 23 0.86 -6.69 7.75
N PRO A 24 0.85 -7.22 9.00
CA PRO A 24 0.57 -8.67 9.26
C PRO A 24 -0.93 -8.90 9.06
N ASN A 25 -1.62 -7.84 9.37
CA ASN A 25 -2.96 -7.69 9.42
C ASN A 25 -3.48 -7.24 8.09
N GLU A 26 -3.67 -8.22 7.24
CA GLU A 26 -4.17 -8.07 5.88
C GLU A 26 -5.54 -7.45 5.89
N GLN A 27 -6.26 -7.71 6.95
CA GLN A 27 -7.59 -7.18 7.13
C GLN A 27 -7.50 -5.68 7.33
N ILE A 28 -6.67 -5.24 8.28
CA ILE A 28 -6.59 -3.80 8.55
C ILE A 28 -5.92 -3.09 7.40
N LEU A 29 -5.03 -3.83 6.70
CA LEU A 29 -4.43 -3.34 5.46
C LEU A 29 -5.56 -2.86 4.56
N GLN A 30 -6.52 -3.78 4.32
CA GLN A 30 -7.68 -3.54 3.49
C GLN A 30 -8.57 -2.42 4.00
N GLU A 31 -8.70 -2.34 5.30
CA GLU A 31 -9.52 -1.29 5.94
C GLU A 31 -8.97 0.10 5.62
N ALA A 32 -7.71 0.32 5.94
CA ALA A 32 -7.07 1.62 5.77
C ALA A 32 -6.74 1.90 4.32
N LEU A 33 -6.64 0.83 3.55
CA LEU A 33 -6.33 0.87 2.12
C LEU A 33 -7.29 1.78 1.42
N TRP A 34 -8.52 1.73 1.84
CA TRP A 34 -9.58 2.54 1.25
C TRP A 34 -9.19 4.04 1.21
N ALA A 35 -8.57 4.50 2.26
CA ALA A 35 -8.17 5.86 2.36
C ALA A 35 -6.80 6.08 1.70
N LEU A 36 -5.94 5.13 1.87
CA LEU A 36 -4.54 5.21 1.41
C LEU A 36 -4.33 4.92 -0.08
N SER A 37 -5.11 4.03 -0.63
CA SER A 37 -4.96 3.57 -2.00
C SER A 37 -5.15 4.70 -3.03
N ASN A 38 -5.82 5.77 -2.61
CA ASN A 38 -6.08 6.94 -3.47
C ASN A 38 -4.77 7.53 -4.03
N ILE A 39 -3.66 7.25 -3.34
CA ILE A 39 -2.30 7.60 -3.81
C ILE A 39 -2.07 7.09 -5.25
N ALA A 40 -2.54 5.90 -5.49
CA ALA A 40 -2.35 5.26 -6.77
C ALA A 40 -3.18 5.92 -7.89
N SER A 41 -4.16 6.71 -7.49
CA SER A 41 -5.01 7.40 -8.43
C SER A 41 -4.35 8.70 -8.91
N GLY A 42 -3.36 9.16 -8.18
CA GLY A 42 -2.65 10.36 -8.57
C GLY A 42 -1.34 9.98 -9.20
N GLY A 43 -1.30 9.97 -10.54
CA GLY A 43 -0.13 9.52 -11.28
C GLY A 43 1.13 10.28 -10.91
N ASN A 44 1.06 11.57 -10.92
CA ASN A 44 2.17 12.41 -10.52
C ASN A 44 2.06 12.66 -9.05
N GLU A 45 3.17 12.94 -8.40
CA GLU A 45 3.25 13.26 -6.95
C GLU A 45 2.97 12.02 -6.07
N GLN A 46 1.78 11.49 -6.17
CA GLN A 46 1.37 10.39 -5.33
C GLN A 46 1.95 9.05 -5.80
N LYS A 47 1.63 8.65 -7.02
CA LYS A 47 2.04 7.35 -7.58
C LYS A 47 3.57 7.21 -7.70
N GLN A 48 4.28 8.33 -7.72
CA GLN A 48 5.74 8.31 -7.84
C GLN A 48 6.40 8.02 -6.49
N ALA A 49 5.66 8.26 -5.43
CA ALA A 49 6.15 8.15 -4.06
C ALA A 49 6.50 6.75 -3.72
N VAL A 50 5.60 5.89 -4.09
CA VAL A 50 5.55 4.49 -3.69
C VAL A 50 6.88 3.73 -3.91
N LYS A 51 7.59 4.06 -4.96
CA LYS A 51 8.83 3.38 -5.30
C LYS A 51 9.87 3.71 -4.24
N GLU A 52 10.02 5.00 -4.02
CA GLU A 52 10.92 5.59 -3.09
C GLU A 52 10.50 5.25 -1.66
N ALA A 53 9.19 5.23 -1.43
CA ALA A 53 8.59 4.90 -0.15
C ALA A 53 8.89 3.47 0.26
N GLY A 54 9.15 2.62 -0.71
CA GLY A 54 9.50 1.27 -0.42
C GLY A 54 8.38 0.30 -0.70
N ALA A 55 7.65 0.52 -1.78
CA ALA A 55 6.54 -0.36 -2.16
C ALA A 55 7.01 -1.71 -2.60
N LEU A 56 8.19 -1.78 -3.20
CA LEU A 56 8.75 -3.06 -3.62
C LEU A 56 9.20 -3.83 -2.40
N GLU A 57 9.70 -3.10 -1.44
CA GLU A 57 10.13 -3.63 -0.18
C GLU A 57 8.90 -4.13 0.60
N LYS A 58 7.91 -3.27 0.68
CA LYS A 58 6.67 -3.51 1.37
C LYS A 58 5.88 -4.69 0.79
N LEU A 59 5.95 -4.82 -0.52
CA LEU A 59 5.24 -5.83 -1.27
C LEU A 59 5.54 -7.26 -0.80
N GLU A 60 6.83 -7.55 -0.58
CA GLU A 60 7.29 -8.85 -0.27
C GLU A 60 6.63 -9.50 0.96
N GLN A 61 6.36 -8.70 1.98
CA GLN A 61 5.72 -9.18 3.21
C GLN A 61 4.32 -9.66 2.91
N LEU A 62 3.66 -8.87 2.15
CA LEU A 62 2.27 -9.06 1.80
C LEU A 62 2.11 -10.14 0.74
N GLN A 63 3.15 -10.38 0.00
CA GLN A 63 3.16 -11.48 -0.97
C GLN A 63 2.99 -12.86 -0.28
N SER A 64 3.20 -12.89 1.03
CA SER A 64 3.03 -14.10 1.83
C SER A 64 1.60 -14.14 2.43
N HIS A 65 0.72 -13.39 1.80
CA HIS A 65 -0.71 -13.20 2.16
C HIS A 65 -1.47 -14.52 2.46
N GLU A 66 -2.48 -14.40 3.29
CA GLU A 66 -3.37 -15.48 3.62
C GLU A 66 -4.74 -15.22 2.97
N ASN A 67 -4.99 -13.95 2.65
CA ASN A 67 -6.25 -13.49 2.03
C ASN A 67 -6.08 -13.36 0.57
N GLU A 68 -7.10 -13.75 -0.07
CA GLU A 68 -7.20 -13.83 -1.44
C GLU A 68 -7.39 -12.44 -2.13
N LYS A 69 -8.17 -11.53 -1.51
CA LYS A 69 -8.39 -10.17 -2.07
C LYS A 69 -7.09 -9.42 -2.11
N ILE A 70 -6.28 -9.73 -1.13
CA ILE A 70 -4.98 -9.16 -0.91
C ILE A 70 -4.09 -9.17 -2.19
N GLN A 71 -4.31 -10.12 -3.08
CA GLN A 71 -3.58 -10.17 -4.35
C GLN A 71 -3.81 -8.93 -5.21
N LYS A 72 -5.00 -8.37 -5.17
CA LYS A 72 -5.30 -7.20 -5.97
C LYS A 72 -4.71 -5.99 -5.24
N GLU A 73 -4.71 -6.07 -3.93
CA GLU A 73 -4.25 -5.00 -3.09
C GLU A 73 -2.72 -4.84 -3.27
N ALA A 74 -2.04 -5.98 -3.37
CA ALA A 74 -0.60 -6.04 -3.61
C ALA A 74 -0.26 -5.50 -4.98
N GLN A 75 -0.88 -6.09 -5.99
CA GLN A 75 -0.59 -5.77 -7.37
C GLN A 75 -0.99 -4.36 -7.74
N GLU A 76 -1.89 -3.77 -6.97
CA GLU A 76 -2.34 -2.38 -7.17
C GLU A 76 -1.16 -1.42 -7.33
N ALA A 77 -0.24 -1.47 -6.38
CA ALA A 77 0.93 -0.57 -6.40
C ALA A 77 1.98 -1.09 -7.35
N LEU A 78 2.08 -2.41 -7.45
CA LEU A 78 3.05 -3.12 -8.29
C LEU A 78 2.99 -2.57 -9.70
N GLU A 79 1.82 -2.70 -10.22
CA GLU A 79 1.38 -2.32 -11.45
C GLU A 79 1.75 -0.89 -11.78
N LYS A 80 1.26 -0.05 -10.97
CA LYS A 80 1.33 1.33 -11.12
C LYS A 80 2.69 1.97 -10.84
N LEU A 81 3.56 1.32 -10.11
CA LEU A 81 4.82 1.86 -9.90
C LEU A 81 5.74 1.46 -11.02
N GLN A 82 5.54 0.25 -11.54
CA GLN A 82 6.35 -0.25 -12.61
C GLN A 82 6.11 0.54 -13.86
N SER A 83 7.11 0.68 -14.68
CA SER A 83 6.95 1.39 -15.91
C SER A 83 6.38 0.43 -16.95
N HIS A 84 5.32 0.87 -17.61
CA HIS A 84 4.63 0.06 -18.58
C HIS A 84 3.78 0.98 -19.45
N GLY A 1 13.68 -7.52 -0.32
CA GLY A 1 14.22 -8.82 0.07
C GLY A 1 15.27 -8.67 1.13
N ASN A 2 14.99 -7.86 2.11
CA ASN A 2 15.89 -7.65 3.22
C ASN A 2 15.06 -7.74 4.47
N GLU A 3 15.66 -8.01 5.60
CA GLU A 3 14.91 -8.17 6.83
C GLU A 3 14.47 -6.85 7.46
N GLN A 4 13.57 -6.21 6.77
CA GLN A 4 12.97 -4.98 7.17
C GLN A 4 11.50 -5.06 6.88
N ILE A 5 10.71 -4.89 7.88
CA ILE A 5 9.29 -4.93 7.72
C ILE A 5 8.67 -3.69 8.37
N GLN A 6 8.32 -2.74 7.56
CA GLN A 6 7.75 -1.52 8.05
C GLN A 6 6.24 -1.68 8.04
N ALA A 7 5.74 -2.28 9.09
CA ALA A 7 4.35 -2.67 9.20
C ALA A 7 3.49 -1.56 9.77
N VAL A 8 4.11 -0.48 10.19
CA VAL A 8 3.36 0.65 10.70
C VAL A 8 2.74 1.45 9.56
N ILE A 9 1.53 1.89 9.80
CA ILE A 9 0.79 2.66 8.83
C ILE A 9 1.08 4.12 9.06
N ASP A 10 1.16 4.88 8.00
CA ASP A 10 1.44 6.27 8.07
C ASP A 10 0.36 7.00 7.32
N ALA A 11 0.16 8.27 7.58
CA ALA A 11 -0.82 9.05 6.87
C ALA A 11 -0.39 10.50 6.83
N GLY A 12 -0.39 11.08 5.66
CA GLY A 12 -0.03 12.47 5.54
C GLY A 12 1.20 12.68 4.71
N ALA A 13 1.93 11.61 4.48
CA ALA A 13 3.14 11.67 3.69
C ALA A 13 3.03 10.75 2.48
N LEU A 14 4.02 10.80 1.62
CA LEU A 14 4.08 9.98 0.41
C LEU A 14 4.14 8.44 0.72
N PRO A 15 5.08 7.95 1.60
CA PRO A 15 5.18 6.50 1.94
C PRO A 15 3.90 5.91 2.49
N ALA A 16 3.01 6.76 2.95
CA ALA A 16 1.77 6.34 3.60
C ALA A 16 0.98 5.31 2.81
N LEU A 17 0.99 5.43 1.49
CA LEU A 17 0.23 4.53 0.65
C LEU A 17 0.94 3.16 0.60
N VAL A 18 2.26 3.15 0.78
CA VAL A 18 3.04 1.93 0.77
C VAL A 18 3.03 1.26 2.13
N GLN A 19 2.87 2.07 3.14
CA GLN A 19 3.03 1.63 4.52
C GLN A 19 2.18 0.42 4.90
N LEU A 20 0.96 0.45 4.46
CA LEU A 20 0.04 -0.61 4.75
C LEU A 20 0.33 -1.87 3.92
N LEU A 21 1.18 -1.75 2.92
CA LEU A 21 1.54 -2.84 2.07
C LEU A 21 2.47 -3.82 2.79
N SER A 22 3.03 -3.39 3.90
CA SER A 22 3.90 -4.24 4.66
C SER A 22 3.26 -4.51 6.04
N SER A 23 1.96 -4.37 6.09
CA SER A 23 1.13 -4.51 7.28
C SER A 23 1.32 -5.82 8.06
N PRO A 24 0.88 -5.81 9.35
CA PRO A 24 0.90 -7.00 10.23
C PRO A 24 -0.17 -7.97 9.77
N ASN A 25 -1.24 -7.37 9.33
CA ASN A 25 -2.47 -7.96 9.11
C ASN A 25 -2.94 -7.55 7.75
N GLU A 26 -3.34 -8.51 6.97
CA GLU A 26 -3.89 -8.27 5.65
C GLU A 26 -5.22 -7.51 5.80
N GLN A 27 -5.88 -7.77 6.91
CA GLN A 27 -7.16 -7.19 7.25
C GLN A 27 -7.05 -5.70 7.50
N ILE A 28 -6.08 -5.33 8.30
CA ILE A 28 -5.92 -3.94 8.71
C ILE A 28 -5.49 -3.08 7.52
N LEU A 29 -4.85 -3.75 6.57
CA LEU A 29 -4.45 -3.17 5.31
C LEU A 29 -5.69 -2.76 4.55
N GLN A 30 -6.62 -3.68 4.42
CA GLN A 30 -7.86 -3.45 3.70
C GLN A 30 -8.72 -2.40 4.38
N GLU A 31 -8.67 -2.37 5.70
CA GLU A 31 -9.36 -1.35 6.48
C GLU A 31 -8.82 0.04 6.15
N ALA A 32 -7.51 0.19 6.25
CA ALA A 32 -6.87 1.47 6.00
C ALA A 32 -6.92 1.87 4.52
N LEU A 33 -7.04 0.88 3.64
CA LEU A 33 -7.05 1.09 2.19
C LEU A 33 -8.16 2.00 1.74
N TRP A 34 -9.29 1.94 2.39
CA TRP A 34 -10.41 2.76 1.98
C TRP A 34 -10.05 4.24 1.90
N ALA A 35 -9.31 4.69 2.86
CA ALA A 35 -8.84 6.03 2.83
C ALA A 35 -7.52 6.13 2.03
N LEU A 36 -6.62 5.18 2.28
CA LEU A 36 -5.26 5.21 1.76
C LEU A 36 -5.09 4.84 0.28
N SER A 37 -6.06 4.17 -0.29
CA SER A 37 -6.02 3.77 -1.69
C SER A 37 -6.08 5.01 -2.59
N ASN A 38 -6.61 6.08 -2.02
CA ASN A 38 -6.79 7.36 -2.70
C ASN A 38 -5.44 7.90 -3.21
N ILE A 39 -4.39 7.64 -2.45
CA ILE A 39 -3.04 8.14 -2.77
C ILE A 39 -2.52 7.45 -4.03
N ALA A 40 -2.86 6.16 -4.14
CA ALA A 40 -2.41 5.32 -5.25
C ALA A 40 -3.04 5.72 -6.58
N SER A 41 -4.10 6.51 -6.51
CA SER A 41 -4.79 6.96 -7.68
C SER A 41 -4.13 8.26 -8.23
N GLY A 42 -3.26 8.87 -7.42
CA GLY A 42 -2.58 10.09 -7.84
C GLY A 42 -1.37 9.77 -8.67
N GLY A 43 -1.60 9.51 -9.94
CA GLY A 43 -0.57 9.03 -10.85
C GLY A 43 0.63 9.96 -11.05
N ASN A 44 0.40 11.24 -11.22
CA ASN A 44 1.47 12.18 -11.56
C ASN A 44 2.51 12.37 -10.46
N GLU A 45 2.06 12.60 -9.25
CA GLU A 45 2.97 12.90 -8.18
C GLU A 45 2.93 11.85 -7.07
N GLN A 46 1.77 11.62 -6.50
CA GLN A 46 1.61 10.74 -5.32
C GLN A 46 2.16 9.31 -5.58
N LYS A 47 1.91 8.83 -6.77
CA LYS A 47 2.30 7.49 -7.21
C LYS A 47 3.83 7.28 -7.28
N GLN A 48 4.62 8.35 -7.32
CA GLN A 48 6.09 8.20 -7.45
C GLN A 48 6.70 7.59 -6.17
N ALA A 49 6.06 7.89 -5.04
CA ALA A 49 6.48 7.58 -3.66
C ALA A 49 6.90 6.16 -3.46
N VAL A 50 6.14 5.34 -4.07
CA VAL A 50 6.14 3.92 -3.93
C VAL A 50 7.55 3.28 -4.06
N LYS A 51 8.38 3.75 -4.98
CA LYS A 51 9.65 3.10 -5.19
C LYS A 51 10.66 3.58 -4.18
N GLU A 52 10.59 4.87 -3.88
CA GLU A 52 11.40 5.50 -2.90
C GLU A 52 11.13 4.86 -1.52
N ALA A 53 9.86 4.74 -1.18
CA ALA A 53 9.44 4.17 0.09
C ALA A 53 9.69 2.65 0.13
N GLY A 54 9.90 2.09 -1.03
CA GLY A 54 10.26 0.70 -1.13
C GLY A 54 9.09 -0.22 -1.22
N ALA A 55 8.23 0.02 -2.20
CA ALA A 55 7.06 -0.81 -2.44
C ALA A 55 7.47 -2.22 -2.79
N LEU A 56 8.67 -2.36 -3.33
CA LEU A 56 9.22 -3.66 -3.66
C LEU A 56 9.42 -4.45 -2.37
N GLU A 57 10.08 -3.81 -1.41
CA GLU A 57 10.36 -4.39 -0.10
C GLU A 57 9.06 -4.65 0.64
N LYS A 58 8.17 -3.65 0.60
CA LYS A 58 6.90 -3.72 1.27
C LYS A 58 6.06 -4.88 0.73
N LEU A 59 6.01 -5.00 -0.60
CA LEU A 59 5.22 -6.01 -1.31
C LEU A 59 5.54 -7.40 -0.81
N GLU A 60 6.82 -7.67 -0.65
CA GLU A 60 7.32 -8.94 -0.26
C GLU A 60 6.80 -9.42 1.11
N GLN A 61 6.33 -8.51 1.93
CA GLN A 61 5.81 -8.86 3.22
C GLN A 61 4.38 -9.33 3.06
N LEU A 62 3.64 -8.61 2.26
CA LEU A 62 2.24 -8.90 1.96
C LEU A 62 2.10 -10.07 1.01
N GLN A 63 3.14 -10.36 0.28
CA GLN A 63 3.17 -11.54 -0.61
C GLN A 63 2.90 -12.85 0.16
N SER A 64 3.15 -12.84 1.46
CA SER A 64 2.89 -13.97 2.34
C SER A 64 1.39 -13.98 2.79
N HIS A 65 0.56 -13.33 2.00
CA HIS A 65 -0.90 -13.23 2.22
C HIS A 65 -1.59 -14.59 2.13
N GLU A 66 -2.65 -14.72 2.85
CA GLU A 66 -3.51 -15.89 2.81
C GLU A 66 -4.86 -15.47 2.26
N ASN A 67 -5.09 -14.16 2.28
CA ASN A 67 -6.28 -13.55 1.72
C ASN A 67 -6.10 -13.39 0.28
N GLU A 68 -7.07 -13.82 -0.37
CA GLU A 68 -7.15 -13.90 -1.74
C GLU A 68 -7.46 -12.56 -2.38
N LYS A 69 -8.21 -11.72 -1.68
CA LYS A 69 -8.58 -10.39 -2.18
C LYS A 69 -7.37 -9.47 -2.13
N ILE A 70 -6.43 -9.83 -1.28
CA ILE A 70 -5.19 -9.10 -1.12
C ILE A 70 -4.38 -9.04 -2.43
N GLN A 71 -4.51 -10.08 -3.27
CA GLN A 71 -3.86 -10.12 -4.60
C GLN A 71 -4.00 -8.81 -5.39
N LYS A 72 -5.23 -8.32 -5.48
CA LYS A 72 -5.54 -7.10 -6.23
C LYS A 72 -4.77 -5.93 -5.64
N GLU A 73 -4.79 -5.84 -4.34
CA GLU A 73 -4.20 -4.72 -3.63
C GLU A 73 -2.67 -4.82 -3.58
N ALA A 74 -2.14 -6.03 -3.59
CA ALA A 74 -0.71 -6.25 -3.69
C ALA A 74 -0.25 -5.82 -5.08
N GLN A 75 -1.04 -6.20 -6.08
CA GLN A 75 -0.79 -5.84 -7.46
C GLN A 75 -1.00 -4.36 -7.71
N GLU A 76 -1.75 -3.69 -6.83
CA GLU A 76 -2.03 -2.25 -6.93
C GLU A 76 -0.74 -1.43 -6.95
N ALA A 77 0.05 -1.52 -5.89
CA ALA A 77 1.27 -0.72 -5.78
C ALA A 77 2.34 -1.27 -6.70
N LEU A 78 2.24 -2.57 -6.98
CA LEU A 78 3.16 -3.29 -7.84
C LEU A 78 3.17 -2.63 -9.20
N GLU A 79 2.00 -2.56 -9.73
CA GLU A 79 1.67 -2.04 -10.93
C GLU A 79 2.11 -0.60 -11.05
N LYS A 80 1.57 0.17 -10.18
CA LYS A 80 1.72 1.56 -10.13
C LYS A 80 3.17 2.04 -10.02
N LEU A 81 4.04 1.25 -9.42
CA LEU A 81 5.38 1.61 -9.28
C LEU A 81 6.16 1.35 -10.55
N GLN A 82 5.85 0.25 -11.19
CA GLN A 82 6.56 -0.19 -12.37
C GLN A 82 6.42 0.78 -13.51
N SER A 83 7.53 1.12 -14.14
CA SER A 83 7.48 1.98 -15.30
C SER A 83 7.03 1.13 -16.47
N HIS A 84 6.06 1.59 -17.18
CA HIS A 84 5.49 0.82 -18.25
C HIS A 84 5.93 1.37 -19.58
N GLY A 1 -12.86 -13.52 2.82
CA GLY A 1 -11.89 -12.61 3.41
C GLY A 1 -12.39 -11.97 4.67
N ASN A 2 -12.40 -10.65 4.70
CA ASN A 2 -12.82 -9.92 5.90
C ASN A 2 -13.64 -8.71 5.51
N GLU A 3 -12.94 -7.64 5.05
CA GLU A 3 -13.54 -6.35 4.68
C GLU A 3 -14.31 -5.73 5.84
N GLN A 4 -13.63 -4.94 6.62
CA GLN A 4 -14.27 -4.32 7.76
C GLN A 4 -14.51 -2.82 7.56
N ILE A 5 -15.08 -2.15 8.55
CA ILE A 5 -15.64 -0.79 8.34
C ILE A 5 -14.64 0.37 8.54
N GLN A 6 -13.52 0.13 9.17
CA GLN A 6 -12.61 1.23 9.45
C GLN A 6 -11.75 1.58 8.25
N ALA A 7 -11.03 2.67 8.39
CA ALA A 7 -10.10 3.16 7.41
C ALA A 7 -9.07 3.99 8.14
N VAL A 8 -8.11 3.31 8.69
CA VAL A 8 -7.11 3.94 9.53
C VAL A 8 -5.91 4.39 8.71
N ILE A 9 -4.97 5.07 9.39
CA ILE A 9 -3.71 5.58 8.81
C ILE A 9 -3.94 6.84 7.95
N ASP A 10 -3.11 7.84 8.16
CA ASP A 10 -3.18 9.08 7.42
C ASP A 10 -2.06 9.11 6.40
N ALA A 11 -2.28 9.82 5.31
CA ALA A 11 -1.32 9.85 4.24
C ALA A 11 -0.95 11.27 3.87
N GLY A 12 0.26 11.62 4.16
CA GLY A 12 0.79 12.90 3.78
C GLY A 12 2.17 12.72 3.21
N ALA A 13 3.00 12.06 3.98
CA ALA A 13 4.36 11.76 3.59
C ALA A 13 4.38 10.49 2.75
N LEU A 14 5.47 10.28 2.04
CA LEU A 14 5.61 9.15 1.13
C LEU A 14 5.61 7.78 1.84
N PRO A 15 6.52 7.51 2.84
CA PRO A 15 6.54 6.22 3.52
C PRO A 15 5.20 5.85 4.15
N ALA A 16 4.53 6.83 4.73
CA ALA A 16 3.25 6.58 5.44
C ALA A 16 2.21 5.92 4.55
N LEU A 17 2.15 6.32 3.29
CA LEU A 17 1.18 5.75 2.38
C LEU A 17 1.54 4.30 2.03
N VAL A 18 2.83 3.99 2.11
CA VAL A 18 3.31 2.64 1.85
C VAL A 18 3.25 1.75 3.09
N GLN A 19 3.52 2.34 4.25
CA GLN A 19 3.78 1.61 5.51
C GLN A 19 2.81 0.46 5.81
N LEU A 20 1.54 0.73 5.61
CA LEU A 20 0.47 -0.24 5.82
C LEU A 20 0.65 -1.49 4.99
N LEU A 21 1.22 -1.35 3.81
CA LEU A 21 1.38 -2.39 2.84
C LEU A 21 2.26 -3.56 3.29
N SER A 22 2.87 -3.45 4.43
CA SER A 22 3.67 -4.53 4.92
C SER A 22 3.10 -5.06 6.25
N SER A 23 1.84 -4.76 6.54
CA SER A 23 1.22 -5.14 7.79
C SER A 23 1.17 -6.68 7.93
N PRO A 24 1.30 -7.20 9.17
CA PRO A 24 1.11 -8.65 9.45
C PRO A 24 -0.39 -8.95 9.37
N ASN A 25 -1.11 -7.91 9.72
CA ASN A 25 -2.45 -7.85 9.91
C ASN A 25 -3.14 -7.52 8.64
N GLU A 26 -3.39 -8.56 7.88
CA GLU A 26 -4.06 -8.49 6.60
C GLU A 26 -5.43 -7.88 6.74
N GLN A 27 -6.04 -8.09 7.89
CA GLN A 27 -7.35 -7.55 8.20
C GLN A 27 -7.29 -6.02 8.31
N ILE A 28 -6.34 -5.49 9.09
CA ILE A 28 -6.28 -4.04 9.26
C ILE A 28 -5.71 -3.38 8.02
N LEU A 29 -4.86 -4.14 7.29
CA LEU A 29 -4.32 -3.70 6.01
C LEU A 29 -5.46 -3.24 5.11
N GLN A 30 -6.44 -4.15 4.89
CA GLN A 30 -7.65 -3.89 4.10
C GLN A 30 -8.33 -2.61 4.51
N GLU A 31 -8.57 -2.46 5.80
CA GLU A 31 -9.24 -1.29 6.34
C GLU A 31 -8.48 -0.01 6.04
N ALA A 32 -7.18 -0.03 6.28
CA ALA A 32 -6.37 1.14 5.97
C ALA A 32 -6.34 1.40 4.48
N LEU A 33 -6.29 0.32 3.72
CA LEU A 33 -6.25 0.36 2.28
C LEU A 33 -7.45 1.03 1.70
N TRP A 34 -8.57 0.94 2.38
CA TRP A 34 -9.78 1.59 1.92
C TRP A 34 -9.53 3.06 1.66
N ALA A 35 -8.86 3.71 2.58
CA ALA A 35 -8.56 5.09 2.41
C ALA A 35 -7.25 5.27 1.62
N LEU A 36 -6.27 4.43 1.93
CA LEU A 36 -4.92 4.54 1.36
C LEU A 36 -4.80 4.09 -0.11
N SER A 37 -5.70 3.27 -0.56
CA SER A 37 -5.68 2.78 -1.93
C SER A 37 -6.02 3.92 -2.90
N ASN A 38 -6.66 4.96 -2.38
CA ASN A 38 -6.97 6.17 -3.14
C ASN A 38 -5.66 6.77 -3.67
N ILE A 39 -4.61 6.60 -2.88
CA ILE A 39 -3.24 7.01 -3.23
C ILE A 39 -2.79 6.25 -4.48
N ALA A 40 -2.91 4.93 -4.42
CA ALA A 40 -2.49 4.04 -5.52
C ALA A 40 -3.33 4.26 -6.78
N SER A 41 -4.47 4.89 -6.62
CA SER A 41 -5.33 5.21 -7.73
C SER A 41 -4.93 6.54 -8.38
N GLY A 42 -4.02 7.27 -7.72
CA GLY A 42 -3.57 8.52 -8.24
C GLY A 42 -2.30 8.35 -9.04
N GLY A 43 -2.42 8.37 -10.34
CA GLY A 43 -1.28 8.14 -11.20
C GLY A 43 -0.48 9.40 -11.45
N ASN A 44 -1.01 10.52 -11.01
CA ASN A 44 -0.39 11.81 -11.26
C ASN A 44 0.84 12.03 -10.39
N GLU A 45 0.67 12.06 -9.10
CA GLU A 45 1.78 12.31 -8.19
C GLU A 45 2.01 11.12 -7.29
N GLN A 46 0.93 10.61 -6.78
CA GLN A 46 0.89 9.58 -5.78
C GLN A 46 1.65 8.31 -6.21
N LYS A 47 1.63 8.04 -7.49
CA LYS A 47 2.23 6.83 -8.03
C LYS A 47 3.77 6.86 -8.03
N GLN A 48 4.39 8.04 -7.99
CA GLN A 48 5.88 8.12 -8.01
C GLN A 48 6.44 7.98 -6.61
N ALA A 49 5.57 8.22 -5.66
CA ALA A 49 5.88 8.21 -4.25
C ALA A 49 6.36 6.87 -3.82
N VAL A 50 5.57 5.92 -4.19
CA VAL A 50 5.61 4.55 -3.74
C VAL A 50 7.00 3.89 -3.91
N LYS A 51 7.70 4.23 -4.98
CA LYS A 51 9.01 3.64 -5.27
C LYS A 51 10.01 4.09 -4.23
N GLU A 52 9.90 5.36 -3.90
CA GLU A 52 10.77 6.02 -3.04
C GLU A 52 10.31 5.81 -1.58
N ALA A 53 9.07 5.42 -1.43
CA ALA A 53 8.47 5.13 -0.14
C ALA A 53 8.88 3.75 0.35
N GLY A 54 9.19 2.89 -0.59
CA GLY A 54 9.61 1.55 -0.25
C GLY A 54 8.55 0.51 -0.54
N ALA A 55 7.81 0.70 -1.61
CA ALA A 55 6.72 -0.18 -1.98
C ALA A 55 7.20 -1.55 -2.38
N LEU A 56 8.39 -1.64 -2.96
CA LEU A 56 8.93 -2.93 -3.38
C LEU A 56 9.12 -3.86 -2.19
N GLU A 57 9.68 -3.32 -1.12
CA GLU A 57 9.90 -4.07 0.10
C GLU A 57 8.55 -4.42 0.73
N LYS A 58 7.66 -3.44 0.77
CA LYS A 58 6.34 -3.61 1.35
C LYS A 58 5.55 -4.70 0.61
N LEU A 59 5.55 -4.58 -0.71
CA LEU A 59 4.87 -5.49 -1.62
C LEU A 59 5.28 -6.92 -1.35
N GLU A 60 6.59 -7.14 -1.31
CA GLU A 60 7.22 -8.43 -1.13
C GLU A 60 6.63 -9.21 0.06
N GLN A 61 6.35 -8.51 1.14
CA GLN A 61 5.80 -9.10 2.34
C GLN A 61 4.35 -9.48 2.12
N LEU A 62 3.59 -8.50 1.65
CA LEU A 62 2.15 -8.63 1.44
C LEU A 62 1.83 -9.62 0.33
N GLN A 63 2.78 -9.87 -0.52
CA GLN A 63 2.65 -10.89 -1.56
C GLN A 63 2.38 -12.29 -0.98
N SER A 64 2.68 -12.49 0.29
CA SER A 64 2.41 -13.77 0.94
C SER A 64 0.99 -13.76 1.57
N HIS A 65 0.17 -12.81 1.13
CA HIS A 65 -1.25 -12.63 1.56
C HIS A 65 -2.06 -13.92 1.48
N GLU A 66 -2.99 -14.06 2.38
CA GLU A 66 -3.91 -15.17 2.37
C GLU A 66 -5.30 -14.67 1.97
N ASN A 67 -5.49 -13.37 2.09
CA ASN A 67 -6.74 -12.73 1.66
C ASN A 67 -6.70 -12.51 0.20
N GLU A 68 -7.79 -12.82 -0.34
CA GLU A 68 -8.02 -12.87 -1.69
C GLU A 68 -8.15 -11.48 -2.33
N LYS A 69 -8.71 -10.52 -1.64
CA LYS A 69 -8.90 -9.19 -2.22
C LYS A 69 -7.68 -8.31 -2.06
N ILE A 70 -6.86 -8.63 -1.07
CA ILE A 70 -5.62 -7.91 -0.79
C ILE A 70 -4.69 -7.86 -2.02
N GLN A 71 -4.70 -8.95 -2.80
CA GLN A 71 -3.81 -9.11 -3.96
C GLN A 71 -3.95 -7.97 -4.93
N LYS A 72 -5.17 -7.62 -5.23
CA LYS A 72 -5.49 -6.56 -6.18
C LYS A 72 -4.86 -5.23 -5.76
N GLU A 73 -4.84 -4.97 -4.46
CA GLU A 73 -4.32 -3.72 -3.94
C GLU A 73 -2.79 -3.75 -3.98
N ALA A 74 -2.23 -4.93 -3.76
CA ALA A 74 -0.80 -5.11 -3.82
C ALA A 74 -0.32 -4.97 -5.26
N GLN A 75 -1.07 -5.59 -6.18
CA GLN A 75 -0.79 -5.54 -7.61
C GLN A 75 -0.77 -4.12 -8.15
N GLU A 76 -1.49 -3.20 -7.50
CA GLU A 76 -1.51 -1.83 -7.88
C GLU A 76 -0.17 -1.27 -7.91
N ALA A 77 0.49 -1.36 -6.80
CA ALA A 77 1.74 -0.72 -6.70
C ALA A 77 2.78 -1.45 -7.55
N LEU A 78 2.61 -2.77 -7.64
CA LEU A 78 3.46 -3.68 -8.41
C LEU A 78 3.54 -3.17 -9.83
N GLU A 79 2.39 -3.06 -10.39
CA GLU A 79 2.14 -2.67 -11.65
C GLU A 79 2.60 -1.24 -11.91
N LYS A 80 2.05 -0.39 -11.16
CA LYS A 80 2.16 1.00 -11.31
C LYS A 80 3.54 1.60 -11.05
N LEU A 81 4.31 1.03 -10.15
CA LEU A 81 5.56 1.57 -9.88
C LEU A 81 6.63 1.04 -10.83
N GLN A 82 6.60 -0.25 -11.07
CA GLN A 82 7.61 -0.91 -11.86
C GLN A 82 7.55 -0.50 -13.33
N SER A 83 8.69 -0.56 -13.98
CA SER A 83 8.81 -0.14 -15.36
C SER A 83 8.07 -1.11 -16.29
N HIS A 84 7.28 -0.56 -17.18
CA HIS A 84 6.57 -1.36 -18.16
C HIS A 84 7.34 -1.33 -19.42
N GLY A 1 -4.24 -13.58 8.58
CA GLY A 1 -3.97 -12.40 9.41
C GLY A 1 -5.19 -11.50 9.52
N ASN A 2 -6.14 -11.94 10.32
CA ASN A 2 -7.36 -11.20 10.57
C ASN A 2 -7.11 -10.19 11.67
N GLU A 3 -7.85 -9.11 11.68
CA GLU A 3 -7.69 -8.07 12.65
C GLU A 3 -8.98 -7.28 12.72
N GLN A 4 -9.15 -6.53 13.79
CA GLN A 4 -10.33 -5.69 13.96
C GLN A 4 -10.12 -4.39 13.21
N ILE A 5 -11.15 -3.59 13.10
CA ILE A 5 -11.05 -2.32 12.41
C ILE A 5 -10.16 -1.33 13.16
N GLN A 6 -9.42 -0.57 12.42
CA GLN A 6 -8.56 0.46 12.95
C GLN A 6 -8.53 1.62 11.98
N ALA A 7 -7.88 2.68 12.34
CA ALA A 7 -7.87 3.87 11.53
C ALA A 7 -6.92 3.79 10.34
N VAL A 8 -7.29 4.48 9.30
CA VAL A 8 -6.49 4.59 8.10
C VAL A 8 -5.45 5.67 8.34
N ILE A 9 -4.29 5.53 7.75
CA ILE A 9 -3.24 6.50 7.91
C ILE A 9 -3.48 7.62 6.90
N ASP A 10 -4.14 8.66 7.33
CA ASP A 10 -4.36 9.79 6.48
C ASP A 10 -3.28 10.80 6.70
N ALA A 11 -2.23 10.66 5.93
CA ALA A 11 -1.08 11.52 6.05
C ALA A 11 -0.43 11.69 4.69
N GLY A 12 0.48 12.62 4.61
CA GLY A 12 1.17 12.89 3.38
C GLY A 12 2.66 12.64 3.52
N ALA A 13 2.99 11.62 4.29
CA ALA A 13 4.36 11.22 4.49
C ALA A 13 4.70 10.11 3.50
N LEU A 14 5.96 10.01 3.14
CA LEU A 14 6.37 9.05 2.12
C LEU A 14 6.25 7.57 2.56
N PRO A 15 6.93 7.11 3.66
CA PRO A 15 6.83 5.72 4.09
C PRO A 15 5.44 5.40 4.60
N ALA A 16 4.79 6.38 5.19
CA ALA A 16 3.51 6.15 5.86
C ALA A 16 2.41 5.71 4.90
N LEU A 17 2.49 6.18 3.67
CA LEU A 17 1.50 5.80 2.68
C LEU A 17 1.77 4.37 2.19
N VAL A 18 3.02 3.95 2.26
CA VAL A 18 3.38 2.61 1.87
C VAL A 18 3.17 1.61 3.01
N GLN A 19 3.31 2.10 4.22
CA GLN A 19 3.35 1.29 5.44
C GLN A 19 2.27 0.22 5.54
N LEU A 20 1.06 0.60 5.24
CA LEU A 20 -0.11 -0.27 5.31
C LEU A 20 0.05 -1.56 4.49
N LEU A 21 0.86 -1.49 3.47
CA LEU A 21 1.13 -2.59 2.58
C LEU A 21 1.95 -3.71 3.22
N SER A 22 2.65 -3.42 4.29
CA SER A 22 3.47 -4.45 4.92
C SER A 22 2.87 -4.83 6.28
N SER A 23 1.63 -4.44 6.52
CA SER A 23 0.97 -4.68 7.76
C SER A 23 0.70 -6.23 7.94
N PRO A 24 0.55 -6.71 9.21
CA PRO A 24 0.22 -8.14 9.50
C PRO A 24 -1.26 -8.38 9.20
N ASN A 25 -1.99 -7.33 9.46
CA ASN A 25 -3.35 -7.23 9.45
C ASN A 25 -3.85 -6.98 8.09
N GLU A 26 -4.00 -8.09 7.37
CA GLU A 26 -4.44 -8.13 5.98
C GLU A 26 -5.75 -7.41 5.81
N GLN A 27 -6.60 -7.56 6.80
CA GLN A 27 -7.88 -6.88 6.82
C GLN A 27 -7.72 -5.38 6.82
N ILE A 28 -6.94 -4.85 7.77
CA ILE A 28 -6.84 -3.42 7.87
C ILE A 28 -6.01 -2.86 6.74
N LEU A 29 -5.08 -3.70 6.27
CA LEU A 29 -4.25 -3.41 5.13
C LEU A 29 -5.17 -3.01 3.96
N GLN A 30 -6.12 -3.90 3.64
CA GLN A 30 -7.12 -3.72 2.59
C GLN A 30 -7.92 -2.44 2.76
N GLU A 31 -8.64 -2.35 3.86
CA GLU A 31 -9.53 -1.23 4.07
C GLU A 31 -8.80 0.11 4.15
N ALA A 32 -7.55 0.09 4.55
CA ALA A 32 -6.77 1.29 4.55
C ALA A 32 -6.32 1.62 3.14
N LEU A 33 -5.93 0.59 2.39
CA LEU A 33 -5.49 0.73 0.99
C LEU A 33 -6.51 1.44 0.18
N TRP A 34 -7.75 1.10 0.40
CA TRP A 34 -8.83 1.61 -0.39
C TRP A 34 -9.04 3.07 -0.21
N ALA A 35 -8.76 3.54 0.97
CA ALA A 35 -8.90 4.93 1.23
C ALA A 35 -7.60 5.66 0.84
N LEU A 36 -6.48 5.08 1.24
CA LEU A 36 -5.14 5.63 1.05
C LEU A 36 -4.77 5.75 -0.44
N SER A 37 -5.16 4.76 -1.23
CA SER A 37 -4.82 4.66 -2.67
C SER A 37 -5.12 5.95 -3.46
N ASN A 38 -6.01 6.79 -2.91
CA ASN A 38 -6.31 8.13 -3.44
C ASN A 38 -5.03 8.92 -3.74
N ILE A 39 -3.99 8.62 -2.96
CA ILE A 39 -2.63 9.15 -3.15
C ILE A 39 -2.21 9.05 -4.64
N ALA A 40 -2.28 7.84 -5.17
CA ALA A 40 -1.83 7.57 -6.52
C ALA A 40 -2.88 7.91 -7.55
N SER A 41 -4.14 7.88 -7.14
CA SER A 41 -5.26 8.23 -8.02
C SER A 41 -5.22 9.73 -8.37
N GLY A 42 -4.77 10.53 -7.41
CA GLY A 42 -4.63 11.95 -7.63
C GLY A 42 -3.32 12.25 -8.32
N GLY A 43 -2.25 11.73 -7.75
CA GLY A 43 -0.95 11.91 -8.33
C GLY A 43 -0.05 12.74 -7.45
N ASN A 44 0.36 13.91 -7.96
CA ASN A 44 1.27 14.85 -7.25
C ASN A 44 2.62 14.17 -6.97
N GLU A 45 3.41 14.73 -6.05
CA GLU A 45 4.72 14.16 -5.73
C GLU A 45 4.59 12.97 -4.79
N GLN A 46 3.37 12.68 -4.41
CA GLN A 46 3.05 11.54 -3.55
C GLN A 46 3.02 10.26 -4.38
N LYS A 47 2.87 10.42 -5.68
CA LYS A 47 2.73 9.30 -6.60
C LYS A 47 4.05 8.49 -6.75
N GLN A 48 5.17 9.19 -6.75
CA GLN A 48 6.50 8.57 -6.91
C GLN A 48 6.95 7.87 -5.63
N ALA A 49 6.31 8.28 -4.54
CA ALA A 49 6.63 7.83 -3.18
C ALA A 49 6.66 6.36 -3.08
N VAL A 50 5.70 5.79 -3.70
CA VAL A 50 5.41 4.41 -3.62
C VAL A 50 6.56 3.55 -4.20
N LYS A 51 7.28 4.11 -5.15
CA LYS A 51 8.38 3.42 -5.77
C LYS A 51 9.60 3.55 -4.87
N GLU A 52 9.88 4.78 -4.50
CA GLU A 52 11.02 5.17 -3.78
C GLU A 52 11.02 4.68 -2.32
N ALA A 53 9.87 4.78 -1.64
CA ALA A 53 9.76 4.35 -0.24
C ALA A 53 9.91 2.84 -0.14
N GLY A 54 9.46 2.15 -1.16
CA GLY A 54 9.65 0.74 -1.19
C GLY A 54 8.38 -0.06 -1.13
N ALA A 55 7.47 0.20 -2.05
CA ALA A 55 6.27 -0.63 -2.16
C ALA A 55 6.65 -1.98 -2.73
N LEU A 56 7.78 -2.00 -3.44
CA LEU A 56 8.36 -3.24 -3.96
C LEU A 56 8.82 -4.11 -2.79
N GLU A 57 9.37 -3.44 -1.77
CA GLU A 57 9.80 -4.09 -0.56
C GLU A 57 8.57 -4.61 0.16
N LYS A 58 7.61 -3.72 0.36
CA LYS A 58 6.34 -4.01 1.02
C LYS A 58 5.66 -5.23 0.39
N LEU A 59 5.68 -5.25 -0.93
CA LEU A 59 5.13 -6.32 -1.76
C LEU A 59 5.69 -7.68 -1.31
N GLU A 60 7.01 -7.76 -1.16
CA GLU A 60 7.68 -8.96 -0.80
C GLU A 60 7.16 -9.55 0.51
N GLN A 61 7.05 -8.71 1.54
CA GLN A 61 6.54 -9.12 2.83
C GLN A 61 5.15 -9.67 2.69
N LEU A 62 4.32 -8.84 2.13
CA LEU A 62 2.89 -9.11 1.94
C LEU A 62 2.60 -10.33 1.09
N GLN A 63 3.51 -10.69 0.25
CA GLN A 63 3.33 -11.92 -0.55
C GLN A 63 3.17 -13.20 0.30
N SER A 64 3.61 -13.17 1.55
CA SER A 64 3.44 -14.30 2.46
C SER A 64 2.03 -14.28 3.12
N HIS A 65 1.13 -13.54 2.51
CA HIS A 65 -0.29 -13.37 2.91
C HIS A 65 -1.04 -14.69 2.99
N GLU A 66 -2.09 -14.68 3.76
CA GLU A 66 -2.97 -15.81 3.93
C GLU A 66 -4.30 -15.47 3.26
N ASN A 67 -4.59 -14.19 3.20
CA ASN A 67 -5.82 -13.67 2.61
C ASN A 67 -5.76 -13.72 1.13
N GLU A 68 -6.86 -14.09 0.61
CA GLU A 68 -7.05 -14.35 -0.74
C GLU A 68 -7.22 -13.06 -1.56
N LYS A 69 -7.79 -12.04 -0.92
CA LYS A 69 -8.07 -10.79 -1.59
C LYS A 69 -6.81 -9.95 -1.65
N ILE A 70 -5.88 -10.26 -0.76
CA ILE A 70 -4.60 -9.60 -0.69
C ILE A 70 -3.82 -9.79 -2.00
N GLN A 71 -4.04 -10.92 -2.68
CA GLN A 71 -3.47 -11.16 -4.03
C GLN A 71 -3.69 -9.96 -4.93
N LYS A 72 -4.93 -9.51 -4.99
CA LYS A 72 -5.33 -8.38 -5.80
C LYS A 72 -4.71 -7.11 -5.24
N GLU A 73 -4.74 -6.95 -3.93
CA GLU A 73 -4.23 -5.75 -3.27
C GLU A 73 -2.72 -5.57 -3.49
N ALA A 74 -2.01 -6.68 -3.49
CA ALA A 74 -0.58 -6.67 -3.75
C ALA A 74 -0.34 -6.26 -5.21
N GLN A 75 -1.17 -6.80 -6.10
CA GLN A 75 -1.10 -6.46 -7.52
C GLN A 75 -1.45 -4.99 -7.74
N GLU A 76 -2.33 -4.46 -6.92
CA GLU A 76 -2.75 -3.06 -6.99
C GLU A 76 -1.53 -2.14 -6.87
N ALA A 77 -0.70 -2.40 -5.87
CA ALA A 77 0.52 -1.60 -5.64
C ALA A 77 1.53 -1.82 -6.76
N LEU A 78 1.64 -3.09 -7.17
CA LEU A 78 2.55 -3.57 -8.20
C LEU A 78 2.33 -2.74 -9.46
N GLU A 79 1.13 -2.85 -9.93
CA GLU A 79 0.61 -2.27 -11.02
C GLU A 79 0.83 -0.77 -11.07
N LYS A 80 0.31 -0.15 -10.05
CA LYS A 80 0.27 1.24 -9.85
C LYS A 80 1.60 1.93 -10.05
N LEU A 81 2.65 1.42 -9.42
CA LEU A 81 3.89 2.04 -9.48
C LEU A 81 4.69 1.62 -10.69
N GLN A 82 4.58 0.36 -11.09
CA GLN A 82 5.39 -0.13 -12.17
C GLN A 82 4.98 0.48 -13.49
N SER A 83 5.91 1.15 -14.11
CA SER A 83 5.67 1.89 -15.33
C SER A 83 5.63 0.97 -16.56
N HIS A 84 4.73 1.29 -17.47
CA HIS A 84 4.59 0.64 -18.76
C HIS A 84 4.22 1.68 -19.75
N GLY A 1 -9.01 14.71 -10.85
CA GLY A 1 -7.95 15.25 -9.99
C GLY A 1 -8.53 15.93 -8.80
N ASN A 2 -8.20 15.47 -7.61
CA ASN A 2 -8.74 16.03 -6.39
C ASN A 2 -7.76 15.86 -5.25
N GLU A 3 -7.53 16.91 -4.52
CA GLU A 3 -6.66 16.88 -3.35
C GLU A 3 -7.44 16.39 -2.16
N GLN A 4 -6.75 15.91 -1.17
CA GLN A 4 -7.36 15.39 0.05
C GLN A 4 -6.61 15.94 1.25
N ILE A 5 -7.25 15.93 2.39
CA ILE A 5 -6.65 16.44 3.61
C ILE A 5 -6.02 15.29 4.40
N GLN A 6 -4.92 15.57 5.09
CA GLN A 6 -4.25 14.58 5.91
C GLN A 6 -5.17 14.26 7.09
N ALA A 7 -5.73 13.07 7.05
CA ALA A 7 -6.63 12.58 8.07
C ALA A 7 -6.61 11.06 8.05
N VAL A 8 -6.57 10.52 6.83
CA VAL A 8 -6.53 9.08 6.55
C VAL A 8 -6.65 8.86 5.03
N ILE A 9 -7.28 9.82 4.36
CA ILE A 9 -7.55 9.79 2.91
C ILE A 9 -6.34 10.24 2.07
N ASP A 10 -5.22 10.40 2.71
CA ASP A 10 -3.99 10.78 2.03
C ASP A 10 -2.86 10.08 2.78
N ALA A 11 -1.65 10.32 2.40
CA ALA A 11 -0.54 9.70 3.04
C ALA A 11 0.20 10.70 3.90
N GLY A 12 0.23 11.95 3.45
CA GLY A 12 0.99 12.97 4.15
C GLY A 12 2.48 12.80 3.90
N ALA A 13 3.03 11.74 4.43
CA ALA A 13 4.40 11.38 4.21
C ALA A 13 4.44 10.28 3.18
N LEU A 14 5.47 10.22 2.38
CA LEU A 14 5.57 9.25 1.29
C LEU A 14 5.49 7.78 1.76
N PRO A 15 6.26 7.34 2.82
CA PRO A 15 6.18 5.96 3.33
C PRO A 15 4.78 5.56 3.79
N ALA A 16 3.97 6.53 4.18
CA ALA A 16 2.64 6.23 4.74
C ALA A 16 1.69 5.62 3.70
N LEU A 17 2.01 5.77 2.43
CA LEU A 17 1.21 5.14 1.41
C LEU A 17 1.66 3.71 1.19
N VAL A 18 2.92 3.44 1.48
CA VAL A 18 3.47 2.12 1.33
C VAL A 18 3.25 1.25 2.55
N GLN A 19 3.28 1.86 3.72
CA GLN A 19 3.32 1.15 5.00
C GLN A 19 2.32 0.01 5.17
N LEU A 20 1.07 0.30 4.85
CA LEU A 20 -0.02 -0.69 4.94
C LEU A 20 0.25 -1.97 4.14
N LEU A 21 1.14 -1.90 3.16
CA LEU A 21 1.50 -3.02 2.33
C LEU A 21 2.20 -4.13 3.12
N SER A 22 2.95 -3.78 4.12
CA SER A 22 3.66 -4.75 4.91
C SER A 22 2.99 -4.96 6.28
N SER A 23 1.70 -4.67 6.31
CA SER A 23 0.82 -4.68 7.48
C SER A 23 0.93 -5.90 8.43
N PRO A 24 0.43 -5.72 9.68
CA PRO A 24 0.34 -6.79 10.71
C PRO A 24 -0.78 -7.74 10.35
N ASN A 25 -1.76 -7.17 9.70
CA ASN A 25 -3.00 -7.74 9.48
C ASN A 25 -3.33 -7.54 8.04
N GLU A 26 -3.63 -8.60 7.34
CA GLU A 26 -4.06 -8.52 5.94
C GLU A 26 -5.32 -7.64 5.86
N GLN A 27 -6.12 -7.79 6.87
CA GLN A 27 -7.39 -7.12 7.03
C GLN A 27 -7.25 -5.60 7.18
N ILE A 28 -6.33 -5.16 8.05
CA ILE A 28 -6.18 -3.72 8.34
C ILE A 28 -5.71 -2.96 7.11
N LEU A 29 -5.02 -3.68 6.24
CA LEU A 29 -4.53 -3.15 4.99
C LEU A 29 -5.71 -2.76 4.11
N GLN A 30 -6.65 -3.69 3.99
CA GLN A 30 -7.84 -3.54 3.16
C GLN A 30 -8.70 -2.37 3.61
N GLU A 31 -9.07 -2.36 4.88
CA GLU A 31 -9.88 -1.28 5.41
C GLU A 31 -9.20 0.08 5.28
N ALA A 32 -7.88 0.13 5.45
CA ALA A 32 -7.14 1.38 5.31
C ALA A 32 -7.08 1.82 3.85
N LEU A 33 -7.04 0.84 2.95
CA LEU A 33 -6.95 1.08 1.52
C LEU A 33 -8.05 1.95 1.04
N TRP A 34 -9.24 1.79 1.58
CA TRP A 34 -10.40 2.56 1.17
C TRP A 34 -10.10 4.05 1.11
N ALA A 35 -9.47 4.55 2.13
CA ALA A 35 -9.14 5.93 2.21
C ALA A 35 -7.80 6.20 1.49
N LEU A 36 -6.82 5.37 1.80
CA LEU A 36 -5.43 5.54 1.35
C LEU A 36 -5.29 5.40 -0.19
N SER A 37 -6.11 4.56 -0.79
CA SER A 37 -6.06 4.25 -2.22
C SER A 37 -6.12 5.51 -3.11
N ASN A 38 -6.63 6.64 -2.56
CA ASN A 38 -6.67 7.97 -3.24
C ASN A 38 -5.31 8.30 -3.86
N ILE A 39 -4.26 7.79 -3.24
CA ILE A 39 -2.88 7.89 -3.72
C ILE A 39 -2.75 7.53 -5.22
N ALA A 40 -3.50 6.53 -5.67
CA ALA A 40 -3.44 6.10 -7.06
C ALA A 40 -4.15 7.08 -7.98
N SER A 41 -5.16 7.78 -7.45
CA SER A 41 -5.87 8.80 -8.21
C SER A 41 -5.01 10.06 -8.32
N GLY A 42 -4.07 10.20 -7.40
CA GLY A 42 -3.13 11.29 -7.48
C GLY A 42 -2.16 11.06 -8.60
N GLY A 43 -1.55 9.88 -8.57
CA GLY A 43 -0.60 9.50 -9.58
C GLY A 43 0.68 10.32 -9.48
N ASN A 44 1.40 10.41 -10.59
CA ASN A 44 2.68 11.15 -10.74
C ASN A 44 3.63 11.03 -9.53
N GLU A 45 3.56 12.01 -8.62
CA GLU A 45 4.43 12.09 -7.45
C GLU A 45 4.12 10.98 -6.48
N GLN A 46 2.86 10.72 -6.29
CA GLN A 46 2.39 9.73 -5.36
C GLN A 46 2.54 8.33 -5.95
N LYS A 47 2.66 8.28 -7.25
CA LYS A 47 2.78 7.02 -7.97
C LYS A 47 4.23 6.53 -7.96
N GLN A 48 5.17 7.48 -8.00
CA GLN A 48 6.60 7.17 -8.03
C GLN A 48 7.15 6.98 -6.61
N ALA A 49 6.49 7.66 -5.67
CA ALA A 49 6.84 7.73 -4.23
C ALA A 49 7.14 6.38 -3.66
N VAL A 50 6.37 5.45 -4.11
CA VAL A 50 6.37 4.09 -3.72
C VAL A 50 7.79 3.47 -3.72
N LYS A 51 8.58 3.75 -4.75
CA LYS A 51 9.85 3.12 -4.88
C LYS A 51 10.86 3.77 -3.97
N GLU A 52 10.70 5.05 -3.77
CA GLU A 52 11.51 5.83 -2.90
C GLU A 52 11.25 5.42 -1.44
N ALA A 53 9.98 5.13 -1.14
CA ALA A 53 9.56 4.72 0.18
C ALA A 53 9.97 3.27 0.48
N GLY A 54 9.99 2.44 -0.54
CA GLY A 54 10.39 1.06 -0.36
C GLY A 54 9.25 0.09 -0.61
N ALA A 55 8.53 0.31 -1.69
CA ALA A 55 7.41 -0.53 -2.08
C ALA A 55 7.85 -1.90 -2.49
N LEU A 56 9.10 -2.02 -2.89
CA LEU A 56 9.65 -3.29 -3.30
C LEU A 56 9.66 -4.28 -2.13
N GLU A 57 10.18 -3.83 -0.99
CA GLU A 57 10.18 -4.63 0.21
C GLU A 57 8.75 -4.81 0.69
N LYS A 58 7.98 -3.72 0.66
CA LYS A 58 6.62 -3.71 1.12
C LYS A 58 5.76 -4.73 0.40
N LEU A 59 5.86 -4.74 -0.91
CA LEU A 59 5.11 -5.64 -1.74
C LEU A 59 5.49 -7.08 -1.45
N GLU A 60 6.79 -7.36 -1.42
CA GLU A 60 7.33 -8.67 -1.23
C GLU A 60 6.77 -9.37 0.01
N GLN A 61 6.68 -8.62 1.11
CA GLN A 61 6.14 -9.13 2.36
C GLN A 61 4.74 -9.64 2.15
N LEU A 62 3.90 -8.78 1.64
CA LEU A 62 2.50 -9.06 1.41
C LEU A 62 2.31 -10.09 0.30
N GLN A 63 3.27 -10.21 -0.55
CA GLN A 63 3.28 -11.22 -1.60
C GLN A 63 3.28 -12.65 -1.05
N SER A 64 3.59 -12.80 0.22
CA SER A 64 3.56 -14.10 0.86
C SER A 64 2.18 -14.31 1.53
N HIS A 65 1.22 -13.44 1.14
CA HIS A 65 -0.18 -13.40 1.64
C HIS A 65 -0.87 -14.76 1.70
N GLU A 66 -1.74 -14.87 2.65
CA GLU A 66 -2.54 -16.04 2.83
C GLU A 66 -3.90 -15.77 2.22
N ASN A 67 -4.45 -14.62 2.57
CA ASN A 67 -5.78 -14.18 2.10
C ASN A 67 -5.75 -13.99 0.64
N GLU A 68 -6.76 -14.53 0.05
CA GLU A 68 -6.91 -14.60 -1.33
C GLU A 68 -7.30 -13.23 -1.91
N LYS A 69 -8.00 -12.44 -1.13
CA LYS A 69 -8.46 -11.13 -1.57
C LYS A 69 -7.28 -10.17 -1.67
N ILE A 70 -6.30 -10.43 -0.83
CA ILE A 70 -5.12 -9.61 -0.68
C ILE A 70 -4.30 -9.43 -1.99
N GLN A 71 -4.43 -10.35 -2.94
CA GLN A 71 -3.70 -10.21 -4.19
C GLN A 71 -4.01 -8.93 -4.94
N LYS A 72 -5.25 -8.60 -4.97
CA LYS A 72 -5.73 -7.36 -5.57
C LYS A 72 -5.27 -6.16 -4.76
N GLU A 73 -5.12 -6.38 -3.49
CA GLU A 73 -4.65 -5.38 -2.57
C GLU A 73 -3.16 -5.11 -2.77
N ALA A 74 -2.42 -6.15 -3.11
CA ALA A 74 -1.00 -6.03 -3.42
C ALA A 74 -0.81 -5.26 -4.72
N GLN A 75 -1.75 -5.49 -5.65
CA GLN A 75 -1.77 -4.83 -6.96
C GLN A 75 -1.76 -3.31 -6.84
N GLU A 76 -2.33 -2.80 -5.74
CA GLU A 76 -2.40 -1.37 -5.46
C GLU A 76 -1.01 -0.71 -5.57
N ALA A 77 -0.03 -1.26 -4.88
CA ALA A 77 1.31 -0.71 -4.93
C ALA A 77 2.10 -1.26 -6.11
N LEU A 78 1.84 -2.54 -6.43
CA LEU A 78 2.54 -3.32 -7.44
C LEU A 78 2.58 -2.60 -8.76
N GLU A 79 1.41 -2.35 -9.24
CA GLU A 79 1.12 -1.79 -10.43
C GLU A 79 1.69 -0.39 -10.56
N LYS A 80 1.36 0.39 -9.60
CA LYS A 80 1.68 1.74 -9.46
C LYS A 80 3.19 2.00 -9.55
N LEU A 81 4.00 1.18 -8.90
CA LEU A 81 5.38 1.37 -8.89
C LEU A 81 6.01 1.04 -10.22
N GLN A 82 5.49 0.01 -10.84
CA GLN A 82 6.01 -0.45 -12.09
C GLN A 82 5.66 0.48 -13.22
N SER A 83 6.43 0.44 -14.28
CA SER A 83 6.15 1.20 -15.43
C SER A 83 4.92 0.58 -16.10
N HIS A 84 3.97 1.40 -16.41
CA HIS A 84 2.73 0.93 -16.95
C HIS A 84 2.48 1.65 -18.23
N GLY A 1 0.47 -7.63 17.05
CA GLY A 1 0.90 -8.53 15.99
C GLY A 1 0.08 -8.35 14.75
N ASN A 2 -1.20 -8.54 14.90
CA ASN A 2 -2.16 -8.42 13.84
C ASN A 2 -3.54 -8.32 14.44
N GLU A 3 -3.83 -7.15 14.91
CA GLU A 3 -5.07 -6.86 15.58
C GLU A 3 -6.03 -6.21 14.59
N GLN A 4 -7.12 -5.68 15.10
CA GLN A 4 -8.07 -4.95 14.26
C GLN A 4 -7.98 -3.47 14.56
N ILE A 5 -6.84 -3.04 15.04
CA ILE A 5 -6.64 -1.65 15.33
C ILE A 5 -5.79 -0.95 14.29
N GLN A 6 -6.34 0.10 13.75
CA GLN A 6 -5.64 0.95 12.85
C GLN A 6 -5.13 2.11 13.68
N ALA A 7 -6.09 2.89 14.20
CA ALA A 7 -5.87 4.06 15.07
C ALA A 7 -4.93 5.10 14.44
N VAL A 8 -3.65 4.87 14.54
CA VAL A 8 -2.66 5.78 14.03
C VAL A 8 -2.07 5.25 12.73
N ILE A 9 -2.64 5.68 11.63
CA ILE A 9 -2.23 5.27 10.30
C ILE A 9 -2.04 6.50 9.44
N ASP A 10 -1.49 7.53 10.06
CA ASP A 10 -1.26 8.81 9.41
C ASP A 10 -0.27 8.65 8.29
N ALA A 11 -0.76 8.78 7.10
CA ALA A 11 0.04 8.57 5.94
C ALA A 11 -0.21 9.64 4.93
N GLY A 12 0.79 10.45 4.73
CA GLY A 12 0.72 11.52 3.79
C GLY A 12 2.06 11.76 3.18
N ALA A 13 2.24 11.32 1.93
CA ALA A 13 3.47 11.46 1.12
C ALA A 13 4.65 10.58 1.59
N LEU A 14 4.83 10.51 2.89
CA LEU A 14 5.89 9.72 3.51
C LEU A 14 5.61 8.21 3.38
N PRO A 15 6.66 7.34 3.59
CA PRO A 15 6.57 5.87 3.53
C PRO A 15 5.45 5.26 4.32
N ALA A 16 4.89 5.98 5.26
CA ALA A 16 3.77 5.50 6.05
C ALA A 16 2.63 4.96 5.16
N LEU A 17 2.48 5.52 3.95
CA LEU A 17 1.47 5.04 3.01
C LEU A 17 1.76 3.59 2.58
N VAL A 18 3.03 3.27 2.51
CA VAL A 18 3.48 1.96 2.12
C VAL A 18 3.51 1.00 3.28
N GLN A 19 3.57 1.57 4.46
CA GLN A 19 3.74 0.80 5.66
C GLN A 19 2.55 -0.08 5.94
N LEU A 20 1.35 0.45 5.70
CA LEU A 20 0.14 -0.33 5.91
C LEU A 20 0.06 -1.42 4.89
N LEU A 21 0.59 -1.14 3.68
CA LEU A 21 0.58 -2.09 2.55
C LEU A 21 1.37 -3.30 2.94
N SER A 22 2.38 -3.04 3.70
CA SER A 22 3.30 -4.04 4.08
C SER A 22 2.75 -4.86 5.29
N SER A 23 1.44 -4.80 5.52
CA SER A 23 0.82 -5.38 6.66
C SER A 23 1.15 -6.82 6.99
N PRO A 24 1.35 -7.08 8.29
CA PRO A 24 1.22 -8.43 8.86
C PRO A 24 -0.32 -8.62 9.08
N ASN A 25 -0.95 -7.46 9.32
CA ASN A 25 -2.25 -7.22 9.67
C ASN A 25 -3.09 -6.96 8.46
N GLU A 26 -3.42 -8.03 7.77
CA GLU A 26 -4.24 -8.02 6.58
C GLU A 26 -5.58 -7.35 6.86
N GLN A 27 -6.02 -7.52 8.10
CA GLN A 27 -7.24 -6.91 8.58
C GLN A 27 -7.17 -5.40 8.51
N ILE A 28 -6.17 -4.80 9.17
CA ILE A 28 -6.08 -3.34 9.25
C ILE A 28 -5.69 -2.75 7.91
N LEU A 29 -4.93 -3.55 7.15
CA LEU A 29 -4.48 -3.23 5.81
C LEU A 29 -5.64 -2.69 4.98
N GLN A 30 -6.65 -3.53 4.78
CA GLN A 30 -7.75 -3.21 3.90
C GLN A 30 -8.63 -2.10 4.44
N GLU A 31 -8.64 -1.99 5.73
CA GLU A 31 -9.41 -0.96 6.42
C GLU A 31 -8.82 0.41 6.16
N ALA A 32 -7.51 0.53 6.30
CA ALA A 32 -6.83 1.77 6.02
C ALA A 32 -6.69 1.99 4.53
N LEU A 33 -6.67 0.88 3.79
CA LEU A 33 -6.52 0.92 2.35
C LEU A 33 -7.63 1.64 1.66
N TRP A 34 -8.80 1.65 2.25
CA TRP A 34 -9.92 2.40 1.68
C TRP A 34 -9.52 3.82 1.35
N ALA A 35 -8.78 4.44 2.22
CA ALA A 35 -8.29 5.76 1.97
C ALA A 35 -6.97 5.69 1.17
N LEU A 36 -6.08 4.82 1.61
CA LEU A 36 -4.70 4.74 1.10
C LEU A 36 -4.54 4.09 -0.27
N SER A 37 -5.42 3.22 -0.64
CA SER A 37 -5.34 2.52 -1.91
C SER A 37 -5.48 3.52 -3.08
N ASN A 38 -6.07 4.69 -2.78
CA ASN A 38 -6.20 5.79 -3.73
C ASN A 38 -4.84 6.33 -4.18
N ILE A 39 -3.79 6.04 -3.40
CA ILE A 39 -2.42 6.45 -3.78
C ILE A 39 -2.04 5.77 -5.09
N ALA A 40 -2.23 4.47 -5.13
CA ALA A 40 -1.89 3.68 -6.30
C ALA A 40 -3.02 3.69 -7.32
N SER A 41 -4.26 3.61 -6.85
CA SER A 41 -5.41 3.57 -7.73
C SER A 41 -5.58 4.91 -8.46
N GLY A 42 -5.16 5.98 -7.83
CA GLY A 42 -5.18 7.27 -8.45
C GLY A 42 -3.77 7.74 -8.60
N GLY A 43 -2.96 6.84 -9.07
CA GLY A 43 -1.57 7.08 -9.16
C GLY A 43 -1.14 7.86 -10.36
N ASN A 44 -0.93 9.13 -10.17
CA ASN A 44 -0.31 9.96 -11.19
C ASN A 44 0.78 10.77 -10.54
N GLU A 45 0.38 11.65 -9.67
CA GLU A 45 1.30 12.53 -8.96
C GLU A 45 1.80 11.84 -7.69
N GLN A 46 0.88 11.27 -6.93
CA GLN A 46 1.18 10.56 -5.67
C GLN A 46 1.97 9.28 -5.93
N LYS A 47 1.89 8.81 -7.15
CA LYS A 47 2.48 7.54 -7.56
C LYS A 47 4.01 7.52 -7.43
N GLN A 48 4.63 8.68 -7.40
CA GLN A 48 6.11 8.79 -7.29
C GLN A 48 6.60 8.30 -5.91
N ALA A 49 5.75 8.44 -4.94
CA ALA A 49 6.04 8.21 -3.54
C ALA A 49 6.33 6.78 -3.25
N VAL A 50 5.62 5.94 -3.90
CA VAL A 50 5.61 4.53 -3.60
C VAL A 50 6.99 3.91 -3.88
N LYS A 51 7.69 4.44 -4.88
CA LYS A 51 9.01 3.95 -5.23
C LYS A 51 9.97 4.38 -4.13
N GLU A 52 9.74 5.58 -3.67
CA GLU A 52 10.49 6.20 -2.65
C GLU A 52 10.23 5.59 -1.28
N ALA A 53 9.04 5.11 -1.10
CA ALA A 53 8.62 4.49 0.14
C ALA A 53 9.15 3.06 0.25
N GLY A 54 9.52 2.48 -0.86
CA GLY A 54 10.05 1.13 -0.84
C GLY A 54 8.97 0.10 -1.08
N ALA A 55 8.01 0.45 -1.93
CA ALA A 55 6.85 -0.40 -2.23
C ALA A 55 7.25 -1.76 -2.77
N LEU A 56 8.44 -1.87 -3.35
CA LEU A 56 8.95 -3.15 -3.88
C LEU A 56 8.93 -4.24 -2.80
N GLU A 57 9.51 -3.95 -1.65
CA GLU A 57 9.62 -4.92 -0.56
C GLU A 57 8.30 -5.01 0.20
N LYS A 58 7.58 -3.90 0.26
CA LYS A 58 6.32 -3.82 0.98
C LYS A 58 5.27 -4.67 0.28
N LEU A 59 5.39 -4.71 -1.03
CA LEU A 59 4.55 -5.50 -1.90
C LEU A 59 4.75 -6.97 -1.52
N GLU A 60 6.01 -7.38 -1.44
CA GLU A 60 6.42 -8.71 -1.11
C GLU A 60 5.84 -9.15 0.25
N GLN A 61 5.85 -8.24 1.20
CA GLN A 61 5.31 -8.51 2.53
C GLN A 61 3.84 -8.84 2.42
N LEU A 62 3.13 -8.04 1.65
CA LEU A 62 1.72 -8.25 1.44
C LEU A 62 1.45 -9.45 0.57
N GLN A 63 2.42 -9.85 -0.20
CA GLN A 63 2.34 -11.08 -1.00
C GLN A 63 2.26 -12.33 -0.14
N SER A 64 2.65 -12.21 1.12
CA SER A 64 2.55 -13.29 2.08
C SER A 64 1.12 -13.31 2.70
N HIS A 65 0.19 -12.71 1.99
CA HIS A 65 -1.22 -12.63 2.37
C HIS A 65 -1.85 -14.02 2.40
N GLU A 66 -2.79 -14.18 3.28
CA GLU A 66 -3.60 -15.36 3.31
C GLU A 66 -4.83 -15.07 2.47
N ASN A 67 -5.30 -13.83 2.56
CA ASN A 67 -6.48 -13.40 1.81
C ASN A 67 -6.07 -13.11 0.43
N GLU A 68 -6.74 -13.78 -0.41
CA GLU A 68 -6.47 -13.81 -1.77
C GLU A 68 -6.95 -12.53 -2.45
N LYS A 69 -7.98 -11.90 -1.88
CA LYS A 69 -8.56 -10.70 -2.46
C LYS A 69 -7.59 -9.54 -2.32
N ILE A 70 -6.72 -9.68 -1.33
CA ILE A 70 -5.73 -8.71 -1.00
C ILE A 70 -4.66 -8.55 -2.11
N GLN A 71 -4.51 -9.57 -2.96
CA GLN A 71 -3.49 -9.56 -4.03
C GLN A 71 -3.61 -8.33 -4.91
N LYS A 72 -4.84 -7.96 -5.21
CA LYS A 72 -5.17 -6.84 -6.09
C LYS A 72 -4.56 -5.53 -5.59
N GLU A 73 -4.44 -5.39 -4.29
CA GLU A 73 -3.92 -4.16 -3.71
C GLU A 73 -2.39 -4.13 -3.86
N ALA A 74 -1.78 -5.30 -3.71
CA ALA A 74 -0.34 -5.46 -3.89
C ALA A 74 0.01 -5.26 -5.36
N GLN A 75 -0.76 -5.93 -6.22
CA GLN A 75 -0.62 -5.85 -7.67
C GLN A 75 -0.88 -4.44 -8.19
N GLU A 76 -1.60 -3.66 -7.42
CA GLU A 76 -1.91 -2.30 -7.79
C GLU A 76 -0.63 -1.47 -7.75
N ALA A 77 0.03 -1.44 -6.58
CA ALA A 77 1.28 -0.67 -6.42
C ALA A 77 2.36 -1.22 -7.34
N LEU A 78 2.32 -2.55 -7.53
CA LEU A 78 3.24 -3.31 -8.38
C LEU A 78 3.31 -2.65 -9.73
N GLU A 79 2.17 -2.62 -10.33
CA GLU A 79 1.91 -2.12 -11.55
C GLU A 79 2.31 -0.66 -11.68
N LYS A 80 1.69 0.10 -10.85
CA LYS A 80 1.75 1.49 -10.84
C LYS A 80 3.16 2.08 -10.69
N LEU A 81 4.01 1.48 -9.86
CA LEU A 81 5.29 2.02 -9.68
C LEU A 81 6.20 1.65 -10.82
N GLN A 82 6.00 0.49 -11.38
CA GLN A 82 6.86 -0.01 -12.41
C GLN A 82 6.72 0.77 -13.71
N SER A 83 7.80 0.87 -14.43
CA SER A 83 7.81 1.56 -15.69
C SER A 83 7.35 0.65 -16.81
N HIS A 84 6.47 1.14 -17.62
CA HIS A 84 6.00 0.46 -18.80
C HIS A 84 5.72 1.53 -19.84
N GLY A 1 12.36 9.61 6.00
CA GLY A 1 11.14 9.86 6.75
C GLY A 1 11.41 9.91 8.24
N ASN A 2 10.59 9.21 9.01
CA ASN A 2 10.71 9.19 10.47
C ASN A 2 10.49 7.78 10.98
N GLU A 3 10.87 7.54 12.22
CA GLU A 3 10.69 6.27 12.89
C GLU A 3 10.19 6.50 14.30
N GLN A 4 9.15 5.76 14.66
CA GLN A 4 8.43 5.89 15.92
C GLN A 4 7.29 4.86 15.77
N ILE A 5 6.50 4.57 16.80
CA ILE A 5 5.36 3.63 16.63
C ILE A 5 4.30 4.21 15.69
N GLN A 6 4.31 5.51 15.61
CA GLN A 6 3.59 6.26 14.62
C GLN A 6 4.64 7.08 13.92
N ALA A 7 5.39 6.39 13.07
CA ALA A 7 6.49 6.98 12.38
C ALA A 7 6.02 7.92 11.33
N VAL A 8 5.30 7.37 10.41
CA VAL A 8 4.79 8.07 9.28
C VAL A 8 3.67 7.23 8.69
N ILE A 9 2.46 7.48 9.14
CA ILE A 9 1.33 6.67 8.79
C ILE A 9 0.23 7.45 8.11
N ASP A 10 -0.68 6.72 7.49
CA ASP A 10 -1.86 7.22 6.79
C ASP A 10 -1.48 7.98 5.51
N ALA A 11 -1.17 9.25 5.66
CA ALA A 11 -0.84 10.08 4.53
C ALA A 11 -0.11 11.30 5.02
N GLY A 12 0.29 12.15 4.11
CA GLY A 12 0.97 13.38 4.47
C GLY A 12 2.43 13.35 4.09
N ALA A 13 2.92 12.17 3.83
CA ALA A 13 4.30 11.97 3.50
C ALA A 13 4.40 10.81 2.56
N LEU A 14 5.52 10.71 1.87
CA LEU A 14 5.70 9.66 0.86
C LEU A 14 5.69 8.22 1.44
N PRO A 15 6.47 7.88 2.51
CA PRO A 15 6.44 6.54 3.10
C PRO A 15 5.08 6.18 3.69
N ALA A 16 4.33 7.17 4.14
CA ALA A 16 3.05 6.93 4.85
C ALA A 16 2.08 6.11 4.03
N LEU A 17 2.03 6.43 2.77
CA LEU A 17 1.13 5.77 1.86
C LEU A 17 1.59 4.33 1.56
N VAL A 18 2.89 4.10 1.62
CA VAL A 18 3.43 2.78 1.37
C VAL A 18 3.41 1.92 2.62
N GLN A 19 3.54 2.57 3.75
CA GLN A 19 3.73 1.89 5.03
C GLN A 19 2.73 0.78 5.33
N LEU A 20 1.51 1.01 4.98
CA LEU A 20 0.45 0.06 5.22
C LEU A 20 0.58 -1.19 4.34
N LEU A 21 1.34 -1.09 3.25
CA LEU A 21 1.53 -2.15 2.29
C LEU A 21 2.35 -3.30 2.86
N SER A 22 2.96 -3.05 3.98
CA SER A 22 3.75 -4.03 4.67
C SER A 22 2.99 -4.51 5.92
N SER A 23 1.66 -4.38 5.88
CA SER A 23 0.77 -4.66 6.98
C SER A 23 1.06 -5.98 7.74
N PRO A 24 0.77 -6.00 9.06
CA PRO A 24 0.91 -7.17 9.95
C PRO A 24 -0.24 -8.14 9.67
N ASN A 25 -1.29 -7.54 9.17
CA ASN A 25 -2.55 -8.11 9.05
C ASN A 25 -3.06 -7.79 7.67
N GLU A 26 -3.39 -8.80 6.93
CA GLU A 26 -4.00 -8.63 5.61
C GLU A 26 -5.31 -7.82 5.71
N GLN A 27 -5.96 -7.92 6.85
CA GLN A 27 -7.20 -7.20 7.15
C GLN A 27 -6.94 -5.71 7.28
N ILE A 28 -5.97 -5.36 8.13
CA ILE A 28 -5.71 -3.97 8.45
C ILE A 28 -5.22 -3.22 7.22
N LEU A 29 -4.59 -3.97 6.33
CA LEU A 29 -4.16 -3.47 5.04
C LEU A 29 -5.40 -2.97 4.29
N GLN A 30 -6.32 -3.90 4.07
CA GLN A 30 -7.57 -3.68 3.34
C GLN A 30 -8.36 -2.50 3.85
N GLU A 31 -8.71 -2.52 5.13
CA GLU A 31 -9.51 -1.47 5.73
C GLU A 31 -8.86 -0.09 5.57
N ALA A 32 -7.55 0.00 5.74
CA ALA A 32 -6.86 1.27 5.57
C ALA A 32 -6.79 1.65 4.10
N LEU A 33 -6.55 0.66 3.26
CA LEU A 33 -6.45 0.83 1.82
C LEU A 33 -7.70 1.39 1.21
N TRP A 34 -8.83 1.14 1.81
CA TRP A 34 -10.08 1.70 1.30
C TRP A 34 -9.96 3.21 1.10
N ALA A 35 -9.41 3.88 2.07
CA ALA A 35 -9.16 5.28 1.96
C ALA A 35 -7.82 5.55 1.28
N LEU A 36 -6.83 4.76 1.66
CA LEU A 36 -5.45 4.99 1.26
C LEU A 36 -5.05 4.49 -0.13
N SER A 37 -5.81 3.60 -0.71
CA SER A 37 -5.52 3.07 -2.05
C SER A 37 -5.68 4.18 -3.11
N ASN A 38 -6.42 5.21 -2.74
CA ASN A 38 -6.67 6.38 -3.59
C ASN A 38 -5.37 7.09 -3.92
N ILE A 39 -4.38 6.91 -3.08
CA ILE A 39 -3.05 7.51 -3.24
C ILE A 39 -2.43 7.14 -4.60
N ALA A 40 -2.24 5.85 -4.82
CA ALA A 40 -1.59 5.34 -6.02
C ALA A 40 -2.33 5.69 -7.32
N SER A 41 -3.59 6.10 -7.19
CA SER A 41 -4.36 6.56 -8.32
C SER A 41 -3.75 7.87 -8.89
N GLY A 42 -3.07 8.61 -8.04
CA GLY A 42 -2.49 9.87 -8.44
C GLY A 42 -1.11 9.71 -8.98
N GLY A 43 -0.70 10.61 -9.83
CA GLY A 43 0.61 10.53 -10.41
C GLY A 43 1.59 11.47 -9.74
N ASN A 44 2.68 11.70 -10.44
CA ASN A 44 3.79 12.57 -10.01
C ASN A 44 4.42 12.14 -8.67
N GLU A 45 4.00 12.76 -7.58
CA GLU A 45 4.62 12.50 -6.30
C GLU A 45 3.99 11.37 -5.53
N GLN A 46 2.69 11.20 -5.66
CA GLN A 46 2.00 10.10 -4.96
C GLN A 46 2.44 8.77 -5.58
N LYS A 47 2.83 8.85 -6.84
CA LYS A 47 3.22 7.71 -7.62
C LYS A 47 4.70 7.35 -7.43
N GLN A 48 5.57 8.35 -7.27
CA GLN A 48 7.02 8.09 -7.14
C GLN A 48 7.38 7.63 -5.73
N ALA A 49 6.52 8.02 -4.80
CA ALA A 49 6.62 7.76 -3.37
C ALA A 49 6.88 6.32 -3.10
N VAL A 50 6.12 5.54 -3.79
CA VAL A 50 6.06 4.14 -3.60
C VAL A 50 7.41 3.48 -3.95
N LYS A 51 8.15 4.07 -4.87
CA LYS A 51 9.42 3.50 -5.25
C LYS A 51 10.47 3.95 -4.27
N GLU A 52 10.38 5.21 -3.87
CA GLU A 52 11.31 5.80 -2.95
C GLU A 52 11.30 5.06 -1.61
N ALA A 53 10.12 4.85 -1.09
CA ALA A 53 9.96 4.22 0.20
C ALA A 53 10.08 2.69 0.10
N GLY A 54 10.04 2.19 -1.11
CA GLY A 54 10.23 0.78 -1.32
C GLY A 54 8.94 -0.01 -1.17
N ALA A 55 8.02 0.21 -2.09
CA ALA A 55 6.77 -0.53 -2.14
C ALA A 55 7.02 -1.99 -2.33
N LEU A 56 8.05 -2.34 -3.10
CA LEU A 56 8.44 -3.70 -3.33
C LEU A 56 8.86 -4.36 -2.00
N GLU A 57 9.62 -3.62 -1.22
CA GLU A 57 10.06 -4.04 0.09
C GLU A 57 8.87 -4.21 1.03
N LYS A 58 7.92 -3.29 0.96
CA LYS A 58 6.72 -3.38 1.76
C LYS A 58 5.88 -4.59 1.32
N LEU A 59 5.67 -4.67 0.02
CA LEU A 59 4.82 -5.67 -0.63
C LEU A 59 5.28 -7.07 -0.31
N GLU A 60 6.59 -7.24 -0.18
CA GLU A 60 7.24 -8.51 0.11
C GLU A 60 6.59 -9.26 1.29
N GLN A 61 6.23 -8.51 2.31
CA GLN A 61 5.61 -9.06 3.51
C GLN A 61 4.23 -9.53 3.17
N LEU A 62 3.53 -8.71 2.43
CA LEU A 62 2.16 -8.95 2.01
C LEU A 62 2.10 -10.05 0.96
N GLN A 63 3.21 -10.32 0.35
CA GLN A 63 3.32 -11.43 -0.61
C GLN A 63 3.11 -12.78 0.08
N SER A 64 3.23 -12.79 1.41
CA SER A 64 2.97 -13.99 2.20
C SER A 64 1.45 -14.08 2.52
N HIS A 65 0.66 -13.36 1.74
CA HIS A 65 -0.81 -13.28 1.89
C HIS A 65 -1.48 -14.64 1.78
N GLU A 66 -2.48 -14.86 2.56
CA GLU A 66 -3.27 -16.06 2.48
C GLU A 66 -4.67 -15.73 2.00
N ASN A 67 -4.98 -14.46 1.97
CA ASN A 67 -6.28 -13.96 1.53
C ASN A 67 -6.23 -13.68 0.08
N GLU A 68 -7.31 -13.98 -0.51
CA GLU A 68 -7.51 -13.93 -1.87
C GLU A 68 -7.79 -12.49 -2.33
N LYS A 69 -8.45 -11.71 -1.46
CA LYS A 69 -8.79 -10.32 -1.77
C LYS A 69 -7.53 -9.50 -1.87
N ILE A 70 -6.54 -9.94 -1.12
CA ILE A 70 -5.25 -9.30 -1.03
C ILE A 70 -4.52 -9.26 -2.38
N GLN A 71 -4.80 -10.21 -3.27
CA GLN A 71 -4.21 -10.19 -4.63
C GLN A 71 -4.46 -8.86 -5.34
N LYS A 72 -5.65 -8.31 -5.19
CA LYS A 72 -5.99 -7.05 -5.84
C LYS A 72 -5.14 -5.96 -5.20
N GLU A 73 -5.12 -5.96 -3.88
CA GLU A 73 -4.46 -4.93 -3.08
C GLU A 73 -2.93 -4.96 -3.27
N ALA A 74 -2.38 -6.16 -3.33
CA ALA A 74 -0.94 -6.36 -3.53
C ALA A 74 -0.52 -5.84 -4.89
N GLN A 75 -1.27 -6.21 -5.90
CA GLN A 75 -1.02 -5.77 -7.25
C GLN A 75 -1.28 -4.29 -7.45
N GLU A 76 -2.05 -3.69 -6.55
CA GLU A 76 -2.45 -2.28 -6.67
C GLU A 76 -1.22 -1.37 -6.75
N ALA A 77 -0.38 -1.38 -5.72
CA ALA A 77 0.81 -0.50 -5.72
C ALA A 77 1.85 -1.01 -6.72
N LEU A 78 1.81 -2.32 -6.98
CA LEU A 78 2.70 -3.03 -7.90
C LEU A 78 2.60 -2.36 -9.25
N GLU A 79 1.39 -2.35 -9.71
CA GLU A 79 0.96 -1.82 -10.89
C GLU A 79 1.37 -0.38 -11.06
N LYS A 80 0.96 0.39 -10.11
CA LYS A 80 1.11 1.77 -10.08
C LYS A 80 2.55 2.27 -10.12
N LEU A 81 3.50 1.51 -9.59
CA LEU A 81 4.83 1.90 -9.67
C LEU A 81 5.43 1.51 -11.00
N GLN A 82 4.95 0.40 -11.53
CA GLN A 82 5.45 -0.13 -12.77
C GLN A 82 5.16 0.80 -13.94
N SER A 83 6.11 0.96 -14.80
CA SER A 83 5.98 1.80 -15.95
C SER A 83 5.35 1.01 -17.10
N HIS A 84 4.62 1.70 -17.94
CA HIS A 84 3.97 1.12 -19.08
C HIS A 84 3.89 2.18 -20.15
N GLY A 1 -2.62 -10.09 16.15
CA GLY A 1 -4.01 -10.00 16.65
C GLY A 1 -4.79 -9.07 15.77
N ASN A 2 -5.94 -8.59 16.25
CA ASN A 2 -6.76 -7.69 15.45
C ASN A 2 -6.05 -6.36 15.31
N GLU A 3 -5.50 -5.88 16.44
CA GLU A 3 -4.66 -4.67 16.53
C GLU A 3 -5.24 -3.44 15.82
N GLN A 4 -5.84 -2.57 16.59
CA GLN A 4 -6.41 -1.38 16.02
C GLN A 4 -5.32 -0.41 15.59
N ILE A 5 -5.27 -0.13 14.31
CA ILE A 5 -4.29 0.77 13.78
C ILE A 5 -4.93 2.08 13.38
N GLN A 6 -4.11 3.06 13.21
CA GLN A 6 -4.56 4.37 12.85
C GLN A 6 -4.51 4.53 11.35
N ALA A 7 -5.48 5.22 10.81
CA ALA A 7 -5.54 5.47 9.40
C ALA A 7 -4.71 6.69 9.07
N VAL A 8 -3.61 6.48 8.40
CA VAL A 8 -2.70 7.56 8.04
C VAL A 8 -3.28 8.43 6.93
N ILE A 9 -2.68 9.59 6.73
CA ILE A 9 -3.17 10.54 5.76
C ILE A 9 -2.14 10.75 4.64
N ASP A 10 -0.86 10.60 4.99
CA ASP A 10 0.30 10.87 4.11
C ASP A 10 0.46 12.36 3.91
N ALA A 11 -0.32 12.93 2.99
CA ALA A 11 -0.37 14.36 2.70
C ALA A 11 0.98 14.95 2.25
N GLY A 12 1.86 14.12 1.71
CA GLY A 12 3.13 14.66 1.28
C GLY A 12 4.00 13.68 0.53
N ALA A 13 3.45 12.54 0.17
CA ALA A 13 4.16 11.49 -0.56
C ALA A 13 5.38 11.00 0.20
N LEU A 14 5.13 10.25 1.23
CA LEU A 14 6.15 9.73 2.08
C LEU A 14 5.87 8.24 2.35
N PRO A 15 6.81 7.48 3.00
CA PRO A 15 6.60 6.06 3.35
C PRO A 15 5.28 5.77 4.04
N ALA A 16 4.68 6.76 4.68
CA ALA A 16 3.42 6.56 5.39
C ALA A 16 2.32 6.01 4.48
N LEU A 17 2.34 6.38 3.20
CA LEU A 17 1.35 5.88 2.25
C LEU A 17 1.58 4.39 1.94
N VAL A 18 2.83 4.00 1.95
CA VAL A 18 3.19 2.64 1.61
C VAL A 18 3.10 1.71 2.80
N GLN A 19 3.43 2.23 3.96
CA GLN A 19 3.63 1.44 5.17
C GLN A 19 2.53 0.44 5.52
N LEU A 20 1.30 0.84 5.29
CA LEU A 20 0.13 -0.01 5.56
C LEU A 20 0.13 -1.27 4.72
N LEU A 21 0.87 -1.27 3.61
CA LEU A 21 0.91 -2.41 2.69
C LEU A 21 1.71 -3.53 3.30
N SER A 22 2.54 -3.20 4.25
CA SER A 22 3.40 -4.17 4.85
C SER A 22 2.74 -4.69 6.14
N SER A 23 1.42 -4.56 6.19
CA SER A 23 0.61 -4.80 7.37
C SER A 23 0.92 -6.09 8.17
N PRO A 24 0.66 -6.05 9.50
CA PRO A 24 0.82 -7.20 10.43
C PRO A 24 -0.37 -8.14 10.22
N ASN A 25 -1.40 -7.54 9.70
CA ASN A 25 -2.67 -8.08 9.65
C ASN A 25 -3.21 -7.80 8.27
N GLU A 26 -3.68 -8.81 7.62
CA GLU A 26 -4.29 -8.66 6.30
C GLU A 26 -5.59 -7.85 6.42
N GLN A 27 -6.14 -7.84 7.62
CA GLN A 27 -7.32 -7.09 7.94
C GLN A 27 -7.03 -5.60 7.95
N ILE A 28 -6.10 -5.21 8.83
CA ILE A 28 -5.76 -3.81 9.06
C ILE A 28 -5.26 -3.15 7.78
N LEU A 29 -4.64 -3.99 6.94
CA LEU A 29 -4.15 -3.61 5.62
C LEU A 29 -5.27 -2.96 4.86
N GLN A 30 -6.31 -3.73 4.65
CA GLN A 30 -7.44 -3.31 3.87
C GLN A 30 -8.23 -2.25 4.56
N GLU A 31 -8.25 -2.31 5.88
CA GLU A 31 -8.93 -1.29 6.70
C GLU A 31 -8.32 0.07 6.41
N ALA A 32 -7.02 0.15 6.35
CA ALA A 32 -6.36 1.40 6.03
C ALA A 32 -6.35 1.69 4.53
N LEU A 33 -6.12 0.64 3.72
CA LEU A 33 -6.08 0.77 2.26
C LEU A 33 -7.33 1.41 1.73
N TRP A 34 -8.45 1.14 2.37
CA TRP A 34 -9.73 1.65 1.95
C TRP A 34 -9.70 3.17 1.76
N ALA A 35 -9.03 3.85 2.66
CA ALA A 35 -8.86 5.27 2.55
C ALA A 35 -7.64 5.61 1.68
N LEU A 36 -6.54 4.92 1.96
CA LEU A 36 -5.23 5.17 1.32
C LEU A 36 -5.14 4.80 -0.15
N SER A 37 -6.00 3.95 -0.62
CA SER A 37 -5.96 3.47 -1.99
C SER A 37 -6.15 4.63 -3.00
N ASN A 38 -6.73 5.73 -2.54
CA ASN A 38 -6.88 6.95 -3.34
C ASN A 38 -5.52 7.55 -3.70
N ILE A 39 -4.49 7.16 -2.95
CA ILE A 39 -3.12 7.53 -3.21
C ILE A 39 -2.66 6.94 -4.56
N ALA A 40 -2.99 5.67 -4.77
CA ALA A 40 -2.56 4.95 -5.96
C ALA A 40 -3.32 5.42 -7.19
N SER A 41 -4.58 5.72 -7.01
CA SER A 41 -5.42 6.17 -8.10
C SER A 41 -5.11 7.62 -8.49
N GLY A 42 -4.30 8.29 -7.66
CA GLY A 42 -3.88 9.64 -7.94
C GLY A 42 -2.84 9.68 -9.04
N GLY A 43 -2.11 8.60 -9.17
CA GLY A 43 -1.12 8.46 -10.22
C GLY A 43 0.16 9.20 -9.94
N ASN A 44 0.77 9.70 -11.02
CA ASN A 44 2.14 10.29 -11.11
C ASN A 44 2.77 10.73 -9.79
N GLU A 45 2.18 11.68 -9.11
CA GLU A 45 2.75 12.24 -7.88
C GLU A 45 2.95 11.20 -6.78
N GLN A 46 1.90 10.54 -6.38
CA GLN A 46 2.01 9.53 -5.33
C GLN A 46 2.54 8.22 -5.87
N LYS A 47 2.42 8.03 -7.15
CA LYS A 47 2.81 6.80 -7.79
C LYS A 47 4.34 6.70 -7.93
N GLN A 48 5.01 7.83 -7.96
CA GLN A 48 6.48 7.84 -8.04
C GLN A 48 7.06 7.68 -6.64
N ALA A 49 6.26 8.07 -5.67
CA ALA A 49 6.61 8.08 -4.28
C ALA A 49 6.95 6.72 -3.79
N VAL A 50 6.08 5.82 -4.15
CA VAL A 50 6.06 4.44 -3.70
C VAL A 50 7.41 3.73 -3.86
N LYS A 51 8.18 4.12 -4.85
CA LYS A 51 9.44 3.46 -5.12
C LYS A 51 10.47 3.87 -4.09
N GLU A 52 10.43 5.13 -3.71
CA GLU A 52 11.30 5.69 -2.77
C GLU A 52 10.76 5.45 -1.35
N ALA A 53 9.45 5.30 -1.26
CA ALA A 53 8.76 4.98 -0.03
C ALA A 53 9.01 3.53 0.37
N GLY A 54 9.25 2.69 -0.62
CA GLY A 54 9.59 1.31 -0.33
C GLY A 54 8.47 0.34 -0.60
N ALA A 55 7.77 0.54 -1.71
CA ALA A 55 6.67 -0.34 -2.09
C ALA A 55 7.12 -1.73 -2.42
N LEU A 56 8.34 -1.87 -2.92
CA LEU A 56 8.90 -3.16 -3.30
C LEU A 56 9.00 -4.08 -2.08
N GLU A 57 9.50 -3.53 -1.00
CA GLU A 57 9.61 -4.24 0.25
C GLU A 57 8.24 -4.56 0.80
N LYS A 58 7.36 -3.57 0.71
CA LYS A 58 5.98 -3.72 1.16
C LYS A 58 5.30 -4.85 0.40
N LEU A 59 5.53 -4.90 -0.90
CA LEU A 59 5.07 -5.93 -1.77
C LEU A 59 5.56 -7.28 -1.31
N GLU A 60 6.87 -7.39 -1.13
CA GLU A 60 7.54 -8.59 -0.70
C GLU A 60 6.87 -9.18 0.56
N GLN A 61 6.46 -8.32 1.47
CA GLN A 61 5.82 -8.72 2.69
C GLN A 61 4.40 -9.21 2.42
N LEU A 62 3.62 -8.34 1.81
CA LEU A 62 2.20 -8.58 1.56
C LEU A 62 1.95 -9.68 0.56
N GLN A 63 2.92 -9.98 -0.21
CA GLN A 63 2.86 -11.13 -1.12
C GLN A 63 2.68 -12.46 -0.39
N SER A 64 2.98 -12.47 0.90
CA SER A 64 2.81 -13.64 1.74
C SER A 64 1.36 -13.70 2.30
N HIS A 65 0.46 -13.02 1.62
CA HIS A 65 -0.97 -12.96 1.96
C HIS A 65 -1.65 -14.33 1.81
N GLU A 66 -2.69 -14.52 2.56
CA GLU A 66 -3.51 -15.71 2.50
C GLU A 66 -4.83 -15.33 1.83
N ASN A 67 -5.16 -14.06 1.94
CA ASN A 67 -6.40 -13.50 1.40
C ASN A 67 -6.27 -13.21 -0.07
N GLU A 68 -7.29 -13.63 -0.75
CA GLU A 68 -7.37 -13.63 -2.15
C GLU A 68 -7.60 -12.21 -2.74
N LYS A 69 -8.29 -11.37 -1.99
CA LYS A 69 -8.62 -10.03 -2.42
C LYS A 69 -7.38 -9.18 -2.37
N ILE A 70 -6.56 -9.49 -1.40
CA ILE A 70 -5.34 -8.80 -1.15
C ILE A 70 -4.35 -8.98 -2.29
N GLN A 71 -4.51 -10.04 -3.07
CA GLN A 71 -3.70 -10.29 -4.20
C GLN A 71 -3.84 -9.14 -5.19
N LYS A 72 -5.08 -8.87 -5.53
CA LYS A 72 -5.44 -7.83 -6.47
C LYS A 72 -5.01 -6.46 -5.95
N GLU A 73 -5.17 -6.26 -4.66
CA GLU A 73 -4.81 -4.99 -4.04
C GLU A 73 -3.29 -4.83 -3.90
N ALA A 74 -2.57 -5.94 -3.85
CA ALA A 74 -1.11 -5.90 -3.82
C ALA A 74 -0.59 -5.62 -5.22
N GLN A 75 -1.32 -6.11 -6.21
CA GLN A 75 -0.98 -5.88 -7.61
C GLN A 75 -1.09 -4.40 -7.96
N GLU A 76 -1.86 -3.66 -7.17
CA GLU A 76 -2.13 -2.26 -7.42
C GLU A 76 -0.83 -1.42 -7.50
N ALA A 77 -0.06 -1.37 -6.42
CA ALA A 77 1.17 -0.56 -6.39
C ALA A 77 2.23 -1.20 -7.24
N LEU A 78 2.15 -2.53 -7.37
CA LEU A 78 3.08 -3.34 -8.14
C LEU A 78 3.12 -2.79 -9.55
N GLU A 79 1.97 -2.85 -10.14
CA GLU A 79 1.65 -2.43 -11.39
C GLU A 79 2.03 -1.00 -11.64
N LYS A 80 1.48 -0.17 -10.83
CA LYS A 80 1.61 1.21 -10.90
C LYS A 80 3.05 1.72 -10.77
N LEU A 81 3.88 1.11 -9.91
CA LEU A 81 5.20 1.55 -9.76
C LEU A 81 6.05 1.13 -10.93
N GLN A 82 5.77 -0.05 -11.48
CA GLN A 82 6.55 -0.57 -12.56
C GLN A 82 6.52 0.37 -13.75
N SER A 83 7.68 0.88 -14.09
CA SER A 83 7.82 1.81 -15.17
C SER A 83 7.48 1.14 -16.50
N HIS A 84 6.68 1.82 -17.29
CA HIS A 84 6.26 1.36 -18.58
C HIS A 84 6.06 2.58 -19.45
N GLY A 1 16.11 13.56 -5.61
CA GLY A 1 16.26 13.82 -4.19
C GLY A 1 15.84 12.62 -3.39
N ASN A 2 15.52 12.82 -2.15
CA ASN A 2 15.08 11.74 -1.29
C ASN A 2 13.80 12.17 -0.64
N GLU A 3 12.98 11.23 -0.27
CA GLU A 3 11.76 11.56 0.40
C GLU A 3 11.93 11.52 1.90
N GLN A 4 10.90 11.91 2.60
CA GLN A 4 10.94 11.96 4.03
C GLN A 4 10.67 10.58 4.58
N ILE A 5 11.71 9.76 4.63
CA ILE A 5 11.58 8.44 5.18
C ILE A 5 11.32 8.53 6.67
N GLN A 6 10.10 8.25 7.02
CA GLN A 6 9.61 8.33 8.37
C GLN A 6 9.66 6.97 9.02
N ALA A 7 9.39 6.94 10.30
CA ALA A 7 9.36 5.72 11.07
C ALA A 7 7.96 5.10 11.02
N VAL A 8 7.66 4.21 11.95
CA VAL A 8 6.35 3.60 12.02
C VAL A 8 5.36 4.59 12.61
N ILE A 9 4.77 5.35 11.74
CA ILE A 9 3.84 6.39 12.05
C ILE A 9 3.17 6.71 10.73
N ASP A 10 1.98 7.28 10.76
CA ASP A 10 1.36 7.68 9.52
C ASP A 10 1.67 9.14 9.29
N ALA A 11 1.09 9.99 10.14
CA ALA A 11 1.24 11.44 10.10
C ALA A 11 0.81 12.04 8.77
N GLY A 12 1.72 12.13 7.82
CA GLY A 12 1.35 12.68 6.55
C GLY A 12 2.53 12.98 5.67
N ALA A 13 3.02 11.95 5.03
CA ALA A 13 4.11 12.04 4.09
C ALA A 13 4.01 10.86 3.17
N LEU A 14 4.88 10.79 2.20
CA LEU A 14 4.83 9.73 1.19
C LEU A 14 4.99 8.29 1.72
N PRO A 15 6.03 7.95 2.54
CA PRO A 15 6.21 6.58 3.07
C PRO A 15 5.00 6.04 3.84
N ALA A 16 4.13 6.92 4.29
CA ALA A 16 2.96 6.50 5.03
C ALA A 16 2.06 5.61 4.18
N LEU A 17 2.06 5.84 2.86
CA LEU A 17 1.25 5.05 1.95
C LEU A 17 1.85 3.65 1.76
N VAL A 18 3.15 3.51 1.98
CA VAL A 18 3.79 2.21 1.85
C VAL A 18 3.65 1.40 3.10
N GLN A 19 3.63 2.10 4.22
CA GLN A 19 3.69 1.47 5.53
C GLN A 19 2.64 0.40 5.73
N LEU A 20 1.42 0.68 5.31
CA LEU A 20 0.30 -0.23 5.49
C LEU A 20 0.46 -1.51 4.68
N LEU A 21 1.26 -1.47 3.62
CA LEU A 21 1.41 -2.59 2.68
C LEU A 21 2.00 -3.79 3.36
N SER A 22 2.83 -3.54 4.30
CA SER A 22 3.50 -4.57 4.98
C SER A 22 2.74 -4.99 6.26
N SER A 23 1.42 -4.76 6.27
CA SER A 23 0.55 -4.95 7.41
C SER A 23 0.73 -6.29 8.20
N PRO A 24 0.33 -6.27 9.49
CA PRO A 24 0.34 -7.46 10.39
C PRO A 24 -0.84 -8.35 10.03
N ASN A 25 -1.80 -7.71 9.42
CA ASN A 25 -3.07 -8.19 9.22
C ASN A 25 -3.47 -7.81 7.84
N GLU A 26 -3.70 -8.78 7.00
CA GLU A 26 -4.19 -8.58 5.65
C GLU A 26 -5.48 -7.75 5.72
N GLN A 27 -6.21 -7.97 6.77
CA GLN A 27 -7.44 -7.30 7.05
C GLN A 27 -7.22 -5.79 7.31
N ILE A 28 -6.32 -5.44 8.24
CA ILE A 28 -6.09 -4.03 8.59
C ILE A 28 -5.49 -3.29 7.40
N LEU A 29 -4.80 -4.05 6.53
CA LEU A 29 -4.23 -3.57 5.28
C LEU A 29 -5.34 -2.93 4.47
N GLN A 30 -6.43 -3.69 4.29
CA GLN A 30 -7.58 -3.28 3.50
C GLN A 30 -8.26 -2.09 4.11
N GLU A 31 -8.23 -2.05 5.41
CA GLU A 31 -8.83 -0.97 6.16
C GLU A 31 -8.13 0.34 5.91
N ALA A 32 -6.83 0.33 5.98
CA ALA A 32 -6.07 1.52 5.67
C ALA A 32 -6.09 1.80 4.17
N LEU A 33 -6.01 0.73 3.38
CA LEU A 33 -6.03 0.84 1.91
C LEU A 33 -7.29 1.47 1.42
N TRP A 34 -8.37 1.31 2.14
CA TRP A 34 -9.66 1.89 1.76
C TRP A 34 -9.49 3.38 1.45
N ALA A 35 -8.70 4.04 2.26
CA ALA A 35 -8.35 5.41 2.02
C ALA A 35 -7.12 5.49 1.08
N LEU A 36 -6.05 4.80 1.48
CA LEU A 36 -4.74 4.86 0.81
C LEU A 36 -4.69 4.33 -0.63
N SER A 37 -5.64 3.56 -1.03
CA SER A 37 -5.71 3.03 -2.38
C SER A 37 -5.91 4.18 -3.40
N ASN A 38 -6.43 5.31 -2.91
CA ASN A 38 -6.68 6.51 -3.71
C ASN A 38 -5.37 7.03 -4.32
N ILE A 39 -4.27 6.66 -3.70
CA ILE A 39 -2.91 6.98 -4.17
C ILE A 39 -2.71 6.61 -5.67
N ALA A 40 -3.40 5.58 -6.12
CA ALA A 40 -3.25 5.11 -7.50
C ALA A 40 -3.99 6.00 -8.51
N SER A 41 -4.91 6.80 -8.02
CA SER A 41 -5.69 7.68 -8.87
C SER A 41 -4.79 8.80 -9.41
N GLY A 42 -3.87 9.24 -8.59
CA GLY A 42 -2.96 10.25 -8.98
C GLY A 42 -1.77 9.65 -9.68
N GLY A 43 -1.21 10.37 -10.59
CA GLY A 43 -0.09 9.84 -11.32
C GLY A 43 1.12 10.70 -11.21
N ASN A 44 1.21 11.47 -10.15
CA ASN A 44 2.37 12.34 -9.99
C ASN A 44 3.23 11.93 -8.80
N GLU A 45 3.14 12.70 -7.73
CA GLU A 45 3.99 12.51 -6.55
C GLU A 45 3.61 11.25 -5.81
N GLN A 46 2.33 10.99 -5.73
CA GLN A 46 1.78 9.82 -5.06
C GLN A 46 2.16 8.51 -5.80
N LYS A 47 2.36 8.60 -7.09
CA LYS A 47 2.68 7.43 -7.90
C LYS A 47 4.18 7.10 -7.81
N GLN A 48 5.01 8.12 -7.74
CA GLN A 48 6.48 7.95 -7.71
C GLN A 48 6.96 7.64 -6.27
N ALA A 49 6.12 8.04 -5.33
CA ALA A 49 6.34 7.91 -3.89
C ALA A 49 6.69 6.52 -3.48
N VAL A 50 6.07 5.62 -4.14
CA VAL A 50 6.14 4.23 -3.82
C VAL A 50 7.58 3.68 -4.05
N LYS A 51 8.27 4.22 -5.04
CA LYS A 51 9.62 3.78 -5.33
C LYS A 51 10.56 4.48 -4.35
N GLU A 52 10.14 5.64 -3.93
CA GLU A 52 10.83 6.49 -3.04
C GLU A 52 10.76 6.02 -1.60
N ALA A 53 9.63 5.47 -1.24
CA ALA A 53 9.40 4.99 0.11
C ALA A 53 9.99 3.61 0.30
N GLY A 54 9.90 2.79 -0.71
CA GLY A 54 10.39 1.45 -0.61
C GLY A 54 9.24 0.46 -0.67
N ALA A 55 8.49 0.52 -1.75
CA ALA A 55 7.32 -0.30 -1.90
C ALA A 55 7.63 -1.71 -2.31
N LEU A 56 8.78 -1.94 -2.92
CA LEU A 56 9.14 -3.28 -3.37
C LEU A 56 9.26 -4.20 -2.17
N GLU A 57 10.01 -3.75 -1.18
CA GLU A 57 10.22 -4.52 0.04
C GLU A 57 8.94 -4.60 0.87
N LYS A 58 8.12 -3.57 0.81
CA LYS A 58 6.85 -3.56 1.48
C LYS A 58 5.88 -4.54 0.84
N LEU A 59 5.92 -4.62 -0.49
CA LEU A 59 5.08 -5.51 -1.28
C LEU A 59 5.42 -6.96 -0.99
N GLU A 60 6.72 -7.24 -0.94
CA GLU A 60 7.28 -8.56 -0.71
C GLU A 60 6.64 -9.26 0.48
N GLN A 61 6.40 -8.52 1.54
CA GLN A 61 5.83 -9.06 2.76
C GLN A 61 4.41 -9.54 2.49
N LEU A 62 3.64 -8.67 1.87
CA LEU A 62 2.24 -8.92 1.55
C LEU A 62 2.09 -9.99 0.47
N GLN A 63 3.15 -10.26 -0.21
CA GLN A 63 3.20 -11.37 -1.17
C GLN A 63 2.97 -12.73 -0.49
N SER A 64 3.11 -12.78 0.83
CA SER A 64 2.88 -13.97 1.62
C SER A 64 1.40 -14.01 2.10
N HIS A 65 0.55 -13.30 1.39
CA HIS A 65 -0.88 -13.24 1.70
C HIS A 65 -1.55 -14.58 1.51
N GLU A 66 -2.55 -14.82 2.29
CA GLU A 66 -3.35 -16.01 2.19
C GLU A 66 -4.70 -15.63 1.65
N ASN A 67 -5.09 -14.41 1.91
CA ASN A 67 -6.39 -13.92 1.55
C ASN A 67 -6.45 -13.54 0.13
N GLU A 68 -7.53 -13.93 -0.42
CA GLU A 68 -7.84 -13.84 -1.78
C GLU A 68 -8.08 -12.40 -2.24
N LYS A 69 -8.64 -11.58 -1.35
CA LYS A 69 -8.98 -10.22 -1.71
C LYS A 69 -7.75 -9.36 -1.70
N ILE A 70 -6.74 -9.85 -1.02
CA ILE A 70 -5.50 -9.17 -0.81
C ILE A 70 -4.65 -9.16 -2.08
N GLN A 71 -4.89 -10.08 -2.98
CA GLN A 71 -4.11 -10.15 -4.21
C GLN A 71 -4.19 -8.83 -4.99
N LYS A 72 -5.38 -8.29 -5.07
CA LYS A 72 -5.65 -7.00 -5.69
C LYS A 72 -4.94 -5.93 -4.88
N GLU A 73 -5.04 -6.04 -3.59
CA GLU A 73 -4.47 -5.08 -2.65
C GLU A 73 -2.93 -5.09 -2.69
N ALA A 74 -2.36 -6.17 -3.19
CA ALA A 74 -0.94 -6.26 -3.39
C ALA A 74 -0.58 -5.61 -4.73
N GLN A 75 -1.38 -5.91 -5.75
CA GLN A 75 -1.20 -5.32 -7.08
C GLN A 75 -1.37 -3.80 -7.03
N GLU A 76 -2.08 -3.35 -6.01
CA GLU A 76 -2.30 -1.94 -5.70
C GLU A 76 -1.00 -1.13 -5.79
N ALA A 77 0.02 -1.57 -5.09
CA ALA A 77 1.28 -0.86 -5.10
C ALA A 77 2.14 -1.28 -6.27
N LEU A 78 1.99 -2.53 -6.66
CA LEU A 78 2.77 -3.18 -7.70
C LEU A 78 2.66 -2.41 -9.00
N GLU A 79 1.44 -2.35 -9.46
CA GLU A 79 1.03 -1.79 -10.64
C GLU A 79 1.49 -0.35 -10.80
N LYS A 80 1.14 0.38 -9.82
CA LYS A 80 1.38 1.75 -9.65
C LYS A 80 2.85 2.16 -9.86
N LEU A 81 3.80 1.34 -9.42
CA LEU A 81 5.16 1.69 -9.54
C LEU A 81 5.76 1.25 -10.86
N GLN A 82 5.15 0.25 -11.47
CA GLN A 82 5.68 -0.37 -12.70
C GLN A 82 5.95 0.64 -13.79
N SER A 83 7.07 0.47 -14.46
CA SER A 83 7.41 1.32 -15.56
C SER A 83 6.44 1.03 -16.71
N HIS A 84 5.88 2.06 -17.25
CA HIS A 84 4.89 1.96 -18.28
C HIS A 84 4.88 3.31 -18.97
N GLY A 1 -7.88 -9.19 24.35
CA GLY A 1 -7.40 -7.81 24.23
C GLY A 1 -6.92 -7.51 22.84
N ASN A 2 -7.84 -7.41 21.91
CA ASN A 2 -7.49 -7.12 20.53
C ASN A 2 -8.35 -5.99 20.03
N GLU A 3 -7.78 -4.83 20.00
CA GLU A 3 -8.49 -3.65 19.57
C GLU A 3 -8.31 -3.45 18.08
N GLN A 4 -7.04 -3.48 17.64
CA GLN A 4 -6.65 -3.25 16.24
C GLN A 4 -7.12 -1.88 15.77
N ILE A 5 -6.35 -0.88 16.11
CA ILE A 5 -6.69 0.47 15.72
C ILE A 5 -6.33 0.73 14.26
N GLN A 6 -7.27 0.47 13.41
CA GLN A 6 -7.13 0.67 11.98
C GLN A 6 -7.04 2.15 11.65
N ALA A 7 -5.84 2.60 11.38
CA ALA A 7 -5.58 3.98 11.14
C ALA A 7 -5.95 4.39 9.72
N VAL A 8 -7.11 4.99 9.59
CA VAL A 8 -7.55 5.55 8.34
C VAL A 8 -7.04 6.98 8.24
N ILE A 9 -5.87 7.12 7.68
CA ILE A 9 -5.21 8.41 7.63
C ILE A 9 -5.19 8.97 6.21
N ASP A 10 -5.21 10.28 6.12
CA ASP A 10 -5.09 10.97 4.86
C ASP A 10 -3.61 11.08 4.54
N ALA A 11 -3.13 10.24 3.69
CA ALA A 11 -1.72 10.24 3.37
C ALA A 11 -1.49 10.75 1.97
N GLY A 12 -0.41 11.45 1.79
CA GLY A 12 -0.03 11.93 0.48
C GLY A 12 1.07 11.06 -0.07
N ALA A 13 2.03 11.65 -0.73
CA ALA A 13 3.16 10.91 -1.27
C ALA A 13 4.21 10.69 -0.19
N LEU A 14 3.85 9.87 0.75
CA LEU A 14 4.68 9.56 1.88
C LEU A 14 4.69 8.05 2.07
N PRO A 15 5.72 7.47 2.74
CA PRO A 15 5.86 6.02 2.99
C PRO A 15 4.64 5.38 3.63
N ALA A 16 3.79 6.18 4.25
CA ALA A 16 2.59 5.67 4.89
C ALA A 16 1.75 4.81 3.93
N LEU A 17 1.78 5.16 2.63
CA LEU A 17 1.05 4.42 1.61
C LEU A 17 1.61 3.01 1.47
N VAL A 18 2.91 2.90 1.64
CA VAL A 18 3.59 1.66 1.49
C VAL A 18 3.51 0.85 2.75
N GLN A 19 3.26 1.55 3.82
CA GLN A 19 3.22 0.94 5.10
C GLN A 19 2.06 -0.04 5.23
N LEU A 20 0.92 0.28 4.63
CA LEU A 20 -0.20 -0.63 4.67
C LEU A 20 -0.01 -1.77 3.69
N LEU A 21 0.86 -1.55 2.71
CA LEU A 21 1.18 -2.57 1.71
C LEU A 21 2.00 -3.62 2.34
N SER A 22 2.60 -3.26 3.41
CA SER A 22 3.48 -4.11 4.04
C SER A 22 2.96 -4.42 5.46
N SER A 23 1.66 -4.25 5.64
CA SER A 23 0.98 -4.34 6.91
C SER A 23 1.30 -5.60 7.75
N PRO A 24 1.10 -5.49 9.09
CA PRO A 24 1.30 -6.61 10.04
C PRO A 24 0.14 -7.59 9.89
N ASN A 25 -0.95 -7.02 9.49
CA ASN A 25 -2.21 -7.59 9.54
C ASN A 25 -2.81 -7.45 8.16
N GLU A 26 -3.44 -8.49 7.67
CA GLU A 26 -4.15 -8.41 6.40
C GLU A 26 -5.38 -7.50 6.57
N GLN A 27 -5.91 -7.51 7.78
CA GLN A 27 -7.06 -6.72 8.16
C GLN A 27 -6.79 -5.25 8.08
N ILE A 28 -5.77 -4.82 8.80
CA ILE A 28 -5.48 -3.40 8.94
C ILE A 28 -5.18 -2.76 7.59
N LEU A 29 -4.69 -3.58 6.66
CA LEU A 29 -4.46 -3.15 5.29
C LEU A 29 -5.80 -2.80 4.66
N GLN A 30 -6.66 -3.79 4.57
CA GLN A 30 -7.97 -3.67 3.91
C GLN A 30 -8.93 -2.72 4.61
N GLU A 31 -8.87 -2.70 5.90
CA GLU A 31 -9.75 -1.84 6.67
C GLU A 31 -9.32 -0.36 6.61
N ALA A 32 -8.02 -0.11 6.52
CA ALA A 32 -7.55 1.28 6.36
C ALA A 32 -7.58 1.67 4.89
N LEU A 33 -7.54 0.65 4.05
CA LEU A 33 -7.49 0.72 2.59
C LEU A 33 -8.57 1.61 2.06
N TRP A 34 -9.71 1.51 2.66
CA TRP A 34 -10.88 2.29 2.29
C TRP A 34 -10.54 3.76 2.09
N ALA A 35 -9.79 4.31 3.00
CA ALA A 35 -9.38 5.67 2.89
C ALA A 35 -8.10 5.78 2.04
N LEU A 36 -7.12 4.96 2.39
CA LEU A 36 -5.77 4.96 1.79
C LEU A 36 -5.72 4.62 0.29
N SER A 37 -6.75 3.98 -0.21
CA SER A 37 -6.84 3.56 -1.61
C SER A 37 -6.76 4.77 -2.57
N ASN A 38 -7.06 5.97 -2.05
CA ASN A 38 -6.97 7.24 -2.81
C ASN A 38 -5.58 7.39 -3.45
N ILE A 39 -4.58 6.79 -2.80
CA ILE A 39 -3.19 6.79 -3.28
C ILE A 39 -3.10 6.21 -4.70
N ALA A 40 -3.69 5.05 -4.88
CA ALA A 40 -3.62 4.36 -6.15
C ALA A 40 -4.70 4.84 -7.11
N SER A 41 -5.82 5.28 -6.54
CA SER A 41 -6.93 5.79 -7.32
C SER A 41 -6.54 7.13 -7.98
N GLY A 42 -5.73 7.89 -7.28
CA GLY A 42 -5.21 9.12 -7.80
C GLY A 42 -3.73 9.02 -7.90
N GLY A 43 -3.29 8.08 -8.69
CA GLY A 43 -1.91 7.77 -8.81
C GLY A 43 -1.15 8.75 -9.65
N ASN A 44 -0.76 9.84 -9.06
CA ASN A 44 0.11 10.77 -9.76
C ASN A 44 1.46 10.80 -9.05
N GLU A 45 1.58 11.64 -8.05
CA GLU A 45 2.83 11.72 -7.29
C GLU A 45 2.90 10.56 -6.31
N GLN A 46 1.75 10.17 -5.88
CA GLN A 46 1.57 9.12 -4.90
C GLN A 46 1.92 7.75 -5.51
N LYS A 47 1.88 7.70 -6.83
CA LYS A 47 2.13 6.49 -7.58
C LYS A 47 3.64 6.23 -7.73
N GLN A 48 4.42 7.27 -7.82
CA GLN A 48 5.88 7.15 -7.99
C GLN A 48 6.59 7.12 -6.62
N ALA A 49 5.91 7.70 -5.63
CA ALA A 49 6.35 7.83 -4.21
C ALA A 49 6.78 6.51 -3.62
N VAL A 50 6.15 5.49 -4.11
CA VAL A 50 6.36 4.12 -3.71
C VAL A 50 7.85 3.73 -3.69
N LYS A 51 8.62 4.28 -4.61
CA LYS A 51 9.98 3.87 -4.76
C LYS A 51 10.86 4.60 -3.77
N GLU A 52 10.44 5.79 -3.44
CA GLU A 52 11.05 6.61 -2.46
C GLU A 52 10.81 6.00 -1.07
N ALA A 53 9.67 5.35 -0.94
CA ALA A 53 9.29 4.69 0.30
C ALA A 53 9.98 3.33 0.46
N GLY A 54 10.13 2.60 -0.62
CA GLY A 54 10.75 1.29 -0.55
C GLY A 54 9.74 0.19 -0.77
N ALA A 55 8.86 0.39 -1.75
CA ALA A 55 7.73 -0.51 -2.06
C ALA A 55 8.15 -1.92 -2.39
N LEU A 56 9.38 -2.10 -2.82
CA LEU A 56 9.88 -3.42 -3.23
C LEU A 56 9.74 -4.45 -2.11
N GLU A 57 10.32 -4.16 -0.95
CA GLU A 57 10.28 -5.09 0.18
C GLU A 57 8.88 -5.17 0.79
N LYS A 58 8.18 -4.06 0.71
CA LYS A 58 6.85 -3.90 1.26
C LYS A 58 5.89 -4.85 0.56
N LEU A 59 5.99 -4.86 -0.75
CA LEU A 59 5.17 -5.70 -1.61
C LEU A 59 5.44 -7.16 -1.25
N GLU A 60 6.71 -7.50 -1.09
CA GLU A 60 7.14 -8.81 -0.81
C GLU A 60 6.68 -9.33 0.56
N GLN A 61 6.47 -8.43 1.52
CA GLN A 61 5.94 -8.81 2.82
C GLN A 61 4.54 -9.35 2.65
N LEU A 62 3.72 -8.52 2.04
CA LEU A 62 2.35 -8.84 1.80
C LEU A 62 2.15 -9.98 0.80
N GLN A 63 3.18 -10.33 0.05
CA GLN A 63 3.13 -11.51 -0.85
C GLN A 63 2.75 -12.80 -0.13
N SER A 64 2.83 -12.79 1.19
CA SER A 64 2.44 -13.92 2.00
C SER A 64 0.93 -13.88 2.33
N HIS A 65 0.21 -13.00 1.66
CA HIS A 65 -1.24 -12.80 1.86
C HIS A 65 -2.04 -14.06 1.54
N GLU A 66 -3.05 -14.26 2.29
CA GLU A 66 -3.99 -15.32 2.09
C GLU A 66 -5.28 -14.71 1.57
N ASN A 67 -5.49 -13.45 1.95
CA ASN A 67 -6.65 -12.66 1.56
C ASN A 67 -6.67 -12.40 0.09
N GLU A 68 -7.85 -12.59 -0.42
CA GLU A 68 -8.14 -12.58 -1.79
C GLU A 68 -8.27 -11.14 -2.33
N LYS A 69 -8.61 -10.22 -1.46
CA LYS A 69 -8.82 -8.84 -1.86
C LYS A 69 -7.48 -8.15 -1.99
N ILE A 70 -6.57 -8.55 -1.10
CA ILE A 70 -5.23 -7.99 -1.04
C ILE A 70 -4.44 -8.22 -2.35
N GLN A 71 -4.88 -9.23 -3.12
CA GLN A 71 -4.37 -9.54 -4.46
C GLN A 71 -4.21 -8.26 -5.31
N LYS A 72 -5.13 -7.32 -5.13
CA LYS A 72 -5.14 -6.10 -5.90
C LYS A 72 -3.97 -5.23 -5.48
N GLU A 73 -3.96 -4.84 -4.23
CA GLU A 73 -2.95 -3.97 -3.62
C GLU A 73 -1.51 -4.45 -3.84
N ALA A 74 -1.23 -5.72 -3.54
CA ALA A 74 0.09 -6.30 -3.82
C ALA A 74 0.50 -6.10 -5.30
N GLN A 75 -0.44 -6.33 -6.20
CA GLN A 75 -0.21 -6.15 -7.63
C GLN A 75 -0.26 -4.69 -8.05
N GLU A 76 -0.95 -3.89 -7.27
CA GLU A 76 -1.14 -2.48 -7.54
C GLU A 76 0.19 -1.76 -7.54
N ALA A 77 0.91 -1.80 -6.43
CA ALA A 77 2.19 -1.09 -6.32
C ALA A 77 3.21 -1.69 -7.27
N LEU A 78 3.05 -2.99 -7.53
CA LEU A 78 3.91 -3.75 -8.42
C LEU A 78 3.90 -3.10 -9.77
N GLU A 79 2.71 -2.99 -10.27
CA GLU A 79 2.39 -2.45 -11.46
C GLU A 79 2.73 -0.98 -11.55
N LYS A 80 2.16 -0.27 -10.65
CA LYS A 80 2.18 1.14 -10.61
C LYS A 80 3.55 1.79 -10.47
N LEU A 81 4.54 1.10 -9.95
CA LEU A 81 5.82 1.67 -9.87
C LEU A 81 6.54 1.54 -11.21
N GLN A 82 6.18 0.49 -11.92
CA GLN A 82 6.86 0.11 -13.13
C GLN A 82 6.54 1.03 -14.28
N SER A 83 7.44 1.07 -15.24
CA SER A 83 7.15 1.65 -16.49
C SER A 83 6.21 0.63 -17.13
N HIS A 84 5.11 1.05 -17.62
CA HIS A 84 4.14 0.08 -18.04
C HIS A 84 3.29 0.67 -19.13
N GLY A 1 -4.21 4.42 13.92
CA GLY A 1 -4.62 5.46 12.99
C GLY A 1 -4.87 4.88 11.63
N ASN A 2 -6.12 4.65 11.31
CA ASN A 2 -6.49 4.07 10.03
C ASN A 2 -6.65 5.15 8.99
N GLU A 3 -7.29 6.24 9.39
CA GLU A 3 -7.47 7.37 8.51
C GLU A 3 -6.28 8.30 8.72
N GLN A 4 -5.21 8.01 8.04
CA GLN A 4 -3.98 8.75 8.23
C GLN A 4 -3.90 9.93 7.27
N ILE A 5 -2.81 10.64 7.33
CA ILE A 5 -2.58 11.74 6.44
C ILE A 5 -2.07 11.21 5.11
N GLN A 6 -2.82 11.44 4.06
CA GLN A 6 -2.47 10.93 2.76
C GLN A 6 -2.29 12.05 1.75
N ALA A 7 -3.11 13.06 1.85
CA ALA A 7 -3.02 14.18 0.95
C ALA A 7 -2.17 15.25 1.58
N VAL A 8 -0.90 14.95 1.68
CA VAL A 8 0.05 15.83 2.27
C VAL A 8 1.43 15.60 1.65
N ILE A 9 2.03 16.65 1.20
CA ILE A 9 3.34 16.57 0.63
C ILE A 9 4.38 16.82 1.71
N ASP A 10 4.99 15.74 2.13
CA ASP A 10 6.04 15.74 3.13
C ASP A 10 6.87 14.49 2.93
N ALA A 11 8.17 14.60 3.10
CA ALA A 11 9.10 13.50 2.87
C ALA A 11 8.83 12.28 3.76
N GLY A 12 8.21 12.50 4.90
CA GLY A 12 7.92 11.40 5.81
C GLY A 12 6.58 10.77 5.51
N ALA A 13 5.79 11.44 4.70
CA ALA A 13 4.47 10.96 4.35
C ALA A 13 4.56 9.86 3.29
N LEU A 14 5.57 9.94 2.43
CA LEU A 14 5.73 8.94 1.37
C LEU A 14 5.89 7.49 1.92
N PRO A 15 6.79 7.22 2.90
CA PRO A 15 6.88 5.90 3.53
C PRO A 15 5.54 5.47 4.15
N ALA A 16 4.78 6.43 4.67
CA ALA A 16 3.52 6.13 5.34
C ALA A 16 2.50 5.53 4.40
N LEU A 17 2.56 5.92 3.14
CA LEU A 17 1.63 5.36 2.16
C LEU A 17 2.02 3.92 1.79
N VAL A 18 3.29 3.61 1.94
CA VAL A 18 3.76 2.28 1.66
C VAL A 18 3.57 1.36 2.85
N GLN A 19 3.54 1.97 4.01
CA GLN A 19 3.50 1.25 5.26
C GLN A 19 2.31 0.29 5.36
N LEU A 20 1.17 0.71 4.86
CA LEU A 20 -0.05 -0.10 4.93
C LEU A 20 0.04 -1.34 4.06
N LEU A 21 0.97 -1.34 3.10
CA LEU A 21 1.15 -2.49 2.22
C LEU A 21 1.83 -3.56 2.99
N SER A 22 2.63 -3.13 3.91
CA SER A 22 3.46 -3.99 4.67
C SER A 22 2.80 -4.30 6.04
N SER A 23 1.50 -4.17 6.07
CA SER A 23 0.63 -4.37 7.21
C SER A 23 0.84 -5.74 7.95
N PRO A 24 0.36 -5.80 9.21
CA PRO A 24 0.41 -7.03 10.07
C PRO A 24 -0.63 -8.04 9.59
N ASN A 25 -1.64 -7.46 9.02
CA ASN A 25 -2.85 -8.06 8.68
C ASN A 25 -3.16 -7.53 7.35
N GLU A 26 -3.28 -8.38 6.39
CA GLU A 26 -3.61 -7.91 5.05
C GLU A 26 -5.04 -7.32 5.08
N GLN A 27 -5.79 -7.78 6.02
CA GLN A 27 -7.15 -7.37 6.25
C GLN A 27 -7.22 -5.90 6.68
N ILE A 28 -6.40 -5.52 7.67
CA ILE A 28 -6.38 -4.14 8.16
C ILE A 28 -5.91 -3.22 7.04
N LEU A 29 -5.13 -3.78 6.12
CA LEU A 29 -4.66 -3.09 4.93
C LEU A 29 -5.83 -2.63 4.10
N GLN A 30 -6.80 -3.50 3.87
CA GLN A 30 -7.94 -3.14 3.05
C GLN A 30 -8.80 -2.11 3.74
N GLU A 31 -8.90 -2.22 5.03
CA GLU A 31 -9.67 -1.27 5.82
C GLU A 31 -9.00 0.10 5.85
N ALA A 32 -7.67 0.12 5.90
CA ALA A 32 -6.93 1.37 5.83
C ALA A 32 -7.02 1.93 4.42
N LEU A 33 -6.99 1.02 3.45
CA LEU A 33 -7.05 1.37 2.04
C LEU A 33 -8.31 2.07 1.70
N TRP A 34 -9.37 1.81 2.41
CA TRP A 34 -10.62 2.47 2.14
C TRP A 34 -10.46 3.97 2.04
N ALA A 35 -9.77 4.54 2.98
CA ALA A 35 -9.48 5.93 2.93
C ALA A 35 -8.20 6.16 2.09
N LEU A 36 -7.17 5.41 2.46
CA LEU A 36 -5.79 5.55 1.95
C LEU A 36 -5.60 5.23 0.45
N SER A 37 -6.54 4.51 -0.16
CA SER A 37 -6.49 4.15 -1.58
C SER A 37 -6.39 5.39 -2.49
N ASN A 38 -6.77 6.58 -1.96
CA ASN A 38 -6.63 7.86 -2.68
C ASN A 38 -5.18 8.06 -3.14
N ILE A 39 -4.25 7.45 -2.40
CA ILE A 39 -2.82 7.46 -2.76
C ILE A 39 -2.62 6.77 -4.11
N ALA A 40 -3.08 5.53 -4.22
CA ALA A 40 -2.89 4.73 -5.42
C ALA A 40 -3.73 5.27 -6.58
N SER A 41 -4.75 6.01 -6.24
CA SER A 41 -5.58 6.67 -7.21
C SER A 41 -4.92 7.97 -7.69
N GLY A 42 -3.87 8.38 -7.00
CA GLY A 42 -3.19 9.59 -7.32
C GLY A 42 -1.95 9.34 -8.12
N GLY A 43 -2.14 9.19 -9.43
CA GLY A 43 -1.02 8.96 -10.34
C GLY A 43 -0.01 10.08 -10.30
N ASN A 44 -0.48 11.25 -9.95
CA ASN A 44 0.37 12.43 -9.82
C ASN A 44 0.95 12.47 -8.41
N GLU A 45 2.28 12.54 -8.32
CA GLU A 45 3.04 12.68 -7.06
C GLU A 45 3.04 11.46 -6.12
N GLN A 46 1.89 10.86 -5.90
CA GLN A 46 1.81 9.75 -4.97
C GLN A 46 2.37 8.47 -5.58
N LYS A 47 2.18 8.30 -6.86
CA LYS A 47 2.56 7.07 -7.54
C LYS A 47 4.10 6.91 -7.69
N GLN A 48 4.85 8.00 -7.60
CA GLN A 48 6.31 7.94 -7.77
C GLN A 48 6.98 7.66 -6.41
N ALA A 49 6.24 7.92 -5.38
CA ALA A 49 6.67 7.81 -4.00
C ALA A 49 6.90 6.40 -3.63
N VAL A 50 6.08 5.57 -4.15
CA VAL A 50 6.04 4.17 -3.81
C VAL A 50 7.40 3.48 -4.07
N LYS A 51 8.09 3.92 -5.12
CA LYS A 51 9.37 3.35 -5.49
C LYS A 51 10.39 3.79 -4.44
N GLU A 52 10.28 5.04 -4.09
CA GLU A 52 11.11 5.72 -3.15
C GLU A 52 10.89 5.24 -1.71
N ALA A 53 9.66 4.94 -1.39
CA ALA A 53 9.27 4.45 -0.09
C ALA A 53 9.68 2.99 0.10
N GLY A 54 9.87 2.31 -1.01
CA GLY A 54 10.31 0.94 -0.96
C GLY A 54 9.17 -0.04 -1.09
N ALA A 55 8.23 0.28 -1.98
CA ALA A 55 7.04 -0.55 -2.20
C ALA A 55 7.36 -1.95 -2.65
N LEU A 56 8.54 -2.14 -3.21
CA LEU A 56 8.96 -3.46 -3.63
C LEU A 56 9.15 -4.36 -2.42
N GLU A 57 9.93 -3.87 -1.48
CA GLU A 57 10.21 -4.54 -0.23
C GLU A 57 8.95 -4.74 0.61
N LYS A 58 8.10 -3.73 0.60
CA LYS A 58 6.87 -3.73 1.33
C LYS A 58 5.87 -4.74 0.72
N LEU A 59 5.93 -4.86 -0.60
CA LEU A 59 5.06 -5.72 -1.36
C LEU A 59 5.33 -7.19 -0.99
N GLU A 60 6.62 -7.53 -0.85
CA GLU A 60 7.06 -8.85 -0.54
C GLU A 60 6.49 -9.35 0.80
N GLN A 61 6.22 -8.42 1.69
CA GLN A 61 5.69 -8.73 3.00
C GLN A 61 4.25 -9.17 2.85
N LEU A 62 3.51 -8.39 2.11
CA LEU A 62 2.11 -8.63 1.83
C LEU A 62 1.93 -9.85 0.93
N GLN A 63 2.95 -10.17 0.18
CA GLN A 63 2.98 -11.38 -0.66
C GLN A 63 2.77 -12.67 0.15
N SER A 64 3.01 -12.64 1.43
CA SER A 64 2.81 -13.80 2.27
C SER A 64 1.34 -13.87 2.75
N HIS A 65 0.52 -13.03 2.12
CA HIS A 65 -0.92 -12.90 2.38
C HIS A 65 -1.64 -14.21 2.52
N GLU A 66 -2.50 -14.27 3.48
CA GLU A 66 -3.32 -15.41 3.72
C GLU A 66 -4.62 -15.19 2.99
N ASN A 67 -5.03 -13.93 2.96
CA ASN A 67 -6.28 -13.54 2.30
C ASN A 67 -6.14 -13.60 0.83
N GLU A 68 -7.17 -14.08 0.24
CA GLU A 68 -7.25 -14.40 -1.12
C GLU A 68 -7.48 -13.15 -2.00
N LYS A 69 -8.14 -12.13 -1.46
CA LYS A 69 -8.46 -10.94 -2.22
C LYS A 69 -7.23 -10.08 -2.36
N ILE A 70 -6.46 -10.10 -1.29
CA ILE A 70 -5.25 -9.31 -1.08
C ILE A 70 -4.25 -9.32 -2.24
N GLN A 71 -4.29 -10.36 -3.04
CA GLN A 71 -3.41 -10.48 -4.19
C GLN A 71 -3.53 -9.23 -5.09
N LYS A 72 -4.77 -8.80 -5.26
CA LYS A 72 -5.14 -7.64 -6.06
C LYS A 72 -4.57 -6.36 -5.45
N GLU A 73 -4.46 -6.34 -4.15
CA GLU A 73 -4.00 -5.17 -3.41
C GLU A 73 -2.47 -5.05 -3.53
N ALA A 74 -1.81 -6.20 -3.58
CA ALA A 74 -0.36 -6.24 -3.74
C ALA A 74 0.01 -5.80 -5.15
N GLN A 75 -0.75 -6.30 -6.13
CA GLN A 75 -0.57 -5.97 -7.53
C GLN A 75 -0.79 -4.49 -7.79
N GLU A 76 -1.57 -3.84 -6.94
CA GLU A 76 -1.96 -2.43 -7.09
C GLU A 76 -0.73 -1.52 -7.27
N ALA A 77 0.21 -1.63 -6.34
CA ALA A 77 1.41 -0.79 -6.37
C ALA A 77 2.41 -1.32 -7.38
N LEU A 78 2.44 -2.65 -7.53
CA LEU A 78 3.34 -3.37 -8.43
C LEU A 78 3.23 -2.76 -9.81
N GLU A 79 2.03 -2.83 -10.28
CA GLU A 79 1.56 -2.38 -11.48
C GLU A 79 1.95 -0.94 -11.76
N LYS A 80 1.52 -0.12 -10.89
CA LYS A 80 1.62 1.27 -10.99
C LYS A 80 3.01 1.88 -10.77
N LEU A 81 3.89 1.22 -10.03
CA LEU A 81 5.17 1.74 -9.85
C LEU A 81 6.04 1.45 -11.04
N GLN A 82 5.78 0.33 -11.67
CA GLN A 82 6.55 -0.05 -12.81
C GLN A 82 6.26 0.89 -13.96
N SER A 83 7.32 1.36 -14.61
CA SER A 83 7.23 2.35 -15.68
C SER A 83 6.26 1.92 -16.78
N HIS A 84 5.37 2.83 -17.11
CA HIS A 84 4.32 2.64 -18.09
C HIS A 84 3.59 3.96 -18.25
N GLY A 1 -14.00 12.64 23.06
CA GLY A 1 -12.86 11.87 23.52
C GLY A 1 -11.70 12.05 22.59
N ASN A 2 -10.50 12.04 23.10
CA ASN A 2 -9.32 12.19 22.28
C ASN A 2 -8.46 10.97 22.38
N GLU A 3 -8.71 10.04 21.49
CA GLU A 3 -7.97 8.81 21.42
C GLU A 3 -8.22 8.20 20.05
N GLN A 4 -7.21 7.57 19.51
CA GLN A 4 -7.30 6.96 18.23
C GLN A 4 -7.28 5.46 18.39
N ILE A 5 -8.43 4.86 18.26
CA ILE A 5 -8.56 3.43 18.37
C ILE A 5 -8.27 2.81 17.01
N GLN A 6 -7.07 2.25 16.91
CA GLN A 6 -6.55 1.63 15.68
C GLN A 6 -6.50 2.63 14.54
N ALA A 7 -5.44 3.37 14.50
CA ALA A 7 -5.22 4.35 13.47
C ALA A 7 -3.78 4.28 13.06
N VAL A 8 -3.50 4.56 11.82
CA VAL A 8 -2.15 4.57 11.34
C VAL A 8 -1.51 5.89 11.77
N ILE A 9 -0.86 5.86 12.90
CA ILE A 9 -0.17 7.02 13.40
C ILE A 9 1.20 7.03 12.79
N ASP A 10 1.30 7.74 11.70
CA ASP A 10 2.52 7.81 10.94
C ASP A 10 3.42 8.93 11.42
N ALA A 11 4.55 9.06 10.77
CA ALA A 11 5.55 10.03 11.16
C ALA A 11 5.51 11.30 10.30
N GLY A 12 4.53 11.40 9.43
CA GLY A 12 4.43 12.57 8.57
C GLY A 12 5.41 12.50 7.42
N ALA A 13 5.54 11.34 6.84
CA ALA A 13 6.46 11.11 5.75
C ALA A 13 5.76 10.22 4.73
N LEU A 14 6.17 10.28 3.48
CA LEU A 14 5.50 9.54 2.41
C LEU A 14 5.46 8.00 2.57
N PRO A 15 6.48 7.30 3.18
CA PRO A 15 6.37 5.86 3.48
C PRO A 15 5.10 5.48 4.22
N ALA A 16 4.45 6.45 4.85
CA ALA A 16 3.23 6.21 5.62
C ALA A 16 2.16 5.54 4.79
N LEU A 17 2.07 5.92 3.54
CA LEU A 17 1.08 5.38 2.64
C LEU A 17 1.45 3.94 2.23
N VAL A 18 2.74 3.66 2.27
CA VAL A 18 3.24 2.36 1.95
C VAL A 18 3.21 1.41 3.14
N GLN A 19 3.17 2.01 4.31
CA GLN A 19 3.23 1.28 5.57
C GLN A 19 2.15 0.23 5.69
N LEU A 20 0.98 0.64 5.31
CA LEU A 20 -0.21 -0.24 5.31
C LEU A 20 -0.07 -1.39 4.34
N LEU A 21 0.80 -1.26 3.35
CA LEU A 21 1.02 -2.25 2.36
C LEU A 21 1.97 -3.35 2.87
N SER A 22 2.54 -3.13 4.03
CA SER A 22 3.48 -4.05 4.60
C SER A 22 2.93 -4.58 5.94
N SER A 23 1.64 -4.42 6.11
CA SER A 23 0.94 -4.84 7.29
C SER A 23 0.91 -6.38 7.41
N PRO A 24 0.88 -6.92 8.65
CA PRO A 24 0.65 -8.37 8.88
C PRO A 24 -0.85 -8.63 8.69
N ASN A 25 -1.57 -7.55 8.94
CA ASN A 25 -2.92 -7.46 9.03
C ASN A 25 -3.51 -7.10 7.73
N GLU A 26 -3.61 -8.12 6.93
CA GLU A 26 -4.18 -8.11 5.60
C GLU A 26 -5.55 -7.45 5.59
N GLN A 27 -6.30 -7.78 6.62
CA GLN A 27 -7.62 -7.24 6.79
C GLN A 27 -7.56 -5.73 6.94
N ILE A 28 -6.71 -5.22 7.85
CA ILE A 28 -6.67 -3.79 8.07
C ILE A 28 -5.98 -3.09 6.92
N LEU A 29 -5.07 -3.82 6.24
CA LEU A 29 -4.44 -3.34 5.02
C LEU A 29 -5.52 -2.83 4.08
N GLN A 30 -6.47 -3.72 3.77
CA GLN A 30 -7.64 -3.43 2.94
C GLN A 30 -8.41 -2.22 3.46
N GLU A 31 -8.76 -2.29 4.73
CA GLU A 31 -9.57 -1.26 5.40
C GLU A 31 -8.89 0.11 5.40
N ALA A 32 -7.58 0.13 5.49
CA ALA A 32 -6.85 1.39 5.47
C ALA A 32 -6.60 1.85 4.05
N LEU A 33 -6.41 0.90 3.13
CA LEU A 33 -6.15 1.20 1.74
C LEU A 33 -7.24 2.03 1.16
N TRP A 34 -8.46 1.76 1.58
CA TRP A 34 -9.62 2.47 1.09
C TRP A 34 -9.49 3.97 1.25
N ALA A 35 -8.94 4.38 2.37
CA ALA A 35 -8.76 5.78 2.64
C ALA A 35 -7.45 6.29 2.05
N LEU A 36 -6.42 5.49 2.17
CA LEU A 36 -5.06 5.85 1.75
C LEU A 36 -4.82 5.82 0.24
N SER A 37 -5.67 5.11 -0.46
CA SER A 37 -5.55 4.89 -1.90
C SER A 37 -5.55 6.18 -2.73
N ASN A 38 -6.08 7.23 -2.12
CA ASN A 38 -6.16 8.61 -2.68
C ASN A 38 -4.82 9.05 -3.26
N ILE A 39 -3.74 8.55 -2.65
CA ILE A 39 -2.36 8.83 -3.07
C ILE A 39 -2.19 8.56 -4.58
N ALA A 40 -2.73 7.46 -5.02
CA ALA A 40 -2.62 7.07 -6.38
C ALA A 40 -3.69 7.74 -7.23
N SER A 41 -4.83 8.01 -6.61
CA SER A 41 -5.94 8.66 -7.29
C SER A 41 -5.55 10.06 -7.75
N GLY A 42 -4.73 10.73 -6.98
CA GLY A 42 -4.21 12.00 -7.36
C GLY A 42 -2.71 11.91 -7.53
N GLY A 43 -2.28 10.78 -8.04
CA GLY A 43 -0.88 10.48 -8.14
C GLY A 43 -0.25 10.88 -9.45
N ASN A 44 -0.37 12.14 -9.80
CA ASN A 44 0.27 12.66 -11.01
C ASN A 44 1.75 12.69 -10.80
N GLU A 45 2.13 13.12 -9.61
CA GLU A 45 3.50 13.14 -9.19
C GLU A 45 3.64 12.36 -7.89
N GLN A 46 2.69 12.60 -6.96
CA GLN A 46 2.67 12.02 -5.60
C GLN A 46 2.90 10.50 -5.57
N LYS A 47 2.46 9.81 -6.60
CA LYS A 47 2.59 8.36 -6.69
C LYS A 47 4.08 7.93 -6.66
N GLN A 48 4.99 8.85 -6.96
CA GLN A 48 6.46 8.64 -6.91
C GLN A 48 6.89 8.01 -5.58
N ALA A 49 6.13 8.33 -4.55
CA ALA A 49 6.30 7.91 -3.18
C ALA A 49 6.53 6.45 -3.07
N VAL A 50 5.70 5.73 -3.75
CA VAL A 50 5.59 4.31 -3.61
C VAL A 50 6.83 3.61 -4.17
N LYS A 51 7.49 4.24 -5.12
CA LYS A 51 8.66 3.66 -5.73
C LYS A 51 9.87 3.92 -4.84
N GLU A 52 9.90 5.12 -4.27
CA GLU A 52 10.97 5.57 -3.48
C GLU A 52 10.93 4.95 -2.09
N ALA A 53 9.76 4.98 -1.45
CA ALA A 53 9.57 4.40 -0.13
C ALA A 53 9.80 2.90 -0.20
N GLY A 54 9.42 2.33 -1.32
CA GLY A 54 9.69 0.95 -1.54
C GLY A 54 8.50 0.08 -1.35
N ALA A 55 7.48 0.27 -2.17
CA ALA A 55 6.28 -0.55 -2.15
C ALA A 55 6.60 -1.98 -2.53
N LEU A 56 7.73 -2.15 -3.23
CA LEU A 56 8.21 -3.43 -3.69
C LEU A 56 8.48 -4.36 -2.50
N GLU A 57 9.22 -3.87 -1.49
CA GLU A 57 9.53 -4.69 -0.32
C GLU A 57 8.29 -4.94 0.52
N LYS A 58 7.38 -3.96 0.53
CA LYS A 58 6.14 -4.03 1.27
C LYS A 58 5.30 -5.14 0.70
N LEU A 59 5.28 -5.17 -0.62
CA LEU A 59 4.58 -6.15 -1.41
C LEU A 59 5.10 -7.54 -1.06
N GLU A 60 6.43 -7.69 -1.01
CA GLU A 60 7.04 -8.94 -0.71
C GLU A 60 6.73 -9.41 0.72
N GLN A 61 6.54 -8.48 1.64
CA GLN A 61 6.13 -8.80 2.99
C GLN A 61 4.74 -9.40 2.93
N LEU A 62 3.89 -8.67 2.24
CA LEU A 62 2.50 -9.00 2.06
C LEU A 62 2.29 -10.25 1.21
N GLN A 63 3.31 -10.64 0.50
CA GLN A 63 3.30 -11.90 -0.27
C GLN A 63 3.02 -13.14 0.60
N SER A 64 3.33 -13.06 1.88
CA SER A 64 3.07 -14.17 2.80
C SER A 64 1.64 -14.13 3.35
N HIS A 65 0.79 -13.46 2.61
CA HIS A 65 -0.64 -13.32 2.88
C HIS A 65 -1.36 -14.66 2.90
N GLU A 66 -2.49 -14.69 3.54
CA GLU A 66 -3.34 -15.86 3.60
C GLU A 66 -4.66 -15.57 2.86
N ASN A 67 -4.95 -14.30 2.69
CA ASN A 67 -6.17 -13.86 2.03
C ASN A 67 -5.97 -13.78 0.56
N GLU A 68 -7.00 -14.14 -0.10
CA GLU A 68 -7.01 -14.33 -1.49
C GLU A 68 -7.10 -13.00 -2.25
N LYS A 69 -7.65 -11.98 -1.62
CA LYS A 69 -7.80 -10.69 -2.27
C LYS A 69 -6.51 -9.95 -2.25
N ILE A 70 -5.83 -10.12 -1.15
CA ILE A 70 -4.60 -9.44 -0.81
C ILE A 70 -3.52 -9.53 -1.91
N GLN A 71 -3.55 -10.60 -2.67
CA GLN A 71 -2.60 -10.79 -3.74
C GLN A 71 -2.82 -9.77 -4.85
N LYS A 72 -4.07 -9.49 -5.09
CA LYS A 72 -4.46 -8.48 -6.05
C LYS A 72 -3.96 -7.14 -5.54
N GLU A 73 -4.26 -6.85 -4.27
CA GLU A 73 -3.78 -5.63 -3.60
C GLU A 73 -2.26 -5.46 -3.74
N ALA A 74 -1.53 -6.55 -3.60
CA ALA A 74 -0.08 -6.57 -3.78
C ALA A 74 0.28 -6.23 -5.24
N GLN A 75 -0.31 -6.98 -6.17
CA GLN A 75 -0.06 -6.79 -7.61
C GLN A 75 -0.52 -5.40 -8.07
N GLU A 76 -1.50 -4.86 -7.38
CA GLU A 76 -2.04 -3.54 -7.65
C GLU A 76 -0.94 -2.51 -7.51
N ALA A 77 -0.26 -2.51 -6.36
CA ALA A 77 0.82 -1.55 -6.11
C ALA A 77 1.97 -1.76 -7.08
N LEU A 78 2.27 -3.04 -7.32
CA LEU A 78 3.33 -3.48 -8.25
C LEU A 78 3.21 -2.78 -9.57
N GLU A 79 2.09 -3.06 -10.16
CA GLU A 79 1.71 -2.68 -11.40
C GLU A 79 1.68 -1.19 -11.57
N LYS A 80 0.97 -0.61 -10.70
CA LYS A 80 0.72 0.78 -10.62
C LYS A 80 2.00 1.64 -10.57
N LEU A 81 3.04 1.18 -9.88
CA LEU A 81 4.24 1.91 -9.80
C LEU A 81 5.17 1.57 -10.96
N GLN A 82 5.17 0.32 -11.34
CA GLN A 82 6.05 -0.15 -12.38
C GLN A 82 5.52 0.23 -13.74
N SER A 83 6.37 0.20 -14.72
CA SER A 83 5.95 0.45 -16.06
C SER A 83 5.08 -0.72 -16.52
N HIS A 84 3.94 -0.41 -17.05
CA HIS A 84 3.00 -1.42 -17.46
C HIS A 84 2.87 -1.38 -18.96
N GLY A 1 9.88 -14.30 12.63
CA GLY A 1 9.06 -13.98 13.79
C GLY A 1 7.76 -13.40 13.34
N ASN A 2 6.67 -13.88 13.90
CA ASN A 2 5.36 -13.41 13.52
C ASN A 2 4.94 -12.32 14.45
N GLU A 3 5.08 -11.11 14.02
CA GLU A 3 4.69 -9.98 14.81
C GLU A 3 3.37 -9.45 14.32
N GLN A 4 2.50 -9.14 15.23
CA GLN A 4 1.19 -8.68 14.89
C GLN A 4 0.87 -7.40 15.62
N ILE A 5 0.72 -6.34 14.87
CA ILE A 5 0.22 -5.11 15.41
C ILE A 5 -1.29 -5.11 15.17
N GLN A 6 -2.02 -4.30 15.85
CA GLN A 6 -3.46 -4.32 15.75
C GLN A 6 -3.95 -3.62 14.49
N ALA A 7 -3.72 -2.34 14.38
CA ALA A 7 -4.17 -1.60 13.23
C ALA A 7 -3.29 -0.40 12.99
N VAL A 8 -2.94 -0.18 11.76
CA VAL A 8 -2.14 0.94 11.36
C VAL A 8 -2.78 1.59 10.13
N ILE A 9 -3.24 2.79 10.32
CA ILE A 9 -3.85 3.55 9.27
C ILE A 9 -3.48 5.02 9.45
N ASP A 10 -2.43 5.40 8.78
CA ASP A 10 -1.87 6.73 8.92
C ASP A 10 -1.31 7.21 7.61
N ALA A 11 -1.72 8.40 7.24
CA ALA A 11 -1.22 9.02 6.04
C ALA A 11 -0.63 10.35 6.41
N GLY A 12 0.36 10.76 5.67
CA GLY A 12 0.99 12.02 5.94
C GLY A 12 2.32 12.09 5.28
N ALA A 13 3.16 11.16 5.59
CA ALA A 13 4.47 11.07 5.00
C ALA A 13 4.44 10.15 3.80
N LEU A 14 5.48 10.19 2.98
CA LEU A 14 5.57 9.31 1.82
C LEU A 14 5.61 7.80 2.20
N PRO A 15 6.50 7.35 3.14
CA PRO A 15 6.49 5.95 3.61
C PRO A 15 5.15 5.57 4.23
N ALA A 16 4.46 6.53 4.79
CA ALA A 16 3.21 6.29 5.50
C ALA A 16 2.15 5.69 4.61
N LEU A 17 2.12 6.09 3.36
CA LEU A 17 1.12 5.58 2.44
C LEU A 17 1.42 4.11 2.11
N VAL A 18 2.70 3.76 2.15
CA VAL A 18 3.14 2.42 1.84
C VAL A 18 3.08 1.49 3.04
N GLN A 19 3.12 2.08 4.21
CA GLN A 19 3.24 1.34 5.47
C GLN A 19 2.24 0.20 5.63
N LEU A 20 1.05 0.44 5.17
CA LEU A 20 -0.04 -0.49 5.26
C LEU A 20 0.09 -1.65 4.29
N LEU A 21 0.97 -1.53 3.31
CA LEU A 21 1.17 -2.58 2.32
C LEU A 21 2.01 -3.68 2.92
N SER A 22 2.69 -3.37 3.99
CA SER A 22 3.58 -4.29 4.57
C SER A 22 3.01 -4.84 5.88
N SER A 23 1.74 -4.55 6.14
CA SER A 23 1.06 -4.91 7.34
C SER A 23 1.07 -6.44 7.58
N PRO A 24 1.08 -6.87 8.85
CA PRO A 24 0.93 -8.30 9.21
C PRO A 24 -0.54 -8.67 9.05
N ASN A 25 -1.33 -7.62 9.17
CA ASN A 25 -2.70 -7.61 9.24
C ASN A 25 -3.31 -7.31 7.91
N GLU A 26 -3.39 -8.35 7.11
CA GLU A 26 -3.95 -8.31 5.76
C GLU A 26 -5.36 -7.69 5.78
N GLN A 27 -6.10 -7.98 6.84
CA GLN A 27 -7.43 -7.42 7.01
C GLN A 27 -7.38 -5.90 7.11
N ILE A 28 -6.54 -5.36 8.02
CA ILE A 28 -6.55 -3.91 8.22
C ILE A 28 -5.90 -3.22 7.06
N LEU A 29 -4.98 -3.93 6.39
CA LEU A 29 -4.38 -3.46 5.15
C LEU A 29 -5.48 -3.01 4.19
N GLN A 30 -6.47 -3.88 4.02
CA GLN A 30 -7.58 -3.64 3.12
C GLN A 30 -8.38 -2.45 3.56
N GLU A 31 -8.60 -2.39 4.85
CA GLU A 31 -9.38 -1.33 5.47
C GLU A 31 -8.73 0.04 5.26
N ALA A 32 -7.43 0.08 5.44
CA ALA A 32 -6.69 1.31 5.30
C ALA A 32 -6.54 1.71 3.86
N LEU A 33 -6.45 0.72 2.99
CA LEU A 33 -6.27 0.94 1.57
C LEU A 33 -7.33 1.84 0.99
N TRP A 34 -8.53 1.74 1.51
CA TRP A 34 -9.64 2.55 1.05
C TRP A 34 -9.30 4.04 1.00
N ALA A 35 -8.76 4.54 2.08
CA ALA A 35 -8.43 5.94 2.17
C ALA A 35 -7.04 6.19 1.57
N LEU A 36 -6.15 5.26 1.80
CA LEU A 36 -4.75 5.39 1.39
C LEU A 36 -4.50 5.21 -0.10
N SER A 37 -5.35 4.48 -0.75
CA SER A 37 -5.21 4.22 -2.17
C SER A 37 -5.41 5.50 -2.99
N ASN A 38 -6.09 6.50 -2.38
CA ASN A 38 -6.44 7.75 -3.07
C ASN A 38 -5.20 8.52 -3.44
N ILE A 39 -4.15 8.31 -2.68
CA ILE A 39 -2.88 8.97 -2.93
C ILE A 39 -2.33 8.43 -4.24
N ALA A 40 -2.19 7.11 -4.31
CA ALA A 40 -1.64 6.43 -5.47
C ALA A 40 -2.51 6.62 -6.72
N SER A 41 -3.78 6.98 -6.51
CA SER A 41 -4.71 7.25 -7.61
C SER A 41 -4.23 8.45 -8.45
N GLY A 42 -3.36 9.26 -7.87
CA GLY A 42 -2.73 10.32 -8.61
C GLY A 42 -1.58 9.72 -9.40
N GLY A 43 -1.92 9.03 -10.47
CA GLY A 43 -0.97 8.29 -11.28
C GLY A 43 -0.10 9.15 -12.16
N ASN A 44 0.50 10.14 -11.57
CA ASN A 44 1.43 11.03 -12.25
C ASN A 44 2.36 11.66 -11.24
N GLU A 45 1.78 12.39 -10.31
CA GLU A 45 2.58 13.11 -9.35
C GLU A 45 2.77 12.38 -8.03
N GLN A 46 1.76 11.69 -7.58
CA GLN A 46 1.87 10.89 -6.37
C GLN A 46 2.53 9.54 -6.64
N LYS A 47 2.51 9.13 -7.88
CA LYS A 47 2.88 7.76 -8.25
C LYS A 47 4.36 7.38 -8.00
N GLN A 48 5.27 8.33 -8.01
CA GLN A 48 6.69 8.00 -7.80
C GLN A 48 6.99 7.77 -6.32
N ALA A 49 6.09 8.26 -5.47
CA ALA A 49 6.21 8.21 -4.00
C ALA A 49 6.52 6.84 -3.53
N VAL A 50 5.85 5.92 -4.12
CA VAL A 50 5.81 4.55 -3.74
C VAL A 50 7.20 3.87 -3.87
N LYS A 51 8.02 4.38 -4.79
CA LYS A 51 9.34 3.82 -5.00
C LYS A 51 10.27 4.35 -3.93
N GLU A 52 10.03 5.58 -3.53
CA GLU A 52 10.77 6.25 -2.55
C GLU A 52 10.36 5.74 -1.16
N ALA A 53 9.09 5.40 -1.04
CA ALA A 53 8.52 4.85 0.17
C ALA A 53 9.01 3.43 0.41
N GLY A 54 9.41 2.77 -0.67
CA GLY A 54 9.94 1.44 -0.57
C GLY A 54 8.88 0.39 -0.70
N ALA A 55 7.93 0.62 -1.63
CA ALA A 55 6.81 -0.31 -1.89
C ALA A 55 7.26 -1.73 -2.21
N LEU A 56 8.49 -1.85 -2.67
CA LEU A 56 9.07 -3.14 -3.04
C LEU A 56 9.13 -4.10 -1.85
N GLU A 57 9.79 -3.69 -0.78
CA GLU A 57 9.94 -4.55 0.40
C GLU A 57 8.62 -4.71 1.14
N LYS A 58 7.74 -3.75 0.95
CA LYS A 58 6.45 -3.76 1.55
C LYS A 58 5.60 -4.83 0.87
N LEU A 59 5.62 -4.77 -0.47
CA LEU A 59 4.88 -5.68 -1.30
C LEU A 59 5.32 -7.11 -1.07
N GLU A 60 6.62 -7.32 -0.87
CA GLU A 60 7.21 -8.62 -0.66
C GLU A 60 6.48 -9.41 0.43
N GLN A 61 6.21 -8.74 1.54
CA GLN A 61 5.60 -9.36 2.71
C GLN A 61 4.19 -9.76 2.37
N LEU A 62 3.53 -8.88 1.68
CA LEU A 62 2.15 -9.05 1.31
C LEU A 62 2.01 -10.08 0.18
N GLN A 63 3.04 -10.22 -0.61
CA GLN A 63 3.09 -11.27 -1.64
C GLN A 63 3.10 -12.67 -1.01
N SER A 64 3.54 -12.72 0.23
CA SER A 64 3.54 -13.93 1.03
C SER A 64 2.20 -14.06 1.80
N HIS A 65 1.19 -13.37 1.25
CA HIS A 65 -0.20 -13.30 1.74
C HIS A 65 -0.76 -14.67 2.13
N GLU A 66 -1.67 -14.65 3.05
CA GLU A 66 -2.36 -15.82 3.47
C GLU A 66 -3.82 -15.71 3.05
N ASN A 67 -4.30 -14.49 2.86
CA ASN A 67 -5.67 -14.26 2.40
C ASN A 67 -5.72 -14.22 0.92
N GLU A 68 -6.73 -14.80 0.44
CA GLU A 68 -6.93 -15.04 -0.93
C GLU A 68 -7.30 -13.74 -1.71
N LYS A 69 -8.07 -12.86 -1.08
CA LYS A 69 -8.57 -11.64 -1.74
C LYS A 69 -7.50 -10.57 -1.77
N ILE A 70 -6.53 -10.73 -0.91
CA ILE A 70 -5.39 -9.84 -0.76
C ILE A 70 -4.62 -9.61 -2.11
N GLN A 71 -4.71 -10.55 -3.04
CA GLN A 71 -4.08 -10.41 -4.37
C GLN A 71 -4.62 -9.19 -5.12
N LYS A 72 -5.88 -8.88 -4.91
CA LYS A 72 -6.53 -7.76 -5.56
C LYS A 72 -6.04 -6.44 -4.96
N GLU A 73 -5.53 -6.53 -3.75
CA GLU A 73 -5.06 -5.36 -3.02
C GLU A 73 -3.60 -5.09 -3.41
N ALA A 74 -2.80 -6.16 -3.44
CA ALA A 74 -1.35 -6.13 -3.75
C ALA A 74 -1.05 -5.41 -5.05
N GLN A 75 -1.85 -5.72 -6.06
CA GLN A 75 -1.70 -5.19 -7.39
C GLN A 75 -1.76 -3.68 -7.49
N GLU A 76 -2.31 -3.02 -6.49
CA GLU A 76 -2.53 -1.58 -6.54
C GLU A 76 -1.21 -0.80 -6.75
N ALA A 77 -0.27 -0.93 -5.83
CA ALA A 77 0.99 -0.21 -5.96
C ALA A 77 1.92 -0.93 -6.95
N LEU A 78 1.68 -2.23 -7.14
CA LEU A 78 2.43 -3.10 -8.03
C LEU A 78 2.45 -2.46 -9.39
N GLU A 79 1.26 -2.29 -9.86
CA GLU A 79 0.90 -1.74 -11.06
C GLU A 79 1.59 -0.44 -11.35
N LYS A 80 1.35 0.43 -10.47
CA LYS A 80 1.75 1.76 -10.53
C LYS A 80 3.26 2.00 -10.50
N LEU A 81 4.01 1.20 -9.76
CA LEU A 81 5.39 1.41 -9.72
C LEU A 81 6.10 0.64 -10.84
N GLN A 82 5.63 -0.57 -11.10
CA GLN A 82 6.27 -1.45 -12.04
C GLN A 82 6.11 -1.01 -13.49
N SER A 83 7.12 -1.28 -14.25
CA SER A 83 7.17 -0.94 -15.64
C SER A 83 6.30 -1.89 -16.45
N HIS A 84 5.46 -1.34 -17.29
CA HIS A 84 4.65 -2.11 -18.18
C HIS A 84 5.02 -1.70 -19.58
N GLY A 1 -6.02 -13.54 17.76
CA GLY A 1 -5.28 -12.36 18.21
C GLY A 1 -6.10 -11.11 18.04
N ASN A 2 -5.47 -9.97 18.24
CA ASN A 2 -6.14 -8.69 18.14
C ASN A 2 -5.42 -7.79 17.18
N GLU A 3 -6.12 -7.33 16.18
CA GLU A 3 -5.57 -6.46 15.18
C GLU A 3 -5.95 -5.04 15.49
N GLN A 4 -5.23 -4.11 14.93
CA GLN A 4 -5.49 -2.72 15.16
C GLN A 4 -6.02 -2.09 13.89
N ILE A 5 -7.08 -1.34 14.01
CA ILE A 5 -7.70 -0.71 12.87
C ILE A 5 -7.47 0.81 12.94
N GLN A 6 -7.39 1.47 11.81
CA GLN A 6 -7.24 2.91 11.78
C GLN A 6 -8.60 3.53 11.80
N ALA A 7 -8.70 4.70 12.37
CA ALA A 7 -9.95 5.41 12.43
C ALA A 7 -10.25 5.98 11.06
N VAL A 8 -9.39 6.88 10.62
CA VAL A 8 -9.46 7.52 9.31
C VAL A 8 -8.38 8.60 9.27
N ILE A 9 -7.88 8.89 8.07
CA ILE A 9 -6.85 9.92 7.83
C ILE A 9 -5.46 9.48 8.28
N ASP A 10 -4.60 9.31 7.33
CA ASP A 10 -3.21 8.97 7.56
C ASP A 10 -2.42 9.88 6.64
N ALA A 11 -1.12 9.87 6.74
CA ALA A 11 -0.28 10.73 5.95
C ALA A 11 -0.11 10.16 4.54
N GLY A 12 -0.77 10.78 3.59
CA GLY A 12 -0.71 10.33 2.21
C GLY A 12 0.44 10.97 1.47
N ALA A 13 1.61 10.90 2.06
CA ALA A 13 2.82 11.46 1.52
C ALA A 13 3.95 10.80 2.25
N LEU A 14 5.14 10.77 1.65
CA LEU A 14 6.32 10.14 2.27
C LEU A 14 6.10 8.60 2.41
N PRO A 15 7.07 7.83 3.00
CA PRO A 15 6.88 6.39 3.27
C PRO A 15 5.61 6.05 4.04
N ALA A 16 5.02 7.02 4.69
CA ALA A 16 3.82 6.79 5.47
C ALA A 16 2.68 6.19 4.62
N LEU A 17 2.65 6.51 3.32
CA LEU A 17 1.64 5.97 2.45
C LEU A 17 1.93 4.51 2.07
N VAL A 18 3.20 4.14 2.08
CA VAL A 18 3.58 2.78 1.72
C VAL A 18 3.45 1.85 2.89
N GLN A 19 3.60 2.42 4.06
CA GLN A 19 3.66 1.66 5.28
C GLN A 19 2.44 0.75 5.52
N LEU A 20 1.28 1.19 5.07
CA LEU A 20 0.04 0.44 5.24
C LEU A 20 -0.02 -0.80 4.37
N LEU A 21 0.88 -0.89 3.41
CA LEU A 21 0.94 -2.02 2.47
C LEU A 21 1.53 -3.22 3.14
N SER A 22 2.44 -2.96 4.02
CA SER A 22 3.18 -3.97 4.62
C SER A 22 2.59 -4.42 6.00
N SER A 23 1.32 -4.19 6.23
CA SER A 23 0.71 -4.47 7.49
C SER A 23 0.57 -6.00 7.73
N PRO A 24 0.65 -6.46 9.01
CA PRO A 24 0.54 -7.92 9.39
C PRO A 24 -0.91 -8.40 9.30
N ASN A 25 -1.74 -7.44 9.49
CA ASN A 25 -3.09 -7.51 9.65
C ASN A 25 -3.74 -7.40 8.33
N GLU A 26 -3.78 -8.54 7.66
CA GLU A 26 -4.33 -8.71 6.32
C GLU A 26 -5.68 -8.04 6.16
N GLN A 27 -6.46 -8.06 7.19
CA GLN A 27 -7.76 -7.47 7.18
C GLN A 27 -7.68 -5.96 7.17
N ILE A 28 -6.90 -5.37 8.10
CA ILE A 28 -6.89 -3.92 8.18
C ILE A 28 -6.08 -3.37 7.03
N LEU A 29 -5.15 -4.19 6.55
CA LEU A 29 -4.36 -3.95 5.36
C LEU A 29 -5.29 -3.62 4.22
N GLN A 30 -6.23 -4.52 3.95
CA GLN A 30 -7.23 -4.37 2.91
C GLN A 30 -8.08 -3.11 3.09
N GLU A 31 -8.46 -2.87 4.31
CA GLU A 31 -9.28 -1.70 4.63
C GLU A 31 -8.50 -0.39 4.47
N ALA A 32 -7.25 -0.40 4.87
CA ALA A 32 -6.37 0.75 4.76
C ALA A 32 -5.89 0.92 3.36
N LEU A 33 -5.83 -0.16 2.64
CA LEU A 33 -5.36 -0.24 1.26
C LEU A 33 -6.12 0.77 0.42
N TRP A 34 -7.38 0.94 0.72
CA TRP A 34 -8.21 1.97 0.08
C TRP A 34 -7.55 3.36 0.21
N ALA A 35 -6.92 3.62 1.33
CA ALA A 35 -6.30 4.89 1.60
C ALA A 35 -5.04 5.07 0.75
N LEU A 36 -4.13 4.06 0.72
CA LEU A 36 -2.91 4.24 -0.12
C LEU A 36 -3.28 4.20 -1.60
N SER A 37 -4.41 3.64 -1.86
CA SER A 37 -4.95 3.49 -3.17
C SER A 37 -5.43 4.86 -3.70
N ASN A 38 -5.81 5.77 -2.78
CA ASN A 38 -6.33 7.13 -3.15
C ASN A 38 -5.21 7.90 -3.83
N ILE A 39 -4.02 7.59 -3.38
CA ILE A 39 -2.77 8.13 -3.86
C ILE A 39 -2.60 7.91 -5.38
N ALA A 40 -3.15 6.82 -5.90
CA ALA A 40 -2.99 6.49 -7.32
C ALA A 40 -3.94 7.30 -8.19
N SER A 41 -4.98 7.86 -7.58
CA SER A 41 -5.94 8.67 -8.33
C SER A 41 -5.37 10.06 -8.61
N GLY A 42 -4.49 10.51 -7.73
CA GLY A 42 -3.88 11.81 -7.93
C GLY A 42 -2.54 11.69 -8.60
N GLY A 43 -1.72 10.79 -8.08
CA GLY A 43 -0.41 10.60 -8.60
C GLY A 43 0.51 11.71 -8.15
N ASN A 44 0.80 12.63 -9.05
CA ASN A 44 1.63 13.85 -8.82
C ASN A 44 2.92 13.63 -8.04
N GLU A 45 2.83 13.70 -6.72
CA GLU A 45 3.99 13.60 -5.85
C GLU A 45 3.96 12.26 -5.11
N GLN A 46 2.78 11.76 -4.94
CA GLN A 46 2.53 10.58 -4.16
C GLN A 46 2.83 9.32 -4.98
N LYS A 47 2.88 9.48 -6.27
CA LYS A 47 3.09 8.39 -7.20
C LYS A 47 4.53 7.84 -7.15
N GLN A 48 5.50 8.73 -7.13
CA GLN A 48 6.92 8.34 -7.07
C GLN A 48 7.34 7.95 -5.66
N ALA A 49 6.60 8.44 -4.69
CA ALA A 49 6.82 8.24 -3.26
C ALA A 49 6.95 6.78 -2.91
N VAL A 50 6.21 6.00 -3.62
CA VAL A 50 6.11 4.60 -3.38
C VAL A 50 7.44 3.90 -3.72
N LYS A 51 8.17 4.42 -4.70
CA LYS A 51 9.42 3.83 -5.08
C LYS A 51 10.47 4.37 -4.13
N GLU A 52 10.28 5.62 -3.74
CA GLU A 52 11.10 6.31 -2.83
C GLU A 52 11.13 5.66 -1.46
N ALA A 53 10.00 5.14 -1.05
CA ALA A 53 9.86 4.49 0.24
C ALA A 53 10.18 2.99 0.15
N GLY A 54 10.16 2.48 -1.04
CA GLY A 54 10.50 1.11 -1.26
C GLY A 54 9.29 0.21 -1.17
N ALA A 55 8.35 0.42 -2.07
CA ALA A 55 7.13 -0.34 -2.09
C ALA A 55 7.36 -1.78 -2.46
N LEU A 56 8.45 -2.08 -3.14
CA LEU A 56 8.73 -3.45 -3.54
C LEU A 56 9.07 -4.26 -2.29
N GLU A 57 9.81 -3.61 -1.40
CA GLU A 57 10.20 -4.15 -0.13
C GLU A 57 8.98 -4.34 0.76
N LYS A 58 8.11 -3.33 0.79
CA LYS A 58 6.89 -3.40 1.58
C LYS A 58 5.95 -4.48 1.03
N LEU A 59 5.95 -4.60 -0.30
CA LEU A 59 5.11 -5.53 -1.03
C LEU A 59 5.35 -6.97 -0.59
N GLU A 60 6.57 -7.28 -0.15
CA GLU A 60 6.95 -8.59 0.27
C GLU A 60 6.08 -9.11 1.42
N GLN A 61 5.50 -8.20 2.21
CA GLN A 61 4.62 -8.59 3.31
C GLN A 61 3.30 -9.02 2.75
N LEU A 62 2.75 -8.12 2.00
CA LEU A 62 1.48 -8.27 1.28
C LEU A 62 1.50 -9.52 0.36
N GLN A 63 2.64 -9.80 -0.19
CA GLN A 63 2.86 -11.01 -1.03
C GLN A 63 2.74 -12.30 -0.22
N SER A 64 3.05 -12.23 1.06
CA SER A 64 3.01 -13.41 1.92
C SER A 64 1.62 -13.58 2.55
N HIS A 65 0.63 -12.98 1.91
CA HIS A 65 -0.77 -13.08 2.32
C HIS A 65 -1.26 -14.52 2.33
N GLU A 66 -2.13 -14.81 3.24
CA GLU A 66 -2.80 -16.08 3.31
C GLU A 66 -4.22 -15.85 2.84
N ASN A 67 -4.66 -14.61 3.02
CA ASN A 67 -6.00 -14.15 2.66
C ASN A 67 -6.21 -14.21 1.18
N GLU A 68 -7.41 -14.53 0.88
CA GLU A 68 -7.86 -14.84 -0.42
C GLU A 68 -8.12 -13.59 -1.28
N LYS A 69 -8.56 -12.49 -0.68
CA LYS A 69 -8.89 -11.32 -1.48
C LYS A 69 -7.67 -10.50 -1.77
N ILE A 70 -6.71 -10.60 -0.88
CA ILE A 70 -5.47 -9.86 -0.97
C ILE A 70 -4.69 -10.13 -2.28
N GLN A 71 -4.86 -11.31 -2.85
CA GLN A 71 -4.14 -11.65 -4.09
C GLN A 71 -4.44 -10.66 -5.21
N LYS A 72 -5.67 -10.26 -5.25
CA LYS A 72 -6.14 -9.28 -6.18
C LYS A 72 -5.67 -7.89 -5.75
N GLU A 73 -5.77 -7.63 -4.46
CA GLU A 73 -5.44 -6.33 -3.87
C GLU A 73 -3.94 -6.00 -3.97
N ALA A 74 -3.10 -7.03 -3.97
CA ALA A 74 -1.63 -6.90 -4.02
C ALA A 74 -1.15 -6.22 -5.28
N GLN A 75 -1.99 -6.23 -6.29
CA GLN A 75 -1.70 -5.62 -7.57
C GLN A 75 -1.64 -4.10 -7.45
N GLU A 76 -2.25 -3.54 -6.37
CA GLU A 76 -2.26 -2.10 -6.08
C GLU A 76 -0.87 -1.50 -6.21
N ALA A 77 0.05 -1.98 -5.38
CA ALA A 77 1.40 -1.42 -5.36
C ALA A 77 2.14 -1.71 -6.65
N LEU A 78 1.89 -2.89 -7.18
CA LEU A 78 2.54 -3.43 -8.36
C LEU A 78 2.38 -2.46 -9.52
N GLU A 79 1.17 -2.22 -9.80
CA GLU A 79 0.70 -1.47 -10.83
C GLU A 79 1.04 0.02 -10.70
N LYS A 80 0.72 0.52 -9.57
CA LYS A 80 0.85 1.88 -9.15
C LYS A 80 2.22 2.49 -9.43
N LEU A 81 3.29 1.75 -9.13
CA LEU A 81 4.58 2.30 -9.27
C LEU A 81 5.21 1.97 -10.59
N GLN A 82 4.81 0.87 -11.18
CA GLN A 82 5.42 0.44 -12.39
C GLN A 82 4.80 1.11 -13.58
N SER A 83 5.51 1.10 -14.69
CA SER A 83 5.03 1.64 -15.95
C SER A 83 3.71 0.93 -16.30
N HIS A 84 2.71 1.69 -16.63
CA HIS A 84 1.41 1.12 -16.88
C HIS A 84 0.90 1.63 -18.21
N GLY A 1 -16.08 -11.50 1.29
CA GLY A 1 -15.53 -10.20 1.63
C GLY A 1 -15.91 -9.82 3.03
N ASN A 2 -15.66 -8.58 3.39
CA ASN A 2 -16.03 -8.05 4.68
C ASN A 2 -16.02 -6.55 4.58
N GLU A 3 -17.03 -5.91 5.11
CA GLU A 3 -17.10 -4.47 5.10
C GLU A 3 -16.27 -3.91 6.23
N GLN A 4 -15.10 -3.45 5.88
CA GLN A 4 -14.18 -2.90 6.84
C GLN A 4 -13.41 -1.74 6.20
N ILE A 5 -13.50 -0.60 6.81
CA ILE A 5 -12.90 0.62 6.29
C ILE A 5 -12.53 1.56 7.44
N GLN A 6 -11.29 1.99 7.45
CA GLN A 6 -10.80 2.91 8.44
C GLN A 6 -10.40 4.22 7.78
N ALA A 7 -9.63 5.04 8.48
CA ALA A 7 -9.17 6.33 7.99
C ALA A 7 -8.50 6.23 6.63
N VAL A 8 -9.09 6.89 5.67
CA VAL A 8 -8.57 6.89 4.33
C VAL A 8 -7.73 8.15 4.09
N ILE A 9 -6.47 8.06 4.38
CA ILE A 9 -5.56 9.18 4.24
C ILE A 9 -5.13 9.38 2.78
N ASP A 10 -5.48 10.51 2.25
CA ASP A 10 -5.17 10.88 0.88
C ASP A 10 -4.93 12.37 0.78
N ALA A 11 -3.68 12.74 0.86
CA ALA A 11 -3.25 14.12 0.79
C ALA A 11 -1.75 14.15 0.68
N GLY A 12 -1.27 14.48 -0.49
CA GLY A 12 0.16 14.53 -0.73
C GLY A 12 0.76 13.13 -0.80
N ALA A 13 2.04 13.03 -0.54
CA ALA A 13 2.72 11.76 -0.57
C ALA A 13 3.71 11.67 0.58
N LEU A 14 3.72 10.54 1.24
CA LEU A 14 4.62 10.26 2.35
C LEU A 14 4.59 8.75 2.57
N PRO A 15 5.68 8.12 3.07
CA PRO A 15 5.75 6.66 3.28
C PRO A 15 4.60 6.05 4.06
N ALA A 16 3.92 6.85 4.87
CA ALA A 16 2.77 6.36 5.65
C ALA A 16 1.73 5.65 4.77
N LEU A 17 1.63 6.07 3.51
CA LEU A 17 0.71 5.45 2.57
C LEU A 17 1.12 3.99 2.30
N VAL A 18 2.41 3.76 2.25
CA VAL A 18 2.98 2.47 1.91
C VAL A 18 3.07 1.56 3.12
N GLN A 19 3.09 2.16 4.26
CA GLN A 19 3.33 1.46 5.50
C GLN A 19 2.29 0.41 5.79
N LEU A 20 1.08 0.75 5.48
CA LEU A 20 -0.06 -0.07 5.77
C LEU A 20 -0.16 -1.25 4.83
N LEU A 21 0.61 -1.20 3.74
CA LEU A 21 0.66 -2.26 2.75
C LEU A 21 1.50 -3.37 3.31
N SER A 22 2.43 -2.98 4.11
CA SER A 22 3.41 -3.87 4.61
C SER A 22 3.03 -4.32 6.06
N SER A 23 1.76 -4.22 6.41
CA SER A 23 1.32 -4.52 7.72
C SER A 23 1.21 -6.07 7.92
N PRO A 24 1.42 -6.57 9.18
CA PRO A 24 1.29 -8.03 9.50
C PRO A 24 -0.19 -8.43 9.53
N ASN A 25 -0.95 -7.47 9.98
CA ASN A 25 -2.28 -7.48 10.26
C ASN A 25 -3.05 -7.23 9.03
N GLU A 26 -3.33 -8.32 8.33
CA GLU A 26 -4.03 -8.34 7.06
C GLU A 26 -5.43 -7.73 7.19
N GLN A 27 -5.98 -7.86 8.35
CA GLN A 27 -7.26 -7.29 8.68
C GLN A 27 -7.18 -5.78 8.66
N ILE A 28 -6.26 -5.21 9.44
CA ILE A 28 -6.19 -3.74 9.51
C ILE A 28 -5.56 -3.20 8.22
N LEU A 29 -4.76 -4.05 7.59
CA LEU A 29 -4.18 -3.80 6.29
C LEU A 29 -5.26 -3.37 5.34
N GLN A 30 -6.27 -4.21 5.22
CA GLN A 30 -7.40 -3.96 4.35
C GLN A 30 -8.19 -2.75 4.74
N GLU A 31 -8.29 -2.50 6.02
CA GLU A 31 -8.99 -1.33 6.51
C GLU A 31 -8.27 -0.04 6.11
N ALA A 32 -6.94 -0.07 6.15
CA ALA A 32 -6.14 1.06 5.76
C ALA A 32 -5.87 1.12 4.25
N LEU A 33 -5.92 -0.04 3.57
CA LEU A 33 -5.62 -0.15 2.13
C LEU A 33 -6.42 0.80 1.28
N TRP A 34 -7.59 1.15 1.77
CA TRP A 34 -8.43 2.16 1.18
C TRP A 34 -7.65 3.45 0.90
N ALA A 35 -6.70 3.74 1.77
CA ALA A 35 -5.88 4.90 1.62
C ALA A 35 -4.83 4.65 0.55
N LEU A 36 -3.97 3.64 0.78
CA LEU A 36 -2.88 3.25 -0.16
C LEU A 36 -3.38 3.09 -1.58
N SER A 37 -4.50 2.43 -1.73
CA SER A 37 -5.04 2.15 -3.00
C SER A 37 -5.55 3.44 -3.68
N ASN A 38 -6.13 4.34 -2.90
CA ASN A 38 -6.61 5.63 -3.44
C ASN A 38 -5.40 6.47 -3.85
N ILE A 39 -4.35 6.33 -3.07
CA ILE A 39 -3.06 6.96 -3.35
C ILE A 39 -2.52 6.47 -4.70
N ALA A 40 -2.41 5.16 -4.84
CA ALA A 40 -1.87 4.53 -6.05
C ALA A 40 -2.77 4.75 -7.26
N SER A 41 -4.02 5.10 -7.01
CA SER A 41 -4.95 5.45 -8.07
C SER A 41 -4.64 6.86 -8.59
N GLY A 42 -3.81 7.58 -7.85
CA GLY A 42 -3.36 8.88 -8.23
C GLY A 42 -2.06 8.76 -8.98
N GLY A 43 -2.17 8.56 -10.27
CA GLY A 43 -1.01 8.35 -11.09
C GLY A 43 -0.29 9.63 -11.43
N ASN A 44 -0.88 10.74 -11.03
CA ASN A 44 -0.32 12.05 -11.29
C ASN A 44 1.04 12.22 -10.62
N GLU A 45 1.09 12.07 -9.31
CA GLU A 45 2.36 12.23 -8.61
C GLU A 45 2.54 11.16 -7.53
N GLN A 46 1.45 10.75 -6.91
CA GLN A 46 1.47 9.79 -5.82
C GLN A 46 2.14 8.48 -6.25
N LYS A 47 1.89 8.12 -7.49
CA LYS A 47 2.42 6.92 -8.10
C LYS A 47 3.98 6.87 -8.16
N GLN A 48 4.66 8.01 -8.08
CA GLN A 48 6.14 8.01 -8.15
C GLN A 48 6.73 7.85 -6.73
N ALA A 49 5.93 8.22 -5.76
CA ALA A 49 6.30 8.28 -4.34
C ALA A 49 6.44 6.93 -3.77
N VAL A 50 5.64 6.06 -4.25
CA VAL A 50 5.54 4.70 -3.75
C VAL A 50 6.90 3.98 -3.80
N LYS A 51 7.68 4.24 -4.85
CA LYS A 51 8.98 3.61 -5.02
C LYS A 51 9.94 4.20 -4.02
N GLU A 52 9.73 5.48 -3.77
CA GLU A 52 10.48 6.26 -2.88
C GLU A 52 10.16 5.93 -1.43
N ALA A 53 8.96 5.46 -1.21
CA ALA A 53 8.50 5.05 0.10
C ALA A 53 8.92 3.60 0.38
N GLY A 54 9.39 2.95 -0.65
CA GLY A 54 9.89 1.60 -0.52
C GLY A 54 8.83 0.55 -0.76
N ALA A 55 7.88 0.85 -1.65
CA ALA A 55 6.75 -0.04 -2.00
C ALA A 55 7.21 -1.42 -2.45
N LEU A 56 8.45 -1.52 -2.93
CA LEU A 56 9.01 -2.78 -3.36
C LEU A 56 9.04 -3.78 -2.21
N GLU A 57 9.65 -3.40 -1.09
CA GLU A 57 9.74 -4.31 0.06
C GLU A 57 8.37 -4.48 0.71
N LYS A 58 7.58 -3.41 0.69
CA LYS A 58 6.26 -3.40 1.27
C LYS A 58 5.37 -4.43 0.57
N LEU A 59 5.48 -4.43 -0.76
CA LEU A 59 4.78 -5.37 -1.60
C LEU A 59 5.18 -6.79 -1.28
N GLU A 60 6.48 -7.03 -1.21
CA GLU A 60 7.04 -8.32 -0.96
C GLU A 60 6.57 -8.94 0.35
N GLN A 61 6.30 -8.11 1.35
CA GLN A 61 5.76 -8.58 2.61
C GLN A 61 4.37 -9.13 2.41
N LEU A 62 3.54 -8.31 1.81
CA LEU A 62 2.15 -8.64 1.59
C LEU A 62 1.96 -9.68 0.53
N GLN A 63 2.95 -9.87 -0.30
CA GLN A 63 2.91 -10.92 -1.34
C GLN A 63 2.64 -12.34 -0.80
N SER A 64 2.85 -12.54 0.50
CA SER A 64 2.54 -13.83 1.16
C SER A 64 0.99 -13.90 1.43
N HIS A 65 0.28 -12.96 0.86
CA HIS A 65 -1.18 -12.84 0.94
C HIS A 65 -1.94 -14.09 0.51
N GLU A 66 -3.04 -14.33 1.15
CA GLU A 66 -3.88 -15.45 0.82
C GLU A 66 -5.19 -14.95 0.22
N ASN A 67 -5.81 -14.01 0.93
CA ASN A 67 -7.11 -13.42 0.55
C ASN A 67 -7.05 -12.77 -0.81
N GLU A 68 -8.09 -13.05 -1.50
CA GLU A 68 -8.31 -12.74 -2.87
C GLU A 68 -8.47 -11.24 -3.07
N LYS A 69 -8.83 -10.58 -2.02
CA LYS A 69 -8.93 -9.17 -2.03
C LYS A 69 -7.58 -8.57 -1.81
N ILE A 70 -6.85 -9.14 -0.86
CA ILE A 70 -5.55 -8.63 -0.47
C ILE A 70 -4.56 -8.71 -1.62
N GLN A 71 -4.64 -9.78 -2.40
CA GLN A 71 -3.76 -9.96 -3.53
C GLN A 71 -3.92 -8.83 -4.53
N LYS A 72 -5.14 -8.50 -4.80
CA LYS A 72 -5.50 -7.48 -5.73
C LYS A 72 -5.11 -6.09 -5.23
N GLU A 73 -5.29 -5.87 -3.93
CA GLU A 73 -4.93 -4.60 -3.34
C GLU A 73 -3.39 -4.43 -3.32
N ALA A 74 -2.68 -5.56 -3.27
CA ALA A 74 -1.23 -5.55 -3.34
C ALA A 74 -0.78 -5.22 -4.76
N GLN A 75 -1.48 -5.82 -5.73
CA GLN A 75 -1.19 -5.60 -7.15
C GLN A 75 -1.37 -4.15 -7.54
N GLU A 76 -2.13 -3.41 -6.74
CA GLU A 76 -2.37 -2.00 -6.94
C GLU A 76 -1.03 -1.23 -7.06
N ALA A 77 -0.22 -1.27 -6.01
CA ALA A 77 1.04 -0.53 -6.01
C ALA A 77 2.05 -1.18 -6.94
N LEU A 78 1.93 -2.50 -7.08
CA LEU A 78 2.79 -3.32 -7.92
C LEU A 78 2.82 -2.74 -9.30
N GLU A 79 1.64 -2.71 -9.85
CA GLU A 79 1.32 -2.26 -11.07
C GLU A 79 1.80 -0.85 -11.31
N LYS A 80 1.29 -0.02 -10.48
CA LYS A 80 1.48 1.36 -10.53
C LYS A 80 2.94 1.78 -10.49
N LEU A 81 3.74 1.19 -9.62
CA LEU A 81 5.08 1.60 -9.47
C LEU A 81 5.97 1.13 -10.59
N GLN A 82 5.79 -0.11 -11.02
CA GLN A 82 6.70 -0.72 -11.98
C GLN A 82 6.78 0.03 -13.31
N SER A 83 7.97 0.46 -13.62
CA SER A 83 8.25 1.15 -14.84
C SER A 83 8.31 0.16 -16.00
N HIS A 84 8.25 0.68 -17.20
CA HIS A 84 8.30 -0.15 -18.37
C HIS A 84 9.48 0.28 -19.21
N GLY A 1 -6.68 2.57 19.47
CA GLY A 1 -6.05 1.53 18.66
C GLY A 1 -4.68 1.25 19.15
N ASN A 2 -3.86 0.69 18.31
CA ASN A 2 -2.49 0.37 18.62
C ASN A 2 -1.67 0.60 17.36
N GLU A 3 -0.35 0.41 17.42
CA GLU A 3 0.57 0.69 16.28
C GLU A 3 0.52 2.18 15.94
N GLN A 4 1.01 2.53 14.78
CA GLN A 4 0.88 3.87 14.29
C GLN A 4 0.50 3.83 12.82
N ILE A 5 -0.79 3.92 12.58
CA ILE A 5 -1.30 3.85 11.24
C ILE A 5 -0.87 5.05 10.39
N GLN A 6 -0.24 4.73 9.27
CA GLN A 6 0.21 5.70 8.28
C GLN A 6 1.31 6.62 8.80
N ALA A 7 2.54 6.18 8.65
CA ALA A 7 3.69 7.00 9.00
C ALA A 7 3.89 8.02 7.89
N VAL A 8 3.59 9.27 8.19
CA VAL A 8 3.58 10.30 7.18
C VAL A 8 4.96 10.82 6.74
N ILE A 9 5.62 11.62 7.54
CA ILE A 9 6.92 12.13 7.17
C ILE A 9 8.00 11.25 7.78
N ASP A 10 8.23 10.15 7.12
CA ASP A 10 9.15 9.11 7.55
C ASP A 10 10.00 8.71 6.36
N ALA A 11 10.62 7.55 6.41
CA ALA A 11 11.49 7.07 5.33
C ALA A 11 10.71 6.85 4.03
N GLY A 12 10.82 7.81 3.14
CA GLY A 12 10.16 7.73 1.87
C GLY A 12 9.49 9.02 1.51
N ALA A 13 9.16 9.16 0.25
CA ALA A 13 8.46 10.32 -0.25
C ALA A 13 7.05 10.36 0.31
N LEU A 14 6.33 9.26 0.17
CA LEU A 14 5.00 9.16 0.76
C LEU A 14 4.92 7.77 1.38
N PRO A 15 5.56 7.58 2.56
CA PRO A 15 5.57 6.29 3.25
C PRO A 15 4.22 5.84 3.69
N ALA A 16 3.33 6.79 3.99
CA ALA A 16 2.02 6.46 4.54
C ALA A 16 1.26 5.45 3.71
N LEU A 17 1.42 5.52 2.39
CA LEU A 17 0.79 4.58 1.48
C LEU A 17 1.44 3.23 1.61
N VAL A 18 2.73 3.23 1.68
CA VAL A 18 3.45 2.00 1.58
C VAL A 18 3.46 1.28 2.90
N GLN A 19 3.22 2.03 3.94
CA GLN A 19 3.25 1.49 5.26
C GLN A 19 2.23 0.37 5.47
N LEU A 20 1.05 0.53 4.88
CA LEU A 20 0.00 -0.49 4.95
C LEU A 20 0.32 -1.66 4.05
N LEU A 21 1.22 -1.47 3.11
CA LEU A 21 1.59 -2.48 2.14
C LEU A 21 2.46 -3.56 2.75
N SER A 22 2.95 -3.29 3.92
CA SER A 22 3.80 -4.22 4.60
C SER A 22 3.08 -4.67 5.87
N SER A 23 1.75 -4.56 5.82
CA SER A 23 0.84 -4.79 6.92
C SER A 23 1.10 -6.07 7.75
N PRO A 24 0.80 -5.99 9.07
CA PRO A 24 0.89 -7.14 10.01
C PRO A 24 -0.31 -8.06 9.77
N ASN A 25 -1.36 -7.42 9.32
CA ASN A 25 -2.64 -7.91 9.24
C ASN A 25 -3.10 -7.67 7.84
N GLU A 26 -3.55 -8.68 7.18
CA GLU A 26 -4.06 -8.54 5.83
C GLU A 26 -5.28 -7.61 5.88
N GLN A 27 -6.03 -7.76 6.95
CA GLN A 27 -7.21 -6.98 7.24
C GLN A 27 -6.91 -5.48 7.31
N ILE A 28 -5.93 -5.08 8.15
CA ILE A 28 -5.64 -3.66 8.38
C ILE A 28 -5.20 -2.98 7.08
N LEU A 29 -4.60 -3.77 6.18
CA LEU A 29 -4.20 -3.30 4.87
C LEU A 29 -5.43 -2.90 4.08
N GLN A 30 -6.36 -3.85 3.96
CA GLN A 30 -7.62 -3.64 3.26
C GLN A 30 -8.37 -2.46 3.82
N GLU A 31 -8.37 -2.36 5.13
CA GLU A 31 -9.02 -1.26 5.82
C GLU A 31 -8.42 0.07 5.39
N ALA A 32 -7.11 0.20 5.57
CA ALA A 32 -6.43 1.45 5.27
C ALA A 32 -6.50 1.79 3.79
N LEU A 33 -6.44 0.78 2.94
CA LEU A 33 -6.48 0.96 1.50
C LEU A 33 -7.67 1.75 1.05
N TRP A 34 -8.78 1.59 1.74
CA TRP A 34 -10.02 2.25 1.39
C TRP A 34 -9.82 3.77 1.29
N ALA A 35 -9.13 4.32 2.25
CA ALA A 35 -8.83 5.72 2.25
C ALA A 35 -7.55 6.00 1.45
N LEU A 36 -6.55 5.16 1.66
CA LEU A 36 -5.20 5.34 1.11
C LEU A 36 -5.09 5.08 -0.39
N SER A 37 -6.03 4.38 -0.95
CA SER A 37 -6.04 4.06 -2.35
C SER A 37 -6.13 5.34 -3.22
N ASN A 38 -6.60 6.43 -2.59
CA ASN A 38 -6.60 7.79 -3.19
C ASN A 38 -5.23 8.10 -3.80
N ILE A 39 -4.19 7.63 -3.13
CA ILE A 39 -2.80 7.80 -3.53
C ILE A 39 -2.53 7.19 -4.96
N ALA A 40 -3.35 6.25 -5.41
CA ALA A 40 -3.20 5.67 -6.75
C ALA A 40 -3.85 6.54 -7.80
N SER A 41 -4.72 7.42 -7.37
CA SER A 41 -5.46 8.29 -8.26
C SER A 41 -4.59 9.51 -8.60
N GLY A 42 -3.47 9.63 -7.92
CA GLY A 42 -2.57 10.70 -8.15
C GLY A 42 -1.33 10.21 -8.83
N GLY A 43 -1.18 10.55 -10.09
CA GLY A 43 0.00 10.16 -10.81
C GLY A 43 1.15 11.05 -10.47
N ASN A 44 2.32 10.66 -10.92
CA ASN A 44 3.58 11.37 -10.69
C ASN A 44 3.98 11.40 -9.22
N GLU A 45 3.43 12.32 -8.44
CA GLU A 45 3.88 12.52 -7.07
C GLU A 45 3.54 11.32 -6.18
N GLN A 46 2.27 11.00 -6.09
CA GLN A 46 1.78 9.91 -5.26
C GLN A 46 2.20 8.55 -5.83
N LYS A 47 2.49 8.56 -7.09
CA LYS A 47 2.81 7.37 -7.83
C LYS A 47 4.30 7.01 -7.72
N GLN A 48 5.18 8.00 -7.72
CA GLN A 48 6.64 7.76 -7.63
C GLN A 48 7.03 7.49 -6.18
N ALA A 49 6.17 7.96 -5.31
CA ALA A 49 6.31 7.91 -3.87
C ALA A 49 6.65 6.55 -3.37
N VAL A 50 6.03 5.61 -3.99
CA VAL A 50 6.02 4.26 -3.58
C VAL A 50 7.41 3.61 -3.80
N LYS A 51 8.12 4.06 -4.82
CA LYS A 51 9.41 3.51 -5.13
C LYS A 51 10.38 4.03 -4.09
N GLU A 52 10.26 5.32 -3.84
CA GLU A 52 11.06 6.05 -2.91
C GLU A 52 10.86 5.53 -1.48
N ALA A 53 9.62 5.24 -1.12
CA ALA A 53 9.29 4.74 0.22
C ALA A 53 9.73 3.27 0.39
N GLY A 54 10.01 2.65 -0.71
CA GLY A 54 10.51 1.32 -0.68
C GLY A 54 9.40 0.33 -0.69
N ALA A 55 8.69 0.27 -1.78
CA ALA A 55 7.56 -0.59 -1.89
C ALA A 55 7.93 -2.01 -2.25
N LEU A 56 9.08 -2.22 -2.88
CA LEU A 56 9.46 -3.56 -3.36
C LEU A 56 9.54 -4.53 -2.20
N GLU A 57 10.35 -4.17 -1.21
CA GLU A 57 10.55 -4.95 0.03
C GLU A 57 9.20 -5.21 0.75
N LYS A 58 8.40 -4.16 0.82
CA LYS A 58 7.16 -4.17 1.52
C LYS A 58 6.10 -5.01 0.84
N LEU A 59 6.00 -4.84 -0.46
CA LEU A 59 5.06 -5.56 -1.31
C LEU A 59 5.31 -7.07 -1.18
N GLU A 60 6.57 -7.44 -1.07
CA GLU A 60 7.00 -8.78 -0.93
C GLU A 60 6.62 -9.42 0.41
N GLN A 61 6.33 -8.63 1.42
CA GLN A 61 5.88 -9.16 2.69
C GLN A 61 4.44 -9.61 2.52
N LEU A 62 3.69 -8.72 1.91
CA LEU A 62 2.29 -8.90 1.60
C LEU A 62 2.12 -10.02 0.59
N GLN A 63 3.14 -10.26 -0.19
CA GLN A 63 3.14 -11.37 -1.14
C GLN A 63 2.89 -12.72 -0.46
N SER A 64 3.31 -12.86 0.80
CA SER A 64 3.14 -14.11 1.54
C SER A 64 1.71 -14.27 2.10
N HIS A 65 0.80 -13.46 1.57
CA HIS A 65 -0.62 -13.41 1.94
C HIS A 65 -1.32 -14.77 1.89
N GLU A 66 -2.41 -14.86 2.59
CA GLU A 66 -3.25 -16.03 2.62
C GLU A 66 -4.63 -15.67 2.08
N ASN A 67 -5.04 -14.44 2.36
CA ASN A 67 -6.34 -13.92 1.96
C ASN A 67 -6.36 -13.67 0.51
N GLU A 68 -7.42 -14.12 -0.03
CA GLU A 68 -7.64 -14.18 -1.40
C GLU A 68 -7.82 -12.79 -2.01
N LYS A 69 -8.37 -11.86 -1.23
CA LYS A 69 -8.62 -10.52 -1.73
C LYS A 69 -7.32 -9.76 -1.80
N ILE A 70 -6.42 -10.13 -0.92
CA ILE A 70 -5.12 -9.51 -0.75
C ILE A 70 -4.26 -9.64 -2.03
N GLN A 71 -4.52 -10.69 -2.80
CA GLN A 71 -3.84 -10.94 -4.07
C GLN A 71 -4.09 -9.74 -5.00
N LYS A 72 -5.29 -9.21 -4.94
CA LYS A 72 -5.70 -8.09 -5.74
C LYS A 72 -5.26 -6.79 -5.04
N GLU A 73 -5.26 -6.80 -3.72
CA GLU A 73 -4.88 -5.63 -2.93
C GLU A 73 -3.40 -5.25 -3.14
N ALA A 74 -2.56 -6.25 -3.37
CA ALA A 74 -1.14 -6.06 -3.65
C ALA A 74 -0.91 -5.14 -4.86
N GLN A 75 -1.86 -5.16 -5.78
CA GLN A 75 -1.83 -4.38 -7.00
C GLN A 75 -1.79 -2.87 -6.76
N GLU A 76 -2.20 -2.44 -5.55
CA GLU A 76 -2.14 -1.03 -5.17
C GLU A 76 -0.76 -0.46 -5.47
N ALA A 77 0.25 -1.01 -4.85
CA ALA A 77 1.60 -0.54 -5.08
C ALA A 77 2.26 -1.18 -6.29
N LEU A 78 2.00 -2.50 -6.47
CA LEU A 78 2.69 -3.37 -7.43
C LEU A 78 2.72 -2.75 -8.82
N GLU A 79 1.55 -2.57 -9.35
CA GLU A 79 1.31 -2.09 -10.60
C GLU A 79 1.82 -0.67 -10.79
N LYS A 80 1.36 0.12 -9.91
CA LYS A 80 1.54 1.52 -9.81
C LYS A 80 2.99 1.99 -9.92
N LEU A 81 3.93 1.25 -9.33
CA LEU A 81 5.28 1.64 -9.35
C LEU A 81 5.99 1.22 -10.60
N GLN A 82 5.47 0.21 -11.24
CA GLN A 82 6.12 -0.37 -12.40
C GLN A 82 6.17 0.59 -13.57
N SER A 83 7.04 0.31 -14.51
CA SER A 83 7.10 1.08 -15.70
C SER A 83 5.89 0.71 -16.56
N HIS A 84 5.19 1.67 -17.02
CA HIS A 84 3.99 1.43 -17.76
C HIS A 84 3.90 2.44 -18.86
N GLY A 1 -12.68 -14.64 1.46
CA GLY A 1 -11.96 -13.42 1.81
C GLY A 1 -12.81 -12.54 2.67
N ASN A 2 -12.37 -12.31 3.88
CA ASN A 2 -13.10 -11.49 4.84
C ASN A 2 -12.40 -10.16 5.02
N GLU A 3 -13.12 -9.18 5.51
CA GLU A 3 -12.57 -7.87 5.79
C GLU A 3 -13.18 -7.38 7.12
N GLN A 4 -12.76 -6.24 7.57
CA GLN A 4 -13.32 -5.63 8.76
C GLN A 4 -13.50 -4.14 8.48
N ILE A 5 -13.59 -3.33 9.51
CA ILE A 5 -13.62 -1.91 9.33
C ILE A 5 -12.56 -1.26 10.22
N GLN A 6 -11.40 -1.03 9.65
CA GLN A 6 -10.27 -0.46 10.37
C GLN A 6 -9.51 0.53 9.51
N ALA A 7 -9.91 1.77 9.56
CA ALA A 7 -9.21 2.80 8.86
C ALA A 7 -8.05 3.26 9.71
N VAL A 8 -6.86 3.12 9.18
CA VAL A 8 -5.65 3.50 9.86
C VAL A 8 -4.82 4.38 8.96
N ILE A 9 -3.93 5.17 9.54
CA ILE A 9 -3.01 6.01 8.80
C ILE A 9 -2.07 6.77 9.76
N ASP A 10 -0.80 6.59 9.55
CA ASP A 10 0.19 7.34 10.29
C ASP A 10 0.59 8.51 9.41
N ALA A 11 -0.10 9.62 9.58
CA ALA A 11 0.06 10.75 8.68
C ALA A 11 1.34 11.52 8.95
N GLY A 12 1.96 12.01 7.89
CA GLY A 12 3.16 12.78 8.05
C GLY A 12 4.11 12.63 6.90
N ALA A 13 4.76 11.50 6.82
CA ALA A 13 5.79 11.26 5.83
C ALA A 13 5.27 10.50 4.62
N LEU A 14 6.08 10.48 3.55
CA LEU A 14 5.73 9.78 2.31
C LEU A 14 5.62 8.25 2.46
N PRO A 15 6.58 7.54 3.16
CA PRO A 15 6.49 6.08 3.37
C PRO A 15 5.19 5.61 4.00
N ALA A 16 4.48 6.52 4.65
CA ALA A 16 3.25 6.19 5.35
C ALA A 16 2.22 5.52 4.44
N LEU A 17 2.22 5.91 3.19
CA LEU A 17 1.30 5.32 2.22
C LEU A 17 1.72 3.89 1.88
N VAL A 18 3.00 3.60 1.99
CA VAL A 18 3.50 2.28 1.70
C VAL A 18 3.39 1.38 2.90
N GLN A 19 3.35 2.01 4.05
CA GLN A 19 3.38 1.31 5.31
C GLN A 19 2.24 0.32 5.47
N LEU A 20 1.10 0.67 4.92
CA LEU A 20 -0.08 -0.18 5.02
C LEU A 20 0.03 -1.40 4.16
N LEU A 21 0.84 -1.31 3.10
CA LEU A 21 1.02 -2.43 2.15
C LEU A 21 1.81 -3.51 2.80
N SER A 22 2.62 -3.11 3.71
CA SER A 22 3.52 -4.00 4.29
C SER A 22 2.95 -4.55 5.62
N SER A 23 1.64 -4.52 5.76
CA SER A 23 1.02 -4.89 6.98
C SER A 23 0.99 -6.42 7.16
N PRO A 24 1.04 -6.90 8.43
CA PRO A 24 0.82 -8.32 8.76
C PRO A 24 -0.68 -8.59 8.65
N ASN A 25 -1.41 -7.54 8.95
CA ASN A 25 -2.74 -7.47 9.12
C ASN A 25 -3.44 -7.24 7.84
N GLU A 26 -3.69 -8.35 7.19
CA GLU A 26 -4.35 -8.45 5.90
C GLU A 26 -5.66 -7.71 5.92
N GLN A 27 -6.33 -7.81 7.03
CA GLN A 27 -7.59 -7.16 7.19
C GLN A 27 -7.41 -5.65 7.12
N ILE A 28 -6.61 -5.09 8.05
CA ILE A 28 -6.47 -3.63 8.09
C ILE A 28 -5.81 -3.11 6.82
N LEU A 29 -5.01 -3.98 6.18
CA LEU A 29 -4.41 -3.69 4.88
C LEU A 29 -5.47 -3.17 3.88
N GLN A 30 -6.55 -3.95 3.70
CA GLN A 30 -7.54 -3.72 2.66
C GLN A 30 -8.29 -2.47 3.00
N GLU A 31 -8.59 -2.40 4.27
CA GLU A 31 -9.31 -1.33 4.84
C GLU A 31 -8.59 0.01 4.70
N ALA A 32 -7.30 0.00 4.92
CA ALA A 32 -6.54 1.22 4.76
C ALA A 32 -6.32 1.53 3.29
N LEU A 33 -6.08 0.48 2.50
CA LEU A 33 -5.86 0.60 1.06
C LEU A 33 -7.07 1.24 0.40
N TRP A 34 -8.23 1.01 0.96
CA TRP A 34 -9.47 1.57 0.47
C TRP A 34 -9.34 3.08 0.33
N ALA A 35 -8.87 3.70 1.38
CA ALA A 35 -8.72 5.12 1.41
C ALA A 35 -7.43 5.53 0.72
N LEU A 36 -6.35 4.88 1.09
CA LEU A 36 -5.01 5.19 0.63
C LEU A 36 -4.77 4.97 -0.84
N SER A 37 -5.59 4.19 -1.48
CA SER A 37 -5.44 3.93 -2.90
C SER A 37 -5.61 5.26 -3.72
N ASN A 38 -6.28 6.24 -3.07
CA ASN A 38 -6.49 7.63 -3.58
C ASN A 38 -5.17 8.30 -3.91
N ILE A 39 -4.11 7.82 -3.29
CA ILE A 39 -2.71 8.25 -3.53
C ILE A 39 -2.37 8.25 -5.05
N ALA A 40 -3.07 7.39 -5.79
CA ALA A 40 -2.91 7.25 -7.23
C ALA A 40 -3.23 8.54 -8.00
N SER A 41 -3.96 9.44 -7.36
CA SER A 41 -4.36 10.67 -7.98
C SER A 41 -3.18 11.64 -8.06
N GLY A 42 -2.15 11.41 -7.28
CA GLY A 42 -0.99 12.26 -7.32
C GLY A 42 0.04 11.68 -8.23
N GLY A 43 -0.21 11.82 -9.54
CA GLY A 43 0.60 11.20 -10.61
C GLY A 43 2.10 11.50 -10.55
N ASN A 44 2.48 12.51 -9.84
CA ASN A 44 3.89 12.78 -9.69
C ASN A 44 4.34 12.51 -8.28
N GLU A 45 4.02 13.44 -7.39
CA GLU A 45 4.49 13.45 -5.99
C GLU A 45 4.21 12.13 -5.26
N GLN A 46 2.96 11.77 -5.23
CA GLN A 46 2.51 10.60 -4.51
C GLN A 46 2.86 9.30 -5.23
N LYS A 47 2.79 9.35 -6.53
CA LYS A 47 3.01 8.18 -7.37
C LYS A 47 4.49 7.79 -7.45
N GLN A 48 5.38 8.74 -7.31
CA GLN A 48 6.83 8.46 -7.36
C GLN A 48 7.34 7.99 -5.99
N ALA A 49 6.63 8.43 -4.97
CA ALA A 49 6.94 8.18 -3.57
C ALA A 49 7.10 6.72 -3.30
N VAL A 50 6.15 6.00 -3.80
CA VAL A 50 5.97 4.58 -3.57
C VAL A 50 7.24 3.75 -3.92
N LYS A 51 7.95 4.15 -4.98
CA LYS A 51 9.10 3.41 -5.43
C LYS A 51 10.26 3.62 -4.47
N GLU A 52 10.36 4.84 -3.97
CA GLU A 52 11.39 5.26 -3.13
C GLU A 52 11.14 4.78 -1.70
N ALA A 53 9.87 4.72 -1.32
CA ALA A 53 9.47 4.25 0.00
C ALA A 53 9.72 2.74 0.13
N GLY A 54 9.82 2.09 -1.00
CA GLY A 54 10.16 0.71 -1.04
C GLY A 54 8.97 -0.18 -1.22
N ALA A 55 8.01 0.25 -2.04
CA ALA A 55 6.77 -0.49 -2.25
C ALA A 55 7.00 -1.90 -2.75
N LEU A 56 8.08 -2.11 -3.46
CA LEU A 56 8.42 -3.40 -3.99
C LEU A 56 8.74 -4.37 -2.85
N GLU A 57 9.48 -3.89 -1.84
CA GLU A 57 9.88 -4.74 -0.73
C GLU A 57 8.78 -4.83 0.33
N LYS A 58 7.93 -3.81 0.35
CA LYS A 58 6.80 -3.76 1.23
C LYS A 58 5.78 -4.81 0.81
N LEU A 59 5.70 -5.00 -0.49
CA LEU A 59 4.78 -5.95 -1.09
C LEU A 59 5.20 -7.38 -0.73
N GLU A 60 6.51 -7.63 -0.63
CA GLU A 60 7.06 -8.91 -0.34
C GLU A 60 6.64 -9.43 1.03
N GLN A 61 6.38 -8.51 1.93
CA GLN A 61 6.00 -8.85 3.29
C GLN A 61 4.59 -9.39 3.27
N LEU A 62 3.78 -8.72 2.49
CA LEU A 62 2.37 -9.03 2.33
C LEU A 62 2.17 -10.30 1.53
N GLN A 63 3.18 -10.71 0.84
CA GLN A 63 3.14 -11.97 0.07
C GLN A 63 2.89 -13.19 0.96
N SER A 64 3.24 -13.10 2.22
CA SER A 64 3.06 -14.20 3.18
C SER A 64 1.61 -14.27 3.72
N HIS A 65 0.72 -13.59 3.02
CA HIS A 65 -0.72 -13.54 3.32
C HIS A 65 -1.39 -14.92 3.25
N GLU A 66 -2.61 -14.97 3.70
CA GLU A 66 -3.44 -16.15 3.63
C GLU A 66 -4.64 -15.84 2.75
N ASN A 67 -5.15 -14.64 2.90
CA ASN A 67 -6.36 -14.17 2.23
C ASN A 67 -6.13 -14.02 0.77
N GLU A 68 -7.13 -14.46 0.10
CA GLU A 68 -7.20 -14.58 -1.29
C GLU A 68 -7.32 -13.19 -1.96
N LYS A 69 -7.93 -12.24 -1.26
CA LYS A 69 -8.12 -10.89 -1.77
C LYS A 69 -6.83 -10.13 -1.74
N ILE A 70 -6.03 -10.47 -0.75
CA ILE A 70 -4.79 -9.79 -0.48
C ILE A 70 -3.83 -9.91 -1.67
N GLN A 71 -3.96 -11.00 -2.42
CA GLN A 71 -3.26 -11.19 -3.70
C GLN A 71 -3.46 -9.98 -4.63
N LYS A 72 -4.69 -9.54 -4.74
CA LYS A 72 -5.05 -8.42 -5.59
C LYS A 72 -4.58 -7.12 -4.97
N GLU A 73 -4.72 -7.04 -3.66
CA GLU A 73 -4.35 -5.85 -2.90
C GLU A 73 -2.81 -5.64 -2.90
N ALA A 74 -2.05 -6.72 -3.05
CA ALA A 74 -0.60 -6.63 -3.17
C ALA A 74 -0.25 -5.99 -4.51
N GLN A 75 -0.90 -6.48 -5.55
CA GLN A 75 -0.74 -6.00 -6.92
C GLN A 75 -1.15 -4.52 -7.09
N GLU A 76 -1.94 -4.04 -6.15
CA GLU A 76 -2.44 -2.66 -6.11
C GLU A 76 -1.32 -1.62 -6.29
N ALA A 77 -0.33 -1.65 -5.40
CA ALA A 77 0.75 -0.68 -5.46
C ALA A 77 1.73 -1.00 -6.57
N LEU A 78 1.87 -2.30 -6.84
CA LEU A 78 2.76 -2.83 -7.88
C LEU A 78 2.54 -2.12 -9.19
N GLU A 79 1.33 -2.28 -9.63
CA GLU A 79 0.79 -1.84 -10.80
C GLU A 79 0.98 -0.35 -11.01
N LYS A 80 0.49 0.31 -10.05
CA LYS A 80 0.42 1.69 -9.90
C LYS A 80 1.80 2.40 -9.89
N LEU A 81 2.85 1.76 -9.37
CA LEU A 81 4.13 2.36 -9.43
C LEU A 81 4.78 2.07 -10.75
N GLN A 82 4.46 0.94 -11.32
CA GLN A 82 5.06 0.51 -12.54
C GLN A 82 4.65 1.39 -13.71
N SER A 83 5.57 1.61 -14.60
CA SER A 83 5.34 2.43 -15.75
C SER A 83 4.30 1.76 -16.65
N HIS A 84 3.31 2.50 -17.02
CA HIS A 84 2.21 1.98 -17.76
C HIS A 84 1.90 2.94 -18.87
N GLY A 1 -10.16 -11.99 6.10
CA GLY A 1 -9.73 -10.68 5.67
C GLY A 1 -10.79 -9.66 5.95
N ASN A 2 -10.39 -8.48 6.36
CA ASN A 2 -11.33 -7.42 6.69
C ASN A 2 -11.34 -6.40 5.58
N GLU A 3 -12.45 -5.73 5.46
CA GLU A 3 -12.61 -4.65 4.54
C GLU A 3 -13.50 -3.62 5.20
N GLN A 4 -12.90 -2.65 5.82
CA GLN A 4 -13.61 -1.60 6.50
C GLN A 4 -12.84 -0.33 6.30
N ILE A 5 -13.32 0.76 6.84
CA ILE A 5 -12.64 2.00 6.69
C ILE A 5 -11.93 2.35 8.00
N GLN A 6 -10.68 1.97 8.10
CA GLN A 6 -9.85 2.31 9.24
C GLN A 6 -9.06 3.53 8.81
N ALA A 7 -8.36 3.38 7.69
CA ALA A 7 -7.64 4.45 6.99
C ALA A 7 -6.61 5.20 7.88
N VAL A 8 -6.27 6.37 7.42
CA VAL A 8 -5.39 7.31 8.05
C VAL A 8 -5.61 8.55 7.20
N ILE A 9 -5.07 9.69 7.55
CA ILE A 9 -5.26 10.87 6.72
C ILE A 9 -4.58 10.69 5.36
N ASP A 10 -5.41 10.50 4.35
CA ASP A 10 -4.96 10.29 2.98
C ASP A 10 -4.53 11.62 2.36
N ALA A 11 -3.87 11.53 1.21
CA ALA A 11 -3.33 12.64 0.43
C ALA A 11 -2.04 13.19 1.00
N GLY A 12 -0.96 12.57 0.63
CA GLY A 12 0.34 12.98 1.07
C GLY A 12 1.39 12.05 0.55
N ALA A 13 2.44 12.59 -0.01
CA ALA A 13 3.52 11.78 -0.55
C ALA A 13 4.52 11.45 0.53
N LEU A 14 4.18 10.46 1.33
CA LEU A 14 4.98 10.02 2.45
C LEU A 14 4.95 8.50 2.52
N PRO A 15 6.02 7.83 2.99
CA PRO A 15 6.07 6.35 3.16
C PRO A 15 4.94 5.81 4.01
N ALA A 16 4.34 6.67 4.81
CA ALA A 16 3.23 6.27 5.67
C ALA A 16 2.06 5.67 4.89
N LEU A 17 1.94 6.03 3.61
CA LEU A 17 0.90 5.48 2.75
C LEU A 17 1.21 4.02 2.40
N VAL A 18 2.48 3.71 2.30
CA VAL A 18 2.93 2.39 1.93
C VAL A 18 3.01 1.47 3.11
N GLN A 19 3.20 2.06 4.27
CA GLN A 19 3.47 1.31 5.49
C GLN A 19 2.46 0.20 5.77
N LEU A 20 1.20 0.51 5.57
CA LEU A 20 0.09 -0.43 5.77
C LEU A 20 0.21 -1.68 4.90
N LEU A 21 0.91 -1.57 3.78
CA LEU A 21 1.09 -2.63 2.83
C LEU A 21 2.01 -3.73 3.36
N SER A 22 2.82 -3.43 4.32
CA SER A 22 3.74 -4.42 4.84
C SER A 22 3.36 -4.82 6.27
N SER A 23 2.15 -4.47 6.66
CA SER A 23 1.68 -4.74 7.98
C SER A 23 1.40 -6.27 8.11
N PRO A 24 1.48 -6.83 9.33
CA PRO A 24 1.20 -8.28 9.59
C PRO A 24 -0.31 -8.54 9.55
N ASN A 25 -0.99 -7.53 9.96
CA ASN A 25 -2.33 -7.46 10.19
C ASN A 25 -3.05 -7.15 8.93
N GLU A 26 -3.36 -8.21 8.16
CA GLU A 26 -4.03 -8.10 6.86
C GLU A 26 -5.31 -7.36 7.01
N GLN A 27 -5.94 -7.60 8.12
CA GLN A 27 -7.18 -7.01 8.46
C GLN A 27 -7.06 -5.50 8.49
N ILE A 28 -6.09 -4.98 9.25
CA ILE A 28 -5.97 -3.53 9.33
C ILE A 28 -5.28 -2.98 8.08
N LEU A 29 -4.45 -3.84 7.46
CA LEU A 29 -3.76 -3.56 6.19
C LEU A 29 -4.79 -3.09 5.17
N GLN A 30 -5.80 -3.93 4.95
CA GLN A 30 -6.86 -3.64 4.00
C GLN A 30 -7.78 -2.55 4.46
N GLU A 31 -8.05 -2.50 5.75
CA GLU A 31 -8.91 -1.45 6.29
C GLU A 31 -8.29 -0.06 6.11
N ALA A 32 -6.97 0.01 6.10
CA ALA A 32 -6.32 1.25 5.79
C ALA A 32 -6.21 1.44 4.28
N LEU A 33 -5.90 0.34 3.57
CA LEU A 33 -5.74 0.36 2.12
C LEU A 33 -6.95 0.88 1.43
N TRP A 34 -8.11 0.65 2.01
CA TRP A 34 -9.38 1.08 1.45
C TRP A 34 -9.29 2.53 0.97
N ALA A 35 -8.74 3.38 1.81
CA ALA A 35 -8.56 4.75 1.48
C ALA A 35 -7.23 4.96 0.72
N LEU A 36 -6.17 4.36 1.25
CA LEU A 36 -4.79 4.58 0.74
C LEU A 36 -4.50 3.99 -0.65
N SER A 37 -5.30 3.03 -1.06
CA SER A 37 -5.14 2.37 -2.35
C SER A 37 -5.30 3.38 -3.52
N ASN A 38 -5.97 4.50 -3.21
CA ASN A 38 -6.19 5.62 -4.14
C ASN A 38 -4.88 6.17 -4.68
N ILE A 39 -3.86 6.15 -3.84
CA ILE A 39 -2.52 6.67 -4.16
C ILE A 39 -1.99 6.12 -5.50
N ALA A 40 -2.04 4.82 -5.67
CA ALA A 40 -1.51 4.22 -6.87
C ALA A 40 -2.52 4.23 -8.02
N SER A 41 -3.79 4.02 -7.70
CA SER A 41 -4.85 3.98 -8.69
C SER A 41 -5.06 5.34 -9.38
N GLY A 42 -4.86 6.39 -8.65
CA GLY A 42 -5.04 7.70 -9.18
C GLY A 42 -3.93 8.59 -8.74
N GLY A 43 -2.75 8.29 -9.19
CA GLY A 43 -1.62 9.01 -8.73
C GLY A 43 -0.70 9.46 -9.82
N ASN A 44 0.15 10.36 -9.42
CA ASN A 44 1.23 10.89 -10.23
C ASN A 44 2.25 11.46 -9.25
N GLU A 45 1.89 12.60 -8.67
CA GLU A 45 2.75 13.33 -7.77
C GLU A 45 3.00 12.53 -6.48
N GLN A 46 1.93 11.96 -5.97
CA GLN A 46 1.98 11.13 -4.77
C GLN A 46 2.44 9.71 -5.12
N LYS A 47 2.34 9.36 -6.39
CA LYS A 47 2.65 8.00 -6.82
C LYS A 47 4.15 7.75 -6.93
N GLN A 48 4.94 8.81 -7.03
CA GLN A 48 6.41 8.66 -7.08
C GLN A 48 6.92 8.13 -5.71
N ALA A 49 6.16 8.44 -4.67
CA ALA A 49 6.48 8.15 -3.28
C ALA A 49 6.76 6.71 -3.06
N VAL A 50 5.93 5.93 -3.69
CA VAL A 50 5.84 4.53 -3.49
C VAL A 50 7.11 3.80 -3.94
N LYS A 51 7.85 4.39 -4.85
CA LYS A 51 9.06 3.76 -5.33
C LYS A 51 10.18 4.02 -4.34
N GLU A 52 10.19 5.22 -3.81
CA GLU A 52 11.14 5.69 -2.91
C GLU A 52 10.92 5.07 -1.51
N ALA A 53 9.66 4.80 -1.20
CA ALA A 53 9.31 4.15 0.05
C ALA A 53 9.47 2.65 -0.12
N GLY A 54 9.22 2.17 -1.30
CA GLY A 54 9.38 0.79 -1.59
C GLY A 54 8.09 0.03 -1.47
N ALA A 55 7.12 0.38 -2.29
CA ALA A 55 5.84 -0.30 -2.34
C ALA A 55 6.04 -1.71 -2.79
N LEU A 56 6.91 -1.87 -3.76
CA LEU A 56 7.34 -3.16 -4.26
C LEU A 56 7.98 -3.99 -3.14
N GLU A 57 8.68 -3.32 -2.25
CA GLU A 57 9.32 -3.96 -1.12
C GLU A 57 8.27 -4.36 -0.09
N LYS A 58 7.40 -3.42 0.27
CA LYS A 58 6.32 -3.66 1.22
C LYS A 58 5.45 -4.82 0.73
N LEU A 59 5.30 -4.86 -0.57
CA LEU A 59 4.51 -5.83 -1.29
C LEU A 59 5.00 -7.27 -1.00
N GLU A 60 6.30 -7.43 -0.77
CA GLU A 60 6.89 -8.71 -0.53
C GLU A 60 6.41 -9.35 0.78
N GLN A 61 5.98 -8.52 1.73
CA GLN A 61 5.46 -9.00 2.99
C GLN A 61 3.99 -9.30 2.83
N LEU A 62 3.35 -8.40 2.12
CA LEU A 62 1.95 -8.49 1.70
C LEU A 62 1.75 -9.79 0.91
N GLN A 63 2.75 -10.20 0.16
CA GLN A 63 2.72 -11.48 -0.58
C GLN A 63 2.57 -12.72 0.32
N SER A 64 2.62 -12.55 1.64
CA SER A 64 2.44 -13.65 2.57
C SER A 64 0.94 -13.71 2.98
N HIS A 65 0.15 -12.97 2.23
CA HIS A 65 -1.31 -12.83 2.37
C HIS A 65 -2.08 -14.16 2.41
N GLU A 66 -3.18 -14.15 3.13
CA GLU A 66 -4.13 -15.26 3.12
C GLU A 66 -5.33 -14.84 2.29
N ASN A 67 -5.55 -13.54 2.22
CA ASN A 67 -6.73 -12.97 1.54
C ASN A 67 -6.51 -12.75 0.10
N GLU A 68 -7.56 -12.97 -0.60
CA GLU A 68 -7.64 -12.97 -2.00
C GLU A 68 -7.74 -11.53 -2.57
N LYS A 69 -8.43 -10.63 -1.85
CA LYS A 69 -8.64 -9.26 -2.31
C LYS A 69 -7.32 -8.54 -2.24
N ILE A 70 -6.50 -8.99 -1.31
CA ILE A 70 -5.19 -8.49 -1.08
C ILE A 70 -4.28 -8.61 -2.33
N GLN A 71 -4.56 -9.61 -3.17
CA GLN A 71 -3.85 -9.78 -4.45
C GLN A 71 -4.08 -8.60 -5.37
N LYS A 72 -5.27 -8.06 -5.34
CA LYS A 72 -5.65 -6.98 -6.21
C LYS A 72 -4.95 -5.71 -5.80
N GLU A 73 -4.62 -5.61 -4.52
CA GLU A 73 -3.96 -4.44 -3.98
C GLU A 73 -2.47 -4.55 -4.20
N ALA A 74 -1.93 -5.77 -4.05
CA ALA A 74 -0.52 -6.05 -4.27
C ALA A 74 -0.15 -5.68 -5.69
N GLN A 75 -0.87 -6.25 -6.62
CA GLN A 75 -0.63 -6.03 -8.03
C GLN A 75 -0.98 -4.60 -8.45
N GLU A 76 -1.80 -3.91 -7.66
CA GLU A 76 -2.23 -2.56 -7.98
C GLU A 76 -1.05 -1.63 -7.93
N ALA A 77 -0.44 -1.52 -6.76
CA ALA A 77 0.65 -0.59 -6.58
C ALA A 77 1.90 -1.05 -7.33
N LEU A 78 1.97 -2.36 -7.55
CA LEU A 78 3.06 -3.00 -8.28
C LEU A 78 3.14 -2.36 -9.64
N GLU A 79 2.06 -2.53 -10.33
CA GLU A 79 1.82 -2.10 -11.59
C GLU A 79 2.08 -0.63 -11.75
N LYS A 80 1.44 0.09 -10.94
CA LYS A 80 1.42 1.48 -10.95
C LYS A 80 2.75 2.16 -10.62
N LEU A 81 3.61 1.56 -9.80
CA LEU A 81 4.85 2.16 -9.54
C LEU A 81 5.80 1.89 -10.67
N GLN A 82 5.68 0.71 -11.26
CA GLN A 82 6.56 0.32 -12.30
C GLN A 82 6.37 1.22 -13.50
N SER A 83 7.41 1.91 -13.87
CA SER A 83 7.32 2.84 -14.93
C SER A 83 7.22 2.11 -16.27
N HIS A 84 6.25 2.51 -17.03
CA HIS A 84 5.94 1.98 -18.32
C HIS A 84 4.87 2.87 -18.88
N GLY A 1 -0.03 15.36 19.88
CA GLY A 1 0.41 14.61 21.06
C GLY A 1 1.86 14.23 20.93
N ASN A 2 2.24 13.12 21.50
CA ASN A 2 3.61 12.65 21.41
C ASN A 2 3.79 11.81 20.16
N GLU A 3 4.19 12.46 19.10
CA GLU A 3 4.36 11.80 17.86
C GLU A 3 5.83 11.58 17.57
N GLN A 4 6.16 10.36 17.35
CA GLN A 4 7.47 9.92 16.99
C GLN A 4 7.24 8.61 16.25
N ILE A 5 6.78 7.64 17.00
CA ILE A 5 6.21 6.40 16.50
C ILE A 5 5.02 6.16 17.42
N GLN A 6 3.92 6.77 17.09
CA GLN A 6 2.77 6.75 17.98
C GLN A 6 1.88 5.55 17.73
N ALA A 7 1.18 5.54 16.61
CA ALA A 7 0.28 4.46 16.30
C ALA A 7 -0.07 4.49 14.84
N VAL A 8 -0.66 3.39 14.37
CA VAL A 8 -1.17 3.23 13.00
C VAL A 8 -0.04 3.13 11.96
N ILE A 9 0.69 4.20 11.77
CA ILE A 9 1.75 4.28 10.77
C ILE A 9 2.98 4.98 11.35
N ASP A 10 4.16 4.46 11.00
CA ASP A 10 5.44 5.05 11.39
C ASP A 10 5.63 6.39 10.69
N ALA A 11 6.14 7.36 11.43
CA ALA A 11 6.29 8.75 10.97
C ALA A 11 7.05 8.88 9.67
N GLY A 12 6.53 9.72 8.81
CA GLY A 12 7.09 9.97 7.51
C GLY A 12 5.97 10.37 6.57
N ALA A 13 6.27 11.08 5.52
CA ALA A 13 5.24 11.50 4.59
C ALA A 13 5.00 10.44 3.51
N LEU A 14 5.96 10.28 2.64
CA LEU A 14 5.86 9.30 1.54
C LEU A 14 5.79 7.85 2.04
N PRO A 15 6.63 7.41 3.03
CA PRO A 15 6.49 6.07 3.58
C PRO A 15 5.09 5.78 4.10
N ALA A 16 4.41 6.80 4.62
CA ALA A 16 3.09 6.62 5.23
C ALA A 16 2.05 6.08 4.25
N LEU A 17 2.18 6.43 2.99
CA LEU A 17 1.24 5.95 2.00
C LEU A 17 1.56 4.49 1.65
N VAL A 18 2.82 4.11 1.78
CA VAL A 18 3.27 2.75 1.49
C VAL A 18 3.12 1.80 2.69
N GLN A 19 3.31 2.33 3.88
CA GLN A 19 3.46 1.55 5.12
C GLN A 19 2.41 0.47 5.32
N LEU A 20 1.17 0.81 5.06
CA LEU A 20 0.05 -0.09 5.23
C LEU A 20 0.13 -1.30 4.30
N LEU A 21 0.81 -1.16 3.16
CA LEU A 21 0.93 -2.25 2.17
C LEU A 21 1.74 -3.37 2.76
N SER A 22 2.50 -3.03 3.76
CA SER A 22 3.39 -3.95 4.32
C SER A 22 2.81 -4.55 5.63
N SER A 23 1.50 -4.42 5.85
CA SER A 23 0.89 -4.88 7.06
C SER A 23 0.87 -6.43 7.10
N PRO A 24 0.94 -7.03 8.31
CA PRO A 24 0.77 -8.49 8.48
C PRO A 24 -0.72 -8.82 8.34
N ASN A 25 -1.50 -7.84 8.74
CA ASN A 25 -2.86 -7.86 8.93
C ASN A 25 -3.57 -7.56 7.67
N GLU A 26 -3.80 -8.61 6.93
CA GLU A 26 -4.45 -8.62 5.65
C GLU A 26 -5.81 -7.92 5.72
N GLN A 27 -6.49 -8.13 6.81
CA GLN A 27 -7.79 -7.53 7.03
C GLN A 27 -7.69 -6.02 7.14
N ILE A 28 -6.79 -5.52 7.98
CA ILE A 28 -6.72 -4.09 8.19
C ILE A 28 -6.07 -3.40 7.01
N LEU A 29 -5.19 -4.15 6.30
CA LEU A 29 -4.56 -3.69 5.05
C LEU A 29 -5.65 -3.11 4.14
N GLN A 30 -6.62 -3.98 3.82
CA GLN A 30 -7.76 -3.68 2.96
C GLN A 30 -8.51 -2.44 3.43
N GLU A 31 -8.73 -2.36 4.71
CA GLU A 31 -9.51 -1.28 5.29
C GLU A 31 -8.77 0.05 5.34
N ALA A 32 -7.47 0.00 5.54
CA ALA A 32 -6.66 1.21 5.53
C ALA A 32 -6.48 1.68 4.10
N LEU A 33 -6.33 0.71 3.20
CA LEU A 33 -6.16 0.97 1.79
C LEU A 33 -7.29 1.81 1.25
N TRP A 34 -8.46 1.61 1.81
CA TRP A 34 -9.67 2.34 1.42
C TRP A 34 -9.42 3.84 1.36
N ALA A 35 -8.83 4.38 2.40
CA ALA A 35 -8.55 5.79 2.46
C ALA A 35 -7.21 6.10 1.79
N LEU A 36 -6.21 5.28 2.09
CA LEU A 36 -4.84 5.49 1.60
C LEU A 36 -4.69 5.34 0.08
N SER A 37 -5.62 4.67 -0.53
CA SER A 37 -5.66 4.49 -1.96
C SER A 37 -5.88 5.83 -2.68
N ASN A 38 -6.41 6.83 -1.93
CA ASN A 38 -6.67 8.17 -2.47
C ASN A 38 -5.37 8.78 -2.94
N ILE A 39 -4.29 8.38 -2.30
CA ILE A 39 -2.97 8.83 -2.67
C ILE A 39 -2.55 8.12 -3.95
N ALA A 40 -2.69 6.80 -3.96
CA ALA A 40 -2.29 5.94 -5.06
C ALA A 40 -2.99 6.29 -6.38
N SER A 41 -4.22 6.84 -6.31
CA SER A 41 -4.92 7.24 -7.52
C SER A 41 -4.26 8.44 -8.22
N GLY A 42 -3.27 9.04 -7.56
CA GLY A 42 -2.47 10.06 -8.17
C GLY A 42 -1.39 9.39 -8.97
N GLY A 43 -1.76 8.93 -10.15
CA GLY A 43 -0.90 8.13 -10.99
C GLY A 43 0.19 8.88 -11.72
N ASN A 44 0.76 9.88 -11.09
CA ASN A 44 1.84 10.64 -11.68
C ASN A 44 2.81 11.07 -10.59
N GLU A 45 2.36 11.98 -9.75
CA GLU A 45 3.18 12.57 -8.70
C GLU A 45 3.24 11.61 -7.51
N GLN A 46 2.08 11.23 -7.00
CA GLN A 46 2.02 10.31 -5.84
C GLN A 46 2.54 8.92 -6.20
N LYS A 47 2.54 8.61 -7.46
CA LYS A 47 2.94 7.31 -7.95
C LYS A 47 4.47 7.14 -7.99
N GLN A 48 5.22 8.24 -8.01
CA GLN A 48 6.70 8.15 -8.06
C GLN A 48 7.25 7.91 -6.65
N ALA A 49 6.43 8.29 -5.68
CA ALA A 49 6.74 8.26 -4.26
C ALA A 49 7.07 6.88 -3.79
N VAL A 50 6.24 5.99 -4.23
CA VAL A 50 6.19 4.62 -3.79
C VAL A 50 7.53 3.88 -3.94
N LYS A 51 8.29 4.24 -4.98
CA LYS A 51 9.53 3.56 -5.26
C LYS A 51 10.60 3.96 -4.24
N GLU A 52 10.53 5.19 -3.79
CA GLU A 52 11.44 5.74 -2.86
C GLU A 52 10.98 5.38 -1.43
N ALA A 53 9.67 5.28 -1.27
CA ALA A 53 9.05 4.93 -0.01
C ALA A 53 9.40 3.48 0.38
N GLY A 54 9.69 2.68 -0.61
CA GLY A 54 10.09 1.32 -0.36
C GLY A 54 9.01 0.32 -0.67
N ALA A 55 8.19 0.62 -1.69
CA ALA A 55 7.05 -0.21 -2.06
C ALA A 55 7.43 -1.63 -2.42
N LEU A 56 8.62 -1.80 -2.99
CA LEU A 56 9.10 -3.12 -3.34
C LEU A 56 9.19 -4.02 -2.11
N GLU A 57 9.74 -3.46 -1.05
CA GLU A 57 9.90 -4.14 0.22
C GLU A 57 8.55 -4.43 0.85
N LYS A 58 7.65 -3.48 0.75
CA LYS A 58 6.33 -3.57 1.32
C LYS A 58 5.57 -4.69 0.63
N LEU A 59 5.73 -4.74 -0.67
CA LEU A 59 5.11 -5.72 -1.52
C LEU A 59 5.56 -7.14 -1.10
N GLU A 60 6.88 -7.31 -0.84
CA GLU A 60 7.45 -8.55 -0.45
C GLU A 60 6.77 -9.15 0.78
N GLN A 61 6.44 -8.31 1.73
CA GLN A 61 5.87 -8.74 2.98
C GLN A 61 4.47 -9.26 2.77
N LEU A 62 3.70 -8.49 2.05
CA LEU A 62 2.31 -8.82 1.79
C LEU A 62 2.17 -10.01 0.84
N GLN A 63 3.23 -10.30 0.14
CA GLN A 63 3.30 -11.49 -0.74
C GLN A 63 3.05 -12.79 0.05
N SER A 64 3.32 -12.79 1.34
CA SER A 64 3.13 -13.96 2.19
C SER A 64 1.68 -14.06 2.71
N HIS A 65 0.80 -13.34 2.05
CA HIS A 65 -0.64 -13.30 2.34
C HIS A 65 -1.28 -14.69 2.23
N GLU A 66 -2.41 -14.82 2.86
CA GLU A 66 -3.19 -16.04 2.82
C GLU A 66 -4.47 -15.79 2.03
N ASN A 67 -4.98 -14.58 2.13
CA ASN A 67 -6.18 -14.19 1.40
C ASN A 67 -5.90 -13.87 0.02
N GLU A 68 -6.63 -14.54 -0.76
CA GLU A 68 -6.74 -14.44 -2.13
C GLU A 68 -7.06 -12.99 -2.55
N LYS A 69 -7.96 -12.35 -1.80
CA LYS A 69 -8.36 -10.95 -2.00
C LYS A 69 -7.14 -10.03 -1.93
N ILE A 70 -6.23 -10.38 -1.05
CA ILE A 70 -5.04 -9.61 -0.79
C ILE A 70 -4.10 -9.59 -2.01
N GLN A 71 -4.18 -10.61 -2.85
CA GLN A 71 -3.35 -10.66 -4.04
C GLN A 71 -3.69 -9.44 -4.92
N LYS A 72 -4.98 -9.17 -5.04
CA LYS A 72 -5.47 -8.06 -5.80
C LYS A 72 -5.11 -6.74 -5.07
N GLU A 73 -5.18 -6.76 -3.74
CA GLU A 73 -4.82 -5.59 -2.93
C GLU A 73 -3.31 -5.26 -3.10
N ALA A 74 -2.49 -6.30 -3.23
CA ALA A 74 -1.04 -6.14 -3.42
C ALA A 74 -0.73 -5.55 -4.79
N GLN A 75 -1.62 -5.81 -5.75
CA GLN A 75 -1.48 -5.30 -7.11
C GLN A 75 -1.54 -3.77 -7.13
N GLU A 76 -2.22 -3.18 -6.13
CA GLU A 76 -2.41 -1.73 -6.01
C GLU A 76 -1.11 -0.98 -6.20
N ALA A 77 -0.13 -1.32 -5.41
CA ALA A 77 1.15 -0.65 -5.49
C ALA A 77 2.04 -1.26 -6.55
N LEU A 78 1.96 -2.60 -6.69
CA LEU A 78 2.81 -3.37 -7.59
C LEU A 78 2.81 -2.81 -8.99
N GLU A 79 1.64 -2.86 -9.54
CA GLU A 79 1.32 -2.54 -10.83
C GLU A 79 1.67 -1.12 -11.16
N LYS A 80 1.18 -0.30 -10.33
CA LYS A 80 1.28 1.07 -10.36
C LYS A 80 2.74 1.59 -10.42
N LEU A 81 3.66 0.97 -9.70
CA LEU A 81 5.00 1.40 -9.76
C LEU A 81 5.70 0.81 -10.96
N GLN A 82 5.30 -0.39 -11.34
CA GLN A 82 5.93 -1.08 -12.42
C GLN A 82 5.54 -0.46 -13.76
N SER A 83 6.31 -0.73 -14.77
CA SER A 83 6.05 -0.26 -16.08
C SER A 83 4.89 -1.08 -16.67
N HIS A 84 3.90 -0.40 -17.20
CA HIS A 84 2.78 -1.07 -17.77
C HIS A 84 2.46 -0.39 -19.07
N GLY A 1 -18.75 0.83 18.30
CA GLY A 1 -19.31 0.09 17.18
C GLY A 1 -18.39 0.12 16.02
N ASN A 2 -18.62 1.04 15.11
CA ASN A 2 -17.75 1.22 13.98
C ASN A 2 -17.15 2.62 14.03
N GLU A 3 -16.06 2.72 14.73
CA GLU A 3 -15.40 3.97 14.90
C GLU A 3 -14.46 4.21 13.74
N GLN A 4 -14.93 4.98 12.78
CA GLN A 4 -14.16 5.32 11.63
C GLN A 4 -13.00 6.21 12.03
N ILE A 5 -11.84 5.70 11.89
CA ILE A 5 -10.66 6.39 12.30
C ILE A 5 -10.16 7.29 11.18
N GLN A 6 -10.02 8.54 11.47
CA GLN A 6 -9.50 9.50 10.52
C GLN A 6 -8.02 9.64 10.72
N ALA A 7 -7.55 9.20 11.86
CA ALA A 7 -6.16 9.27 12.23
C ALA A 7 -5.39 8.09 11.66
N VAL A 8 -6.02 7.28 10.83
CA VAL A 8 -5.34 6.17 10.19
C VAL A 8 -4.34 6.74 9.20
N ILE A 9 -3.07 6.45 9.45
CA ILE A 9 -1.97 7.03 8.71
C ILE A 9 -1.92 8.52 9.02
N ASP A 10 -1.37 8.82 10.17
CA ASP A 10 -1.36 10.18 10.71
C ASP A 10 -0.06 10.87 10.42
N ALA A 11 0.85 10.15 9.82
CA ALA A 11 2.14 10.68 9.48
C ALA A 11 2.06 11.50 8.20
N GLY A 12 2.78 12.60 8.17
CA GLY A 12 2.80 13.45 7.00
C GLY A 12 4.06 13.22 6.20
N ALA A 13 4.28 11.98 5.85
CA ALA A 13 5.46 11.57 5.14
C ALA A 13 5.07 10.54 4.12
N LEU A 14 5.85 10.42 3.07
CA LEU A 14 5.57 9.49 1.99
C LEU A 14 5.59 7.99 2.39
N PRO A 15 6.57 7.48 3.21
CA PRO A 15 6.56 6.08 3.67
C PRO A 15 5.26 5.66 4.34
N ALA A 16 4.54 6.62 4.90
CA ALA A 16 3.30 6.33 5.62
C ALA A 16 2.24 5.73 4.71
N LEU A 17 2.22 6.15 3.45
CA LEU A 17 1.25 5.62 2.51
C LEU A 17 1.57 4.17 2.16
N VAL A 18 2.84 3.83 2.24
CA VAL A 18 3.28 2.50 1.93
C VAL A 18 3.18 1.56 3.13
N GLN A 19 3.32 2.13 4.31
CA GLN A 19 3.44 1.34 5.55
C GLN A 19 2.40 0.24 5.74
N LEU A 20 1.19 0.56 5.36
CA LEU A 20 0.07 -0.37 5.48
C LEU A 20 0.20 -1.58 4.57
N LEU A 21 1.12 -1.53 3.63
CA LEU A 21 1.34 -2.59 2.70
C LEU A 21 2.18 -3.72 3.28
N SER A 22 2.84 -3.50 4.40
CA SER A 22 3.61 -4.57 5.01
C SER A 22 3.05 -4.88 6.40
N SER A 23 1.84 -4.41 6.65
CA SER A 23 1.16 -4.55 7.92
C SER A 23 1.03 -6.05 8.33
N PRO A 24 1.05 -6.34 9.65
CA PRO A 24 0.81 -7.72 10.16
C PRO A 24 -0.67 -8.04 9.99
N ASN A 25 -1.41 -6.98 10.11
CA ASN A 25 -2.76 -6.89 10.17
C ASN A 25 -3.34 -6.81 8.79
N GLU A 26 -3.53 -7.98 8.23
CA GLU A 26 -4.05 -8.19 6.89
C GLU A 26 -5.39 -7.52 6.70
N GLN A 27 -6.12 -7.42 7.78
CA GLN A 27 -7.43 -6.80 7.77
C GLN A 27 -7.32 -5.30 7.72
N ILE A 28 -6.51 -4.69 8.60
CA ILE A 28 -6.45 -3.23 8.60
C ILE A 28 -5.77 -2.74 7.35
N LEU A 29 -4.86 -3.59 6.81
CA LEU A 29 -4.22 -3.35 5.52
C LEU A 29 -5.29 -3.00 4.49
N GLN A 30 -6.22 -3.93 4.29
CA GLN A 30 -7.30 -3.81 3.33
C GLN A 30 -8.16 -2.59 3.59
N GLU A 31 -8.57 -2.43 4.83
CA GLU A 31 -9.47 -1.36 5.20
C GLU A 31 -8.82 0.02 5.10
N ALA A 32 -7.54 0.12 5.40
CA ALA A 32 -6.84 1.38 5.28
C ALA A 32 -6.57 1.67 3.81
N LEU A 33 -6.32 0.60 3.05
CA LEU A 33 -6.07 0.71 1.61
C LEU A 33 -7.22 1.36 0.91
N TRP A 34 -8.40 1.19 1.42
CA TRP A 34 -9.60 1.81 0.87
C TRP A 34 -9.38 3.33 0.69
N ALA A 35 -8.81 3.94 1.71
CA ALA A 35 -8.52 5.36 1.68
C ALA A 35 -7.14 5.62 1.04
N LEU A 36 -6.19 4.75 1.31
CA LEU A 36 -4.79 4.94 0.86
C LEU A 36 -4.52 4.54 -0.59
N SER A 37 -5.35 3.71 -1.16
CA SER A 37 -5.17 3.25 -2.54
C SER A 37 -5.38 4.43 -3.51
N ASN A 38 -6.08 5.45 -3.02
CA ASN A 38 -6.30 6.72 -3.73
C ASN A 38 -4.96 7.31 -4.16
N ILE A 39 -3.96 7.07 -3.33
CA ILE A 39 -2.58 7.51 -3.55
C ILE A 39 -2.06 6.92 -4.89
N ALA A 40 -2.14 5.62 -5.02
CA ALA A 40 -1.58 4.91 -6.16
C ALA A 40 -2.44 5.07 -7.41
N SER A 41 -3.70 5.39 -7.23
CA SER A 41 -4.60 5.57 -8.34
C SER A 41 -4.36 6.91 -9.06
N GLY A 42 -3.69 7.83 -8.38
CA GLY A 42 -3.37 9.11 -8.97
C GLY A 42 -2.02 9.07 -9.63
N GLY A 43 -1.83 9.87 -10.65
CA GLY A 43 -0.57 9.88 -11.34
C GLY A 43 0.28 11.08 -11.00
N ASN A 44 1.59 10.86 -10.96
CA ASN A 44 2.62 11.84 -10.54
C ASN A 44 2.45 12.17 -9.05
N GLU A 45 3.51 12.72 -8.43
CA GLU A 45 3.51 13.13 -7.02
C GLU A 45 3.38 11.92 -6.06
N GLN A 46 2.20 11.35 -5.98
CA GLN A 46 1.97 10.22 -5.11
C GLN A 46 2.48 8.95 -5.78
N LYS A 47 2.40 8.92 -7.11
CA LYS A 47 2.77 7.75 -7.90
C LYS A 47 4.30 7.47 -7.82
N GLN A 48 5.09 8.49 -7.54
CA GLN A 48 6.55 8.36 -7.50
C GLN A 48 7.01 7.93 -6.11
N ALA A 49 6.24 8.38 -5.13
CA ALA A 49 6.49 8.21 -3.72
C ALA A 49 6.68 6.78 -3.37
N VAL A 50 5.83 5.97 -3.91
CA VAL A 50 5.71 4.57 -3.61
C VAL A 50 7.05 3.82 -3.82
N LYS A 51 7.82 4.24 -4.80
CA LYS A 51 9.07 3.58 -5.09
C LYS A 51 10.08 3.91 -4.01
N GLU A 52 10.17 5.20 -3.69
CA GLU A 52 11.05 5.71 -2.69
C GLU A 52 10.62 5.22 -1.30
N ALA A 53 9.33 5.17 -1.08
CA ALA A 53 8.73 4.72 0.18
C ALA A 53 9.01 3.25 0.43
N GLY A 54 9.36 2.53 -0.61
CA GLY A 54 9.71 1.15 -0.46
C GLY A 54 8.54 0.24 -0.64
N ALA A 55 7.70 0.54 -1.63
CA ALA A 55 6.55 -0.30 -1.95
C ALA A 55 7.00 -1.65 -2.44
N LEU A 56 8.20 -1.70 -2.99
CA LEU A 56 8.79 -2.95 -3.44
C LEU A 56 9.06 -3.85 -2.25
N GLU A 57 9.77 -3.30 -1.27
CA GLU A 57 10.09 -3.99 -0.03
C GLU A 57 8.81 -4.42 0.69
N LYS A 58 7.85 -3.50 0.74
CA LYS A 58 6.56 -3.75 1.35
C LYS A 58 5.82 -4.89 0.65
N LEU A 59 5.80 -4.82 -0.68
CA LEU A 59 5.13 -5.79 -1.51
C LEU A 59 5.67 -7.18 -1.25
N GLU A 60 6.99 -7.31 -1.20
CA GLU A 60 7.66 -8.54 -1.01
C GLU A 60 7.24 -9.28 0.28
N GLN A 61 6.78 -8.53 1.27
CA GLN A 61 6.35 -9.13 2.51
C GLN A 61 4.93 -9.62 2.34
N LEU A 62 4.11 -8.75 1.80
CA LEU A 62 2.70 -8.98 1.58
C LEU A 62 2.45 -10.03 0.53
N GLN A 63 3.43 -10.27 -0.28
CA GLN A 63 3.36 -11.33 -1.32
C GLN A 63 3.14 -12.73 -0.75
N SER A 64 3.35 -12.88 0.54
CA SER A 64 3.09 -14.13 1.23
C SER A 64 1.61 -14.24 1.63
N HIS A 65 0.80 -13.37 1.04
CA HIS A 65 -0.63 -13.31 1.31
C HIS A 65 -1.36 -14.55 0.81
N GLU A 66 -2.21 -15.07 1.63
CA GLU A 66 -3.07 -16.16 1.25
C GLU A 66 -4.45 -15.59 0.97
N ASN A 67 -4.72 -14.44 1.57
CA ASN A 67 -6.00 -13.77 1.47
C ASN A 67 -6.27 -13.29 0.10
N GLU A 68 -7.46 -13.59 -0.29
CA GLU A 68 -7.96 -13.43 -1.58
C GLU A 68 -8.26 -11.95 -1.91
N LYS A 69 -8.52 -11.17 -0.90
CA LYS A 69 -8.85 -9.79 -1.12
C LYS A 69 -7.57 -9.02 -1.31
N ILE A 70 -6.55 -9.42 -0.56
CA ILE A 70 -5.24 -8.81 -0.61
C ILE A 70 -4.55 -9.10 -1.95
N GLN A 71 -4.96 -10.19 -2.59
CA GLN A 71 -4.47 -10.59 -3.90
C GLN A 71 -4.70 -9.44 -4.90
N LYS A 72 -5.83 -8.80 -4.80
CA LYS A 72 -6.17 -7.70 -5.65
C LYS A 72 -5.41 -6.45 -5.23
N GLU A 73 -5.28 -6.28 -3.94
CA GLU A 73 -4.66 -5.12 -3.33
C GLU A 73 -3.16 -5.03 -3.58
N ALA A 74 -2.47 -6.15 -3.52
CA ALA A 74 -1.02 -6.18 -3.73
C ALA A 74 -0.68 -5.71 -5.14
N GLN A 75 -1.48 -6.13 -6.09
CA GLN A 75 -1.31 -5.77 -7.48
C GLN A 75 -1.51 -4.28 -7.72
N GLU A 76 -2.20 -3.60 -6.81
CA GLU A 76 -2.48 -2.17 -6.95
C GLU A 76 -1.17 -1.37 -7.03
N ALA A 77 -0.36 -1.45 -5.99
CA ALA A 77 0.89 -0.69 -5.95
C ALA A 77 1.90 -1.25 -6.94
N LEU A 78 1.79 -2.56 -7.21
CA LEU A 78 2.65 -3.29 -8.13
C LEU A 78 2.62 -2.57 -9.46
N GLU A 79 1.44 -2.54 -9.98
CA GLU A 79 1.06 -2.00 -11.16
C GLU A 79 1.46 -0.55 -11.29
N LYS A 80 1.02 0.19 -10.34
CA LYS A 80 1.17 1.58 -10.28
C LYS A 80 2.62 2.07 -10.20
N LEU A 81 3.51 1.36 -9.52
CA LEU A 81 4.85 1.79 -9.48
C LEU A 81 5.60 1.28 -10.67
N GLN A 82 5.31 0.05 -11.09
CA GLN A 82 6.01 -0.55 -12.19
C GLN A 82 5.59 0.11 -13.47
N SER A 83 6.51 0.79 -14.09
CA SER A 83 6.26 1.58 -15.25
C SER A 83 5.76 0.75 -16.44
N HIS A 84 4.69 1.23 -17.03
CA HIS A 84 4.12 0.68 -18.22
C HIS A 84 3.16 1.71 -18.78
#